data_1EKJ
#
_entry.id   1EKJ
#
_cell.length_a   136.909
_cell.length_b   143.318
_cell.length_c   202.135
_cell.angle_alpha   90.00
_cell.angle_beta   90.00
_cell.angle_gamma   90.00
#
_symmetry.space_group_name_H-M   'C 2 2 2'
#
loop_
_entity.id
_entity.type
_entity.pdbx_description
1 polymer 'BETA-CARBONIC ANHYDRASE'
2 non-polymer 'ACETATE ION'
3 non-polymer 'AZIDE ION'
4 non-polymer 'ZINC ION'
5 non-polymer 'CHLORIDE ION'
6 non-polymer 1,2-ETHANEDIOL
7 non-polymer 'COPPER (II) ION'
8 non-polymer 'CITRIC ACID'
9 water water
#
_entity_poly.entity_id   1
_entity_poly.type   'polypeptide(L)'
_entity_poly.pdbx_seq_one_letter_code
;TTSSSDGIPKSEASERIKTGFLHFKKEKYDKNPALYGELAKGQSPPFMVFACSDSRVCPSHVLDFQPGEAFVVRNVANLV
PPYDQAKYAGTGAAIEYAVLHLKVSNIVVIGHSACGGIKGLLSFPFDGTYSTDFIEEWVKIGLPAKAKVKAQHGDAPFAE
LCTHCEKEAVNASLGNLLTYPFVREGLVNKTLALKGGYYDFVKGSFELWGLEFGLSSTFSV
;
_entity_poly.pdbx_strand_id   A,B,C,D,E,F,G,H
#
loop_
_chem_comp.id
_chem_comp.type
_chem_comp.name
_chem_comp.formula
ACT non-polymer 'ACETATE ION' 'C2 H3 O2 -1'
AZI non-polymer 'AZIDE ION' 'N3 -1'
CIT non-polymer 'CITRIC ACID' 'C6 H8 O7'
CL non-polymer 'CHLORIDE ION' 'Cl -1'
CU non-polymer 'COPPER (II) ION' 'Cu 2'
EDO non-polymer 1,2-ETHANEDIOL 'C2 H6 O2'
ZN non-polymer 'ZINC ION' 'Zn 2'
#
# COMPACT_ATOMS: atom_id res chain seq x y z
N GLU A 12 19.02 6.91 50.15
CA GLU A 12 19.96 5.94 50.81
C GLU A 12 21.15 5.58 49.92
N ALA A 13 20.95 4.61 49.03
CA ALA A 13 22.00 4.18 48.13
C ALA A 13 22.43 5.35 47.25
N SER A 14 21.53 6.30 47.06
CA SER A 14 21.81 7.50 46.26
C SER A 14 22.88 8.31 47.00
N GLU A 15 22.89 8.18 48.33
CA GLU A 15 23.85 8.89 49.16
C GLU A 15 25.19 8.21 49.06
N ARG A 16 25.16 6.89 49.20
CA ARG A 16 26.37 6.08 49.09
C ARG A 16 27.06 6.59 47.84
N ILE A 17 26.26 6.82 46.81
CA ILE A 17 26.78 7.29 45.53
C ILE A 17 27.32 8.72 45.56
N LYS A 18 26.72 9.61 46.36
CA LYS A 18 27.22 10.99 46.41
C LYS A 18 28.52 10.99 47.21
N THR A 19 28.44 10.58 48.47
CA THR A 19 29.60 10.53 49.35
C THR A 19 30.80 9.89 48.65
N GLY A 20 30.56 8.74 48.01
CA GLY A 20 31.63 8.03 47.33
C GLY A 20 32.25 8.84 46.21
N PHE A 21 31.43 9.59 45.48
CA PHE A 21 31.93 10.41 44.40
C PHE A 21 32.64 11.65 44.94
N LEU A 22 32.19 12.12 46.09
CA LEU A 22 32.79 13.29 46.73
C LEU A 22 34.19 12.90 47.17
N HIS A 23 34.31 11.69 47.73
CA HIS A 23 35.57 11.15 48.20
C HIS A 23 36.59 11.20 47.06
N PHE A 24 36.23 10.59 45.94
CA PHE A 24 37.08 10.55 44.75
C PHE A 24 37.40 11.95 44.23
N LYS A 25 36.44 12.86 44.37
CA LYS A 25 36.58 14.24 43.90
C LYS A 25 37.81 14.89 44.52
N LYS A 26 37.79 15.00 45.85
CA LYS A 26 38.87 15.61 46.60
C LYS A 26 40.11 14.72 46.72
N GLU A 27 39.92 13.51 47.24
CA GLU A 27 41.02 12.55 47.47
C GLU A 27 41.77 12.08 46.22
N LYS A 28 41.25 12.36 45.03
CA LYS A 28 41.93 11.92 43.82
C LYS A 28 41.86 12.88 42.63
N TYR A 29 40.65 13.16 42.15
CA TYR A 29 40.50 14.05 41.00
C TYR A 29 41.25 15.37 41.20
N ASP A 30 41.16 15.92 42.41
CA ASP A 30 41.83 17.18 42.75
C ASP A 30 43.32 16.99 43.06
N LYS A 31 43.62 16.08 43.98
CA LYS A 31 44.99 15.80 44.40
C LYS A 31 45.91 15.35 43.25
N ASN A 32 45.41 15.47 42.03
CA ASN A 32 46.17 15.09 40.84
C ASN A 32 45.67 15.91 39.65
N PRO A 33 45.65 17.24 39.80
CA PRO A 33 45.19 18.14 38.74
C PRO A 33 45.95 17.96 37.42
N ALA A 34 47.26 17.78 37.51
CA ALA A 34 48.08 17.60 36.32
C ALA A 34 47.83 16.22 35.74
N LEU A 35 47.28 15.33 36.57
CA LEU A 35 46.98 13.97 36.16
C LEU A 35 45.72 13.96 35.31
N TYR A 36 44.58 14.19 35.96
CA TYR A 36 43.28 14.20 35.29
C TYR A 36 43.15 15.36 34.30
N GLY A 37 43.94 16.41 34.51
CA GLY A 37 43.89 17.53 33.59
C GLY A 37 44.33 17.01 32.25
N GLU A 38 45.18 15.98 32.29
CA GLU A 38 45.69 15.35 31.08
C GLU A 38 44.73 14.30 30.56
N LEU A 39 44.27 13.42 31.44
CA LEU A 39 43.32 12.37 31.09
C LEU A 39 42.17 12.97 30.28
N ALA A 40 41.57 14.00 30.87
CA ALA A 40 40.45 14.71 30.26
C ALA A 40 40.69 15.06 28.80
N LYS A 41 41.95 15.08 28.40
CA LYS A 41 42.31 15.45 27.03
C LYS A 41 42.24 14.29 26.04
N GLY A 42 42.25 13.06 26.55
CA GLY A 42 42.19 11.89 25.69
C GLY A 42 42.70 10.65 26.40
N GLN A 43 42.66 9.50 25.75
CA GLN A 43 43.14 8.28 26.40
C GLN A 43 44.02 7.45 25.48
N SER A 44 44.99 6.79 26.09
CA SER A 44 45.90 5.94 25.36
C SER A 44 46.35 4.82 26.28
N PRO A 45 45.40 3.96 26.70
CA PRO A 45 45.75 2.85 27.58
C PRO A 45 46.51 1.77 26.80
N PRO A 46 47.52 1.16 27.44
CA PRO A 46 48.31 0.11 26.79
C PRO A 46 47.67 -1.28 26.97
N PHE A 47 46.80 -1.40 27.95
CA PHE A 47 46.12 -2.65 28.21
C PHE A 47 44.62 -2.62 27.90
N MET A 48 44.10 -3.80 27.61
CA MET A 48 42.68 -4.00 27.42
C MET A 48 42.50 -5.18 28.35
N VAL A 49 41.57 -5.09 29.28
CA VAL A 49 41.38 -6.19 30.20
C VAL A 49 40.01 -6.81 30.15
N PHE A 50 39.98 -8.14 30.22
CA PHE A 50 38.75 -8.89 30.25
C PHE A 50 38.72 -9.54 31.61
N ALA A 51 37.82 -9.08 32.46
CA ALA A 51 37.68 -9.64 33.80
C ALA A 51 36.20 -9.88 34.07
N CYS A 52 35.89 -10.78 35.00
CA CYS A 52 34.52 -11.10 35.36
C CYS A 52 33.80 -9.96 36.13
N SER A 53 32.47 -9.91 36.00
CA SER A 53 31.66 -8.88 36.65
C SER A 53 31.56 -9.00 38.18
N ASP A 54 31.98 -10.15 38.69
CA ASP A 54 32.00 -10.43 40.12
C ASP A 54 32.49 -9.15 40.85
N SER A 55 31.76 -8.71 41.87
CA SER A 55 32.11 -7.48 42.59
C SER A 55 33.40 -7.60 43.41
N ARG A 56 33.84 -8.84 43.61
CA ARG A 56 35.05 -9.15 44.37
C ARG A 56 36.36 -9.11 43.57
N VAL A 57 36.31 -8.80 42.29
CA VAL A 57 37.52 -8.81 41.49
C VAL A 57 37.78 -7.59 40.58
N CYS A 58 37.34 -6.41 41.00
CA CYS A 58 37.57 -5.24 40.17
C CYS A 58 39.04 -5.17 39.82
N PRO A 59 39.37 -5.25 38.53
CA PRO A 59 40.75 -5.22 38.01
C PRO A 59 41.56 -4.02 38.48
N SER A 60 40.91 -2.87 38.60
CA SER A 60 41.60 -1.68 39.06
C SER A 60 42.09 -1.84 40.51
N HIS A 61 41.42 -2.72 41.26
CA HIS A 61 41.77 -2.99 42.67
C HIS A 61 42.83 -4.08 42.78
N VAL A 62 42.60 -5.16 42.05
CA VAL A 62 43.48 -6.31 42.06
C VAL A 62 44.84 -6.07 41.41
N LEU A 63 44.89 -5.26 40.36
CA LEU A 63 46.18 -4.99 39.71
C LEU A 63 46.59 -3.53 39.86
N ASP A 64 45.95 -2.85 40.80
CA ASP A 64 46.24 -1.45 41.10
C ASP A 64 46.37 -0.57 39.87
N PHE A 65 45.44 -0.70 38.93
CA PHE A 65 45.47 0.12 37.73
C PHE A 65 45.06 1.55 38.08
N GLN A 66 45.61 2.51 37.34
CA GLN A 66 45.27 3.91 37.54
C GLN A 66 44.44 4.37 36.35
N PRO A 67 43.49 5.29 36.56
CA PRO A 67 42.67 5.74 35.43
C PRO A 67 43.51 6.17 34.24
N GLY A 68 43.27 5.53 33.09
CA GLY A 68 44.01 5.87 31.90
C GLY A 68 44.93 4.75 31.46
N GLU A 69 45.10 3.76 32.34
CA GLU A 69 45.97 2.61 32.08
C GLU A 69 45.28 1.48 31.30
N ALA A 70 44.08 1.11 31.72
CA ALA A 70 43.38 0.02 31.04
C ALA A 70 41.93 0.27 30.57
N PHE A 71 41.65 -0.24 29.36
CA PHE A 71 40.34 -0.20 28.71
C PHE A 71 39.73 -1.52 29.21
N VAL A 72 38.73 -1.45 30.07
CA VAL A 72 38.16 -2.66 30.65
C VAL A 72 36.78 -3.12 30.20
N VAL A 73 36.73 -4.41 29.85
CA VAL A 73 35.52 -5.10 29.44
C VAL A 73 35.22 -6.08 30.56
N ARG A 74 34.07 -5.92 31.21
CA ARG A 74 33.68 -6.80 32.30
C ARG A 74 32.35 -7.47 32.00
N ASN A 75 32.33 -8.79 32.11
CA ASN A 75 31.13 -9.56 31.81
C ASN A 75 31.15 -10.80 32.67
N VAL A 76 30.11 -11.62 32.56
CA VAL A 76 29.99 -12.86 33.35
C VAL A 76 31.06 -13.85 32.95
N ALA A 77 31.85 -14.27 33.94
CA ALA A 77 32.95 -15.24 33.76
C ALA A 77 34.05 -14.79 32.81
N ASN A 78 34.19 -13.49 32.65
CA ASN A 78 35.23 -12.89 31.79
C ASN A 78 35.45 -13.64 30.48
N LEU A 79 34.34 -14.03 29.84
CA LEU A 79 34.41 -14.78 28.59
C LEU A 79 34.56 -13.92 27.35
N VAL A 80 35.29 -14.45 26.37
CA VAL A 80 35.48 -13.78 25.10
C VAL A 80 34.93 -14.72 24.01
N PRO A 81 33.71 -14.45 23.50
CA PRO A 81 33.18 -15.34 22.46
C PRO A 81 33.92 -15.15 21.13
N PRO A 82 33.80 -16.12 20.23
CA PRO A 82 34.46 -15.99 18.94
C PRO A 82 33.73 -14.92 18.10
N TYR A 83 34.40 -14.48 17.04
CA TYR A 83 33.88 -13.47 16.13
C TYR A 83 32.48 -13.78 15.58
N ASP A 84 31.53 -12.93 15.94
CA ASP A 84 30.17 -13.08 15.45
C ASP A 84 29.45 -11.74 15.52
N GLN A 85 29.22 -11.13 14.37
CA GLN A 85 28.57 -9.83 14.31
C GLN A 85 27.08 -9.86 14.67
N ALA A 86 26.47 -11.03 14.52
CA ALA A 86 25.06 -11.21 14.83
C ALA A 86 24.77 -11.47 16.31
N LYS A 87 25.57 -12.33 16.94
CA LYS A 87 25.40 -12.69 18.35
C LYS A 87 26.31 -12.05 19.39
N TYR A 88 27.46 -11.53 18.95
CA TYR A 88 28.43 -11.00 19.92
C TYR A 88 29.02 -9.65 19.60
N ALA A 89 28.17 -8.70 19.23
CA ALA A 89 28.64 -7.36 18.90
C ALA A 89 29.25 -6.62 20.10
N GLY A 90 28.73 -6.89 21.30
CA GLY A 90 29.24 -6.22 22.47
C GLY A 90 30.73 -6.41 22.55
N THR A 91 31.13 -7.68 22.63
CA THR A 91 32.53 -8.07 22.69
C THR A 91 33.32 -7.53 21.50
N GLY A 92 32.93 -7.96 20.30
CA GLY A 92 33.60 -7.53 19.09
C GLY A 92 33.82 -6.03 18.97
N ALA A 93 32.87 -5.25 19.48
CA ALA A 93 32.96 -3.80 19.42
C ALA A 93 34.09 -3.28 20.31
N ALA A 94 34.18 -3.82 21.54
CA ALA A 94 35.21 -3.43 22.48
C ALA A 94 36.58 -3.82 21.93
N ILE A 95 36.70 -5.05 21.44
CA ILE A 95 37.96 -5.50 20.89
C ILE A 95 38.39 -4.64 19.71
N GLU A 96 37.45 -4.42 18.79
CA GLU A 96 37.76 -3.61 17.62
C GLU A 96 38.10 -2.17 18.01
N TYR A 97 37.51 -1.68 19.09
CA TYR A 97 37.79 -0.32 19.53
C TYR A 97 39.15 -0.23 20.22
N ALA A 98 39.40 -1.10 21.20
CA ALA A 98 40.67 -1.12 21.92
C ALA A 98 41.84 -1.34 20.98
N VAL A 99 41.72 -2.36 20.12
CA VAL A 99 42.78 -2.69 19.20
C VAL A 99 43.03 -1.65 18.12
N LEU A 100 42.02 -1.39 17.30
CA LEU A 100 42.13 -0.47 16.17
C LEU A 100 41.96 1.03 16.43
N HIS A 101 41.49 1.42 17.60
CA HIS A 101 41.31 2.84 17.84
C HIS A 101 42.14 3.38 18.99
N LEU A 102 42.07 2.74 20.15
CA LEU A 102 42.87 3.16 21.30
C LEU A 102 44.30 2.67 21.14
N LYS A 103 44.47 1.72 20.23
CA LYS A 103 45.78 1.13 19.93
C LYS A 103 46.47 0.40 21.09
N VAL A 104 45.72 -0.22 21.98
CA VAL A 104 46.32 -0.94 23.10
C VAL A 104 47.41 -1.91 22.62
N SER A 105 48.30 -2.29 23.53
CA SER A 105 49.41 -3.19 23.24
C SER A 105 49.20 -4.60 23.79
N ASN A 106 48.31 -4.70 24.76
CA ASN A 106 48.03 -5.98 25.38
C ASN A 106 46.54 -6.23 25.61
N ILE A 107 46.18 -7.51 25.62
CA ILE A 107 44.83 -7.91 25.92
C ILE A 107 45.02 -9.02 26.92
N VAL A 108 44.55 -8.80 28.14
CA VAL A 108 44.69 -9.83 29.14
C VAL A 108 43.33 -10.29 29.60
N VAL A 109 43.14 -11.60 29.58
CA VAL A 109 41.89 -12.22 30.00
C VAL A 109 42.16 -12.78 31.38
N ILE A 110 41.50 -12.21 32.37
CA ILE A 110 41.69 -12.66 33.74
C ILE A 110 40.55 -13.48 34.35
N GLY A 111 40.82 -14.76 34.56
CA GLY A 111 39.86 -15.65 35.20
C GLY A 111 40.08 -15.51 36.70
N HIS A 112 39.22 -16.12 37.52
CA HIS A 112 39.37 -15.98 38.97
C HIS A 112 38.72 -17.14 39.72
N SER A 113 39.23 -17.40 40.92
CA SER A 113 38.73 -18.49 41.76
C SER A 113 37.30 -18.25 42.19
N ALA A 114 36.57 -19.34 42.41
CA ALA A 114 35.17 -19.29 42.85
C ALA A 114 34.32 -18.48 41.88
N CYS A 115 34.49 -18.75 40.60
CA CYS A 115 33.71 -18.00 39.63
C CYS A 115 32.31 -18.58 39.51
N GLY A 116 31.30 -17.74 39.76
CA GLY A 116 29.92 -18.20 39.67
C GLY A 116 29.58 -18.60 38.26
N GLY A 117 30.07 -17.81 37.30
CA GLY A 117 29.83 -18.11 35.90
C GLY A 117 30.34 -19.48 35.49
N ILE A 118 31.54 -19.82 35.94
CA ILE A 118 32.15 -21.11 35.60
C ILE A 118 31.48 -22.26 36.30
N LYS A 119 30.99 -21.98 37.51
CA LYS A 119 30.32 -22.97 38.32
C LYS A 119 29.07 -23.43 37.57
N GLY A 120 28.37 -22.46 37.01
CA GLY A 120 27.19 -22.76 36.24
C GLY A 120 27.59 -23.64 35.08
N LEU A 121 28.49 -23.12 34.24
CA LEU A 121 28.96 -23.88 33.10
C LEU A 121 29.16 -25.35 33.48
N LEU A 122 29.69 -25.59 34.68
CA LEU A 122 29.96 -26.96 35.12
C LEU A 122 28.71 -27.76 35.48
N SER A 123 27.80 -27.15 36.23
CA SER A 123 26.57 -27.83 36.62
C SER A 123 25.59 -28.03 35.46
N PHE A 124 25.31 -26.98 34.71
CA PHE A 124 24.36 -27.08 33.60
C PHE A 124 24.71 -28.24 32.70
N PRO A 125 23.69 -28.97 32.23
CA PRO A 125 23.91 -30.11 31.36
C PRO A 125 24.11 -29.84 29.88
N PHE A 126 23.59 -28.71 29.40
CA PHE A 126 23.68 -28.37 27.99
C PHE A 126 23.31 -29.58 27.14
N ASP A 127 22.16 -30.15 27.46
CA ASP A 127 21.64 -31.33 26.78
C ASP A 127 20.38 -30.99 25.99
N GLY A 128 20.12 -29.69 25.81
CA GLY A 128 18.94 -29.28 25.08
C GLY A 128 17.88 -28.58 25.92
N THR A 129 17.97 -28.75 27.23
CA THR A 129 17.02 -28.14 28.14
C THR A 129 17.70 -26.95 28.80
N TYR A 130 16.97 -25.84 28.91
CA TYR A 130 17.51 -24.65 29.53
C TYR A 130 16.63 -24.20 30.67
N SER A 131 17.25 -23.77 31.77
CA SER A 131 16.50 -23.32 32.94
C SER A 131 16.78 -21.86 33.26
N THR A 132 17.38 -21.14 32.30
CA THR A 132 17.67 -19.72 32.50
C THR A 132 17.34 -18.99 31.20
N ASP A 133 17.18 -17.68 31.27
CA ASP A 133 16.87 -16.91 30.07
C ASP A 133 18.12 -16.65 29.26
N PHE A 134 19.17 -16.19 29.92
CA PHE A 134 20.43 -15.87 29.24
C PHE A 134 21.67 -16.62 29.72
N ILE A 135 21.76 -16.84 31.02
CA ILE A 135 22.91 -17.48 31.64
C ILE A 135 23.55 -18.69 30.96
N GLU A 136 22.76 -19.68 30.59
CA GLU A 136 23.33 -20.84 29.90
C GLU A 136 23.77 -20.51 28.47
N GLU A 137 22.98 -19.69 27.79
CA GLU A 137 23.30 -19.32 26.41
C GLU A 137 24.69 -18.70 26.41
N TRP A 138 24.92 -17.85 27.40
CA TRP A 138 26.20 -17.15 27.49
C TRP A 138 27.37 -18.04 27.84
N VAL A 139 27.35 -18.68 29.00
CA VAL A 139 28.46 -19.50 29.41
C VAL A 139 28.67 -20.77 28.56
N LYS A 140 27.87 -20.96 27.52
CA LYS A 140 28.07 -22.15 26.69
C LYS A 140 29.38 -21.94 25.92
N ILE A 141 29.77 -20.67 25.79
CA ILE A 141 31.01 -20.28 25.13
C ILE A 141 32.16 -21.12 25.70
N GLY A 142 32.11 -21.38 27.01
CA GLY A 142 33.15 -22.15 27.66
C GLY A 142 33.06 -23.66 27.57
N LEU A 143 32.12 -24.20 26.80
CA LEU A 143 32.00 -25.66 26.70
C LEU A 143 33.28 -26.41 26.29
N PRO A 144 34.06 -25.87 25.35
CA PRO A 144 35.29 -26.60 24.96
C PRO A 144 36.22 -26.85 26.16
N ALA A 145 36.22 -25.89 27.08
CA ALA A 145 37.02 -25.95 28.29
C ALA A 145 36.43 -27.00 29.23
N LYS A 146 35.11 -27.02 29.34
CA LYS A 146 34.46 -28.00 30.19
C LYS A 146 34.74 -29.40 29.63
N ALA A 147 34.62 -29.54 28.32
CA ALA A 147 34.88 -30.83 27.69
C ALA A 147 36.29 -31.33 28.00
N LYS A 148 37.28 -30.45 27.81
CA LYS A 148 38.66 -30.83 28.06
C LYS A 148 38.95 -31.26 29.50
N VAL A 149 38.58 -30.41 30.45
CA VAL A 149 38.83 -30.68 31.85
C VAL A 149 38.15 -31.95 32.34
N LYS A 150 36.94 -32.20 31.86
CA LYS A 150 36.22 -33.40 32.28
C LYS A 150 36.84 -34.64 31.69
N ALA A 151 37.63 -34.47 30.64
CA ALA A 151 38.27 -35.62 30.01
C ALA A 151 39.68 -35.86 30.57
N GLN A 152 40.29 -34.82 31.14
CA GLN A 152 41.63 -34.95 31.68
C GLN A 152 41.68 -34.97 33.20
N HIS A 153 40.58 -34.56 33.83
CA HIS A 153 40.51 -34.51 35.29
C HIS A 153 39.13 -34.89 35.79
N GLY A 154 38.54 -35.89 35.14
CA GLY A 154 37.21 -36.34 35.49
C GLY A 154 37.02 -36.84 36.91
N ASP A 155 38.02 -37.56 37.41
CA ASP A 155 37.97 -38.11 38.75
C ASP A 155 38.79 -37.29 39.73
N ALA A 156 38.80 -35.97 39.49
CA ALA A 156 39.53 -35.05 40.36
C ALA A 156 38.49 -34.36 41.21
N PRO A 157 38.82 -34.02 42.46
CA PRO A 157 37.84 -33.35 43.33
C PRO A 157 37.26 -32.06 42.72
N PHE A 158 35.95 -31.91 42.86
CA PHE A 158 35.22 -30.76 42.33
C PHE A 158 35.98 -29.44 42.41
N ALA A 159 36.56 -29.15 43.58
CA ALA A 159 37.33 -27.91 43.78
C ALA A 159 38.44 -27.78 42.74
N GLU A 160 39.11 -28.90 42.46
CA GLU A 160 40.18 -28.96 41.46
C GLU A 160 39.61 -28.68 40.07
N LEU A 161 38.52 -29.39 39.76
CA LEU A 161 37.83 -29.28 38.48
C LEU A 161 37.54 -27.82 38.18
N CYS A 162 36.95 -27.13 39.14
CA CYS A 162 36.63 -25.72 38.95
C CYS A 162 37.84 -24.89 38.56
N THR A 163 38.95 -25.09 39.27
CA THR A 163 40.16 -24.33 38.98
C THR A 163 40.64 -24.65 37.58
N HIS A 164 40.68 -25.93 37.21
CA HIS A 164 41.11 -26.28 35.88
C HIS A 164 40.21 -25.62 34.82
N CYS A 165 38.90 -25.65 35.07
CA CYS A 165 37.95 -25.10 34.13
C CYS A 165 38.06 -23.59 34.03
N GLU A 166 38.28 -22.94 35.16
CA GLU A 166 38.41 -21.49 35.17
C GLU A 166 39.62 -21.07 34.36
N LYS A 167 40.74 -21.74 34.58
CA LYS A 167 41.96 -21.42 33.85
C LYS A 167 41.84 -21.82 32.38
N GLU A 168 41.29 -23.00 32.13
CA GLU A 168 41.15 -23.46 30.76
C GLU A 168 40.11 -22.62 30.00
N ALA A 169 39.19 -22.00 30.74
CA ALA A 169 38.15 -21.16 30.14
C ALA A 169 38.87 -19.92 29.63
N VAL A 170 39.87 -19.47 30.38
CA VAL A 170 40.63 -18.32 29.97
C VAL A 170 41.33 -18.69 28.66
N ASN A 171 41.89 -19.90 28.61
CA ASN A 171 42.58 -20.34 27.40
C ASN A 171 41.65 -20.39 26.21
N ALA A 172 40.41 -20.84 26.42
CA ALA A 172 39.42 -20.90 25.35
C ALA A 172 39.19 -19.50 24.83
N SER A 173 39.04 -18.55 25.75
CA SER A 173 38.82 -17.16 25.39
C SER A 173 40.01 -16.59 24.63
N LEU A 174 41.21 -17.03 24.97
CA LEU A 174 42.39 -16.55 24.26
C LEU A 174 42.32 -17.09 22.84
N GLY A 175 41.86 -18.33 22.69
CA GLY A 175 41.73 -18.92 21.37
C GLY A 175 40.66 -18.18 20.58
N ASN A 176 39.59 -17.77 21.25
CA ASN A 176 38.52 -17.03 20.58
C ASN A 176 39.01 -15.67 20.14
N LEU A 177 39.93 -15.09 20.91
CA LEU A 177 40.47 -13.80 20.54
C LEU A 177 41.18 -13.94 19.20
N LEU A 178 41.66 -15.15 18.91
CA LEU A 178 42.37 -15.37 17.67
C LEU A 178 41.44 -15.56 16.45
N THR A 179 40.13 -15.40 16.65
CA THR A 179 39.19 -15.51 15.54
C THR A 179 38.89 -14.12 15.00
N TYR A 180 39.49 -13.11 15.63
CA TYR A 180 39.32 -11.73 15.21
C TYR A 180 40.53 -11.32 14.34
N PRO A 181 40.32 -11.14 13.04
CA PRO A 181 41.40 -10.77 12.12
C PRO A 181 42.35 -9.68 12.61
N PHE A 182 41.80 -8.59 13.15
CA PHE A 182 42.65 -7.49 13.62
C PHE A 182 43.44 -7.81 14.89
N VAL A 183 43.08 -8.88 15.58
CA VAL A 183 43.80 -9.27 16.77
C VAL A 183 44.97 -10.08 16.24
N ARG A 184 44.69 -10.97 15.29
CA ARG A 184 45.74 -11.77 14.71
C ARG A 184 46.78 -10.86 14.02
N GLU A 185 46.29 -9.88 13.27
CA GLU A 185 47.17 -8.96 12.57
C GLU A 185 48.07 -8.20 13.53
N GLY A 186 47.53 -7.71 14.64
CA GLY A 186 48.32 -7.00 15.62
C GLY A 186 49.37 -7.88 16.28
N LEU A 187 49.05 -9.16 16.44
CA LEU A 187 49.97 -10.12 17.04
C LEU A 187 51.12 -10.33 16.06
N VAL A 188 50.78 -10.53 14.81
CA VAL A 188 51.78 -10.73 13.79
C VAL A 188 52.70 -9.51 13.62
N ASN A 189 52.19 -8.32 13.94
CA ASN A 189 53.03 -7.12 13.81
C ASN A 189 53.75 -6.82 15.10
N LYS A 190 53.49 -7.64 16.10
CA LYS A 190 54.11 -7.49 17.40
C LYS A 190 53.83 -6.12 17.98
N THR A 191 52.58 -5.70 17.81
CA THR A 191 52.09 -4.44 18.31
C THR A 191 51.06 -4.82 19.37
N LEU A 192 50.85 -6.12 19.51
CA LEU A 192 49.86 -6.63 20.45
C LEU A 192 50.29 -7.98 21.03
N ALA A 193 50.03 -8.15 22.32
CA ALA A 193 50.37 -9.37 23.05
C ALA A 193 49.13 -9.88 23.78
N LEU A 194 48.96 -11.19 23.80
CA LEU A 194 47.83 -11.82 24.47
C LEU A 194 48.30 -12.47 25.75
N LYS A 195 47.55 -12.28 26.83
CA LYS A 195 47.91 -12.89 28.10
C LYS A 195 46.69 -13.39 28.85
N GLY A 196 46.89 -14.47 29.61
CA GLY A 196 45.84 -15.03 30.41
C GLY A 196 46.25 -14.89 31.86
N GLY A 197 45.31 -14.55 32.74
CA GLY A 197 45.64 -14.41 34.14
C GLY A 197 44.67 -15.20 34.99
N TYR A 198 45.03 -15.41 36.24
CA TYR A 198 44.18 -16.15 37.16
C TYR A 198 44.33 -15.61 38.58
N TYR A 199 43.29 -14.95 39.08
CA TYR A 199 43.32 -14.39 40.41
C TYR A 199 42.64 -15.29 41.42
N ASP A 200 43.37 -15.73 42.43
CA ASP A 200 42.82 -16.60 43.46
C ASP A 200 42.63 -15.80 44.74
N PHE A 201 41.51 -15.07 44.84
CA PHE A 201 41.24 -14.26 46.02
C PHE A 201 41.11 -15.05 47.30
N VAL A 202 41.16 -16.37 47.19
CA VAL A 202 41.08 -17.24 48.36
C VAL A 202 42.47 -17.34 49.03
N LYS A 203 43.47 -17.81 48.26
CA LYS A 203 44.84 -17.92 48.77
C LYS A 203 45.62 -16.64 48.48
N GLY A 204 44.96 -15.68 47.84
CA GLY A 204 45.62 -14.43 47.53
C GLY A 204 46.83 -14.57 46.63
N SER A 205 46.68 -15.27 45.52
CA SER A 205 47.77 -15.48 44.58
C SER A 205 47.35 -15.06 43.17
N PHE A 206 48.32 -14.94 42.27
CA PHE A 206 48.03 -14.55 40.90
C PHE A 206 48.99 -15.21 39.90
N GLU A 207 48.44 -15.70 38.80
CA GLU A 207 49.22 -16.32 37.74
C GLU A 207 49.06 -15.54 36.46
N LEU A 208 50.07 -15.59 35.61
CA LEU A 208 50.01 -14.90 34.34
C LEU A 208 50.74 -15.78 33.34
N TRP A 209 50.23 -15.82 32.12
CA TRP A 209 50.87 -16.59 31.10
C TRP A 209 50.72 -15.88 29.77
N GLY A 210 51.65 -16.14 28.85
CA GLY A 210 51.60 -15.48 27.56
C GLY A 210 51.26 -16.42 26.42
N LEU A 211 50.71 -15.84 25.35
CA LEU A 211 50.34 -16.60 24.16
C LEU A 211 51.13 -16.11 22.97
N GLU A 212 51.71 -17.05 22.23
CA GLU A 212 52.48 -16.69 21.05
C GLU A 212 51.75 -17.11 19.82
N PHE A 213 51.60 -16.17 18.92
CA PHE A 213 50.94 -16.43 17.68
C PHE A 213 51.76 -15.79 16.57
N GLY A 214 52.00 -16.53 15.51
CA GLY A 214 52.75 -15.98 14.40
C GLY A 214 52.41 -16.66 13.09
N LEU A 215 52.75 -16.02 11.99
CA LEU A 215 52.50 -16.57 10.66
C LEU A 215 53.77 -16.39 9.81
N SER A 216 54.16 -17.42 9.08
CA SER A 216 55.35 -17.32 8.25
C SER A 216 55.15 -18.02 6.91
N SER A 217 55.47 -17.31 5.84
CA SER A 217 55.33 -17.84 4.50
C SER A 217 56.29 -19.02 4.31
N THR A 218 55.85 -20.04 3.58
CA THR A 218 56.71 -21.20 3.37
C THR A 218 57.21 -21.29 1.94
N PHE A 219 56.33 -21.15 0.96
CA PHE A 219 56.79 -21.19 -0.42
C PHE A 219 55.68 -20.88 -1.40
N SER A 220 56.08 -20.46 -2.60
CA SER A 220 55.14 -20.13 -3.65
C SER A 220 55.74 -20.58 -4.95
N VAL A 221 55.20 -21.65 -5.49
CA VAL A 221 55.67 -22.16 -6.77
C VAL A 221 54.68 -21.65 -7.82
N PRO B 9 65.91 -9.59 31.14
CA PRO B 9 65.01 -8.84 30.20
C PRO B 9 63.56 -9.28 30.36
N LYS B 10 62.81 -8.53 31.18
CA LYS B 10 61.41 -8.83 31.46
C LYS B 10 60.45 -8.00 30.60
N SER B 11 59.18 -8.40 30.59
CA SER B 11 58.15 -7.69 29.87
C SER B 11 57.68 -6.54 30.77
N GLU B 12 57.74 -5.32 30.25
CA GLU B 12 57.31 -4.14 31.00
C GLU B 12 55.89 -4.43 31.51
N ALA B 13 55.03 -4.82 30.57
CA ALA B 13 53.62 -5.12 30.83
C ALA B 13 53.45 -6.21 31.88
N SER B 14 54.14 -7.33 31.69
CA SER B 14 54.07 -8.43 32.63
C SER B 14 54.47 -7.92 34.02
N GLU B 15 55.59 -7.21 34.07
CA GLU B 15 56.13 -6.67 35.31
C GLU B 15 55.13 -5.71 35.94
N ARG B 16 54.57 -4.83 35.12
CA ARG B 16 53.59 -3.85 35.56
C ARG B 16 52.46 -4.60 36.24
N ILE B 17 52.11 -5.76 35.69
CA ILE B 17 51.05 -6.58 36.27
C ILE B 17 51.51 -7.11 37.60
N LYS B 18 52.68 -7.76 37.62
CA LYS B 18 53.21 -8.34 38.84
C LYS B 18 53.30 -7.32 39.99
N THR B 19 53.88 -6.16 39.72
CA THR B 19 54.03 -5.14 40.76
C THR B 19 52.67 -4.59 41.23
N GLY B 20 51.69 -4.57 40.33
CA GLY B 20 50.38 -4.09 40.71
C GLY B 20 49.72 -5.03 41.69
N PHE B 21 49.73 -6.32 41.36
CA PHE B 21 49.11 -7.31 42.23
C PHE B 21 49.82 -7.42 43.56
N LEU B 22 51.14 -7.30 43.54
CA LEU B 22 51.93 -7.37 44.75
C LEU B 22 51.48 -6.23 45.66
N HIS B 23 51.38 -5.05 45.08
CA HIS B 23 50.94 -3.91 45.85
C HIS B 23 49.58 -4.21 46.48
N PHE B 24 48.65 -4.68 45.67
CA PHE B 24 47.32 -5.02 46.14
C PHE B 24 47.41 -6.03 47.28
N LYS B 25 48.12 -7.12 47.02
CA LYS B 25 48.28 -8.21 47.98
C LYS B 25 48.76 -7.82 49.38
N LYS B 26 49.80 -7.00 49.45
CA LYS B 26 50.34 -6.59 50.75
C LYS B 26 49.62 -5.42 51.42
N GLU B 27 49.30 -4.39 50.62
CA GLU B 27 48.63 -3.21 51.14
C GLU B 27 47.12 -3.40 51.37
N LYS B 28 46.45 -4.15 50.51
CA LYS B 28 45.01 -4.36 50.66
C LYS B 28 44.62 -5.74 51.19
N TYR B 29 44.75 -6.76 50.35
CA TYR B 29 44.39 -8.13 50.70
C TYR B 29 44.84 -8.59 52.08
N ASP B 30 46.09 -8.32 52.43
CA ASP B 30 46.62 -8.73 53.72
C ASP B 30 46.15 -7.86 54.87
N LYS B 31 46.12 -6.55 54.65
CA LYS B 31 45.69 -5.61 55.69
C LYS B 31 44.17 -5.56 55.85
N ASN B 32 43.50 -6.69 55.61
CA ASN B 32 42.05 -6.80 55.72
C ASN B 32 41.59 -8.24 55.72
N PRO B 33 42.23 -9.09 56.54
CA PRO B 33 41.87 -10.50 56.60
C PRO B 33 40.38 -10.74 56.90
N ALA B 34 39.77 -9.80 57.62
CA ALA B 34 38.37 -9.92 57.95
C ALA B 34 37.57 -9.93 56.67
N LEU B 35 37.72 -8.88 55.89
CA LEU B 35 37.03 -8.73 54.62
C LEU B 35 37.16 -9.93 53.69
N TYR B 36 38.37 -10.15 53.17
CA TYR B 36 38.58 -11.25 52.25
C TYR B 36 38.30 -12.63 52.83
N GLY B 37 38.15 -12.71 54.15
CA GLY B 37 37.84 -13.99 54.77
C GLY B 37 36.41 -14.34 54.43
N GLU B 38 35.57 -13.30 54.36
CA GLU B 38 34.16 -13.46 54.03
C GLU B 38 34.00 -13.47 52.51
N LEU B 39 34.54 -12.43 51.85
CA LEU B 39 34.45 -12.34 50.40
C LEU B 39 34.83 -13.66 49.73
N ALA B 40 35.62 -14.48 50.41
CA ALA B 40 36.05 -15.77 49.86
C ALA B 40 34.94 -16.80 49.96
N LYS B 41 33.90 -16.45 50.71
CA LYS B 41 32.76 -17.34 50.93
C LYS B 41 31.62 -17.07 49.94
N GLY B 42 31.53 -15.83 49.47
CA GLY B 42 30.49 -15.47 48.51
C GLY B 42 30.42 -13.97 48.36
N GLN B 43 29.56 -13.46 47.48
CA GLN B 43 29.43 -12.01 47.32
C GLN B 43 27.95 -11.65 47.44
N SER B 44 27.68 -10.38 47.70
CA SER B 44 26.31 -9.93 47.83
C SER B 44 26.29 -8.42 47.67
N PRO B 45 26.64 -7.94 46.47
CA PRO B 45 26.66 -6.50 46.23
C PRO B 45 25.24 -5.96 46.11
N PRO B 46 25.04 -4.73 46.58
CA PRO B 46 23.72 -4.09 46.50
C PRO B 46 23.57 -3.37 45.16
N PHE B 47 24.70 -3.14 44.49
CA PHE B 47 24.66 -2.45 43.20
C PHE B 47 25.07 -3.36 42.05
N MET B 48 24.66 -2.96 40.84
CA MET B 48 25.02 -3.61 39.59
C MET B 48 25.29 -2.35 38.79
N VAL B 49 26.44 -2.27 38.15
CA VAL B 49 26.78 -1.05 37.44
C VAL B 49 27.15 -1.21 35.97
N PHE B 50 26.66 -0.28 35.16
CA PHE B 50 27.00 -0.28 33.75
C PHE B 50 27.82 0.98 33.54
N ALA B 51 29.09 0.79 33.20
CA ALA B 51 29.95 1.91 32.96
C ALA B 51 30.70 1.66 31.67
N CYS B 52 31.31 2.71 31.16
CA CYS B 52 32.05 2.64 29.92
C CYS B 52 33.37 1.86 30.10
N SER B 53 33.87 1.25 29.03
CA SER B 53 35.13 0.51 29.11
C SER B 53 36.25 1.53 29.29
N ASP B 54 36.05 2.70 28.70
CA ASP B 54 36.96 3.84 28.76
C ASP B 54 37.89 3.76 29.99
N SER B 55 39.19 3.78 29.74
CA SER B 55 40.20 3.70 30.80
C SER B 55 40.08 4.73 31.92
N ARG B 56 39.57 5.91 31.56
CA ARG B 56 39.42 7.04 32.49
C ARG B 56 38.22 6.99 33.44
N VAL B 57 37.35 5.99 33.29
CA VAL B 57 36.17 5.94 34.16
C VAL B 57 35.95 4.65 34.93
N CYS B 58 36.99 4.15 35.60
CA CYS B 58 36.79 2.94 36.38
C CYS B 58 35.74 3.24 37.43
N PRO B 59 34.64 2.47 37.45
CA PRO B 59 33.57 2.69 38.42
C PRO B 59 34.05 2.58 39.86
N SER B 60 34.80 1.53 40.16
CA SER B 60 35.32 1.34 41.52
C SER B 60 36.03 2.60 42.01
N HIS B 61 36.56 3.39 41.08
CA HIS B 61 37.26 4.64 41.42
C HIS B 61 36.28 5.80 41.63
N VAL B 62 35.74 6.30 40.52
CA VAL B 62 34.83 7.43 40.51
C VAL B 62 33.80 7.42 41.64
N LEU B 63 33.26 6.25 41.96
CA LEU B 63 32.28 6.19 43.02
C LEU B 63 32.84 5.52 44.26
N ASP B 64 34.15 5.29 44.26
CA ASP B 64 34.85 4.68 45.39
C ASP B 64 34.16 3.42 45.90
N PHE B 65 33.91 2.47 45.01
CA PHE B 65 33.28 1.22 45.40
C PHE B 65 34.31 0.26 45.98
N GLN B 66 33.99 -0.32 47.13
CA GLN B 66 34.88 -1.28 47.77
C GLN B 66 34.52 -2.67 47.27
N PRO B 67 35.45 -3.64 47.38
CA PRO B 67 35.15 -5.00 46.91
C PRO B 67 33.91 -5.58 47.56
N GLY B 68 33.13 -6.31 46.77
CA GLY B 68 31.91 -6.92 47.26
C GLY B 68 30.73 -5.96 47.20
N GLU B 69 31.01 -4.73 46.78
CA GLU B 69 29.98 -3.70 46.69
C GLU B 69 29.19 -3.65 45.39
N ALA B 70 29.88 -3.67 44.25
CA ALA B 70 29.20 -3.58 42.97
C ALA B 70 29.57 -4.61 41.89
N PHE B 71 28.54 -5.28 41.37
CA PHE B 71 28.67 -6.24 40.28
C PHE B 71 28.79 -5.31 39.08
N VAL B 72 29.87 -5.39 38.31
CA VAL B 72 30.02 -4.46 37.21
C VAL B 72 30.04 -5.02 35.82
N VAL B 73 29.54 -4.23 34.89
CA VAL B 73 29.55 -4.57 33.49
C VAL B 73 30.16 -3.35 32.81
N ARG B 74 31.12 -3.58 31.93
CA ARG B 74 31.73 -2.47 31.22
C ARG B 74 31.75 -2.81 29.76
N ASN B 75 31.24 -1.90 28.94
CA ASN B 75 31.23 -2.12 27.50
C ASN B 75 31.33 -0.80 26.75
N VAL B 76 31.40 -0.87 25.44
CA VAL B 76 31.52 0.36 24.68
C VAL B 76 30.32 1.29 24.90
N ALA B 77 30.60 2.46 25.49
CA ALA B 77 29.58 3.46 25.72
C ALA B 77 28.52 3.07 26.75
N ASN B 78 28.90 2.18 27.67
CA ASN B 78 28.00 1.71 28.73
C ASN B 78 26.54 1.52 28.28
N LEU B 79 26.36 0.93 27.10
CA LEU B 79 25.03 0.66 26.53
C LEU B 79 24.34 -0.60 27.07
N VAL B 80 23.04 -0.50 27.37
CA VAL B 80 22.27 -1.67 27.83
C VAL B 80 21.27 -2.03 26.73
N PRO B 81 21.57 -3.06 25.95
CA PRO B 81 20.65 -3.45 24.88
C PRO B 81 19.38 -4.05 25.43
N PRO B 82 18.31 -4.08 24.61
CA PRO B 82 17.03 -4.64 25.06
C PRO B 82 17.12 -6.16 25.06
N TYR B 83 16.22 -6.78 25.80
CA TYR B 83 16.10 -8.22 25.93
C TYR B 83 16.13 -8.93 24.58
N ASP B 84 17.09 -9.84 24.38
CA ASP B 84 17.24 -10.60 23.14
C ASP B 84 18.21 -11.75 23.36
N GLN B 85 17.68 -12.96 23.46
CA GLN B 85 18.53 -14.12 23.71
C GLN B 85 19.46 -14.52 22.59
N ALA B 86 19.20 -14.06 21.37
CA ALA B 86 20.04 -14.42 20.25
C ALA B 86 21.16 -13.42 19.95
N LYS B 87 20.88 -12.13 20.19
CA LYS B 87 21.84 -11.06 19.90
C LYS B 87 22.51 -10.46 21.11
N TYR B 88 21.87 -10.55 22.27
CA TYR B 88 22.38 -9.94 23.50
C TYR B 88 22.42 -10.84 24.72
N ALA B 89 22.86 -12.08 24.54
CA ALA B 89 22.95 -13.00 25.69
C ALA B 89 23.97 -12.46 26.71
N GLY B 90 25.00 -11.77 26.24
CA GLY B 90 25.98 -11.22 27.15
C GLY B 90 25.35 -10.33 28.20
N THR B 91 24.66 -9.27 27.76
CA THR B 91 24.00 -8.32 28.64
C THR B 91 22.93 -8.98 29.48
N GLY B 92 22.11 -9.80 28.82
CA GLY B 92 21.04 -10.48 29.50
C GLY B 92 21.50 -11.37 30.62
N ALA B 93 22.63 -12.02 30.44
CA ALA B 93 23.16 -12.91 31.47
C ALA B 93 23.63 -12.13 32.69
N ALA B 94 24.32 -11.03 32.44
CA ALA B 94 24.81 -10.20 33.55
C ALA B 94 23.62 -9.67 34.35
N ILE B 95 22.61 -9.16 33.64
CA ILE B 95 21.43 -8.62 34.31
C ILE B 95 20.67 -9.72 35.05
N GLU B 96 20.52 -10.87 34.41
CA GLU B 96 19.82 -11.99 35.02
C GLU B 96 20.56 -12.52 36.23
N TYR B 97 21.89 -12.53 36.17
CA TYR B 97 22.68 -13.03 37.30
C TYR B 97 22.65 -12.03 38.45
N ALA B 98 22.90 -10.77 38.13
CA ALA B 98 22.89 -9.72 39.15
C ALA B 98 21.54 -9.58 39.88
N VAL B 99 20.47 -9.44 39.10
CA VAL B 99 19.12 -9.26 39.64
C VAL B 99 18.51 -10.47 40.36
N LEU B 100 18.59 -11.65 39.74
CA LEU B 100 18.02 -12.88 40.28
C LEU B 100 18.92 -13.79 41.11
N HIS B 101 20.23 -13.65 40.99
CA HIS B 101 21.15 -14.51 41.74
C HIS B 101 21.91 -13.79 42.83
N LEU B 102 22.35 -12.57 42.54
CA LEU B 102 23.06 -11.80 43.55
C LEU B 102 22.06 -10.86 44.25
N LYS B 103 20.85 -10.78 43.72
CA LYS B 103 19.79 -9.96 44.30
C LYS B 103 20.14 -8.49 44.46
N VAL B 104 20.84 -7.89 43.50
CA VAL B 104 21.16 -6.48 43.64
C VAL B 104 19.89 -5.70 43.92
N SER B 105 20.02 -4.53 44.54
CA SER B 105 18.85 -3.73 44.85
C SER B 105 18.90 -2.47 44.00
N ASN B 106 19.97 -2.34 43.22
CA ASN B 106 20.15 -1.18 42.36
C ASN B 106 20.87 -1.47 41.05
N ILE B 107 20.46 -0.79 39.98
CA ILE B 107 21.13 -0.91 38.70
C ILE B 107 21.41 0.52 38.29
N VAL B 108 22.67 0.82 38.00
CA VAL B 108 23.03 2.17 37.61
C VAL B 108 23.80 2.18 36.32
N VAL B 109 23.28 2.92 35.35
CA VAL B 109 23.91 3.04 34.06
C VAL B 109 24.60 4.39 34.09
N ILE B 110 25.92 4.35 34.07
CA ILE B 110 26.72 5.56 34.13
C ILE B 110 27.33 5.96 32.79
N GLY B 111 26.97 7.14 32.33
CA GLY B 111 27.51 7.66 31.10
C GLY B 111 28.65 8.57 31.52
N HIS B 112 29.37 9.11 30.55
CA HIS B 112 30.48 9.97 30.91
C HIS B 112 30.82 10.96 29.83
N SER B 113 31.54 12.00 30.25
CA SER B 113 31.98 13.07 29.35
C SER B 113 32.94 12.50 28.30
N ALA B 114 32.89 13.08 27.10
CA ALA B 114 33.74 12.63 26.00
C ALA B 114 33.76 11.12 25.96
N CYS B 115 32.76 10.56 25.28
CA CYS B 115 32.65 9.14 25.12
C CYS B 115 32.85 8.89 23.65
N GLY B 116 33.91 8.15 23.33
CA GLY B 116 34.22 7.87 21.94
C GLY B 116 33.12 7.05 21.33
N GLY B 117 32.49 6.21 22.15
CA GLY B 117 31.39 5.37 21.69
C GLY B 117 30.23 6.24 21.25
N ILE B 118 29.83 7.15 22.14
CA ILE B 118 28.74 8.06 21.83
C ILE B 118 29.11 8.93 20.64
N LYS B 119 30.35 9.43 20.65
CA LYS B 119 30.84 10.27 19.58
C LYS B 119 30.71 9.57 18.22
N GLY B 120 30.95 8.26 18.21
CA GLY B 120 30.85 7.51 16.97
C GLY B 120 29.39 7.32 16.59
N LEU B 121 28.55 7.21 17.61
CA LEU B 121 27.11 7.06 17.42
C LEU B 121 26.60 8.25 16.62
N LEU B 122 27.06 9.44 17.00
CA LEU B 122 26.68 10.69 16.36
C LEU B 122 27.33 10.84 14.98
N SER B 123 28.61 10.49 14.89
CA SER B 123 29.33 10.61 13.64
C SER B 123 28.94 9.60 12.55
N PHE B 124 28.57 8.39 12.95
CA PHE B 124 28.18 7.36 11.98
C PHE B 124 26.80 7.64 11.37
N PRO B 125 26.70 7.52 10.04
CA PRO B 125 25.45 7.76 9.30
C PRO B 125 24.32 6.76 9.53
N PHE B 126 24.66 5.49 9.70
CA PHE B 126 23.64 4.44 9.89
C PHE B 126 22.65 4.53 8.76
N ASP B 127 23.17 4.66 7.55
CA ASP B 127 22.37 4.74 6.35
C ASP B 127 22.51 3.48 5.50
N GLY B 128 22.79 2.36 6.17
CA GLY B 128 22.95 1.10 5.46
C GLY B 128 24.38 0.76 5.08
N THR B 129 25.29 1.69 5.37
CA THR B 129 26.71 1.50 5.06
C THR B 129 27.52 1.50 6.36
N TYR B 130 28.35 0.47 6.51
CA TYR B 130 29.17 0.33 7.70
C TYR B 130 30.65 0.36 7.39
N SER B 131 31.40 1.06 8.24
CA SER B 131 32.85 1.18 8.05
C SER B 131 33.57 0.45 9.20
N THR B 132 32.80 -0.10 10.12
CA THR B 132 33.35 -0.83 11.26
C THR B 132 32.84 -2.27 11.24
N ASP B 133 33.54 -3.12 11.99
CA ASP B 133 33.20 -4.54 12.11
C ASP B 133 32.08 -4.76 13.11
N PHE B 134 32.20 -4.11 14.27
CA PHE B 134 31.23 -4.28 15.34
C PHE B 134 30.76 -2.99 15.97
N ILE B 135 31.62 -1.98 15.96
CA ILE B 135 31.31 -0.70 16.59
C ILE B 135 29.95 -0.11 16.23
N GLU B 136 29.68 0.04 14.93
CA GLU B 136 28.40 0.59 14.50
C GLU B 136 27.29 -0.36 14.90
N GLU B 137 27.50 -1.66 14.66
CA GLU B 137 26.51 -2.66 15.02
C GLU B 137 26.07 -2.42 16.46
N TRP B 138 27.05 -2.26 17.34
CA TRP B 138 26.79 -2.09 18.76
C TRP B 138 26.30 -0.72 19.24
N VAL B 139 26.81 0.35 18.67
CA VAL B 139 26.36 1.65 19.13
C VAL B 139 24.95 2.00 18.64
N LYS B 140 24.45 1.27 17.64
CA LYS B 140 23.10 1.53 17.12
C LYS B 140 22.05 1.49 18.23
N ILE B 141 22.32 0.71 19.27
CA ILE B 141 21.43 0.61 20.41
C ILE B 141 21.00 2.01 20.86
N GLY B 142 21.89 2.98 20.72
CA GLY B 142 21.56 4.31 21.15
C GLY B 142 20.92 5.24 20.12
N LEU B 143 20.59 4.71 18.94
CA LEU B 143 19.97 5.53 17.90
C LEU B 143 18.81 6.37 18.44
N PRO B 144 17.86 5.73 19.16
CA PRO B 144 16.75 6.54 19.67
C PRO B 144 17.29 7.81 20.35
N ALA B 145 18.19 7.63 21.31
CA ALA B 145 18.78 8.74 22.03
C ALA B 145 19.37 9.79 21.10
N LYS B 146 20.00 9.34 20.02
CA LYS B 146 20.62 10.22 19.03
C LYS B 146 19.56 11.03 18.28
N ALA B 147 18.46 10.36 17.91
CA ALA B 147 17.37 11.02 17.19
C ALA B 147 16.87 12.18 18.05
N LYS B 148 16.45 11.87 19.27
CA LYS B 148 15.95 12.86 20.20
C LYS B 148 16.88 14.07 20.30
N VAL B 149 18.08 13.84 20.81
CA VAL B 149 19.06 14.91 20.97
C VAL B 149 19.26 15.73 19.70
N LYS B 150 19.46 15.04 18.57
CA LYS B 150 19.71 15.69 17.28
C LYS B 150 18.52 16.53 16.81
N ALA B 151 17.30 16.02 17.01
CA ALA B 151 16.09 16.74 16.61
C ALA B 151 15.88 17.94 17.54
N GLN B 152 16.11 17.74 18.82
CA GLN B 152 15.94 18.79 19.81
C GLN B 152 17.01 19.86 19.68
N HIS B 153 18.27 19.47 19.86
CA HIS B 153 19.38 20.40 19.74
C HIS B 153 20.12 20.16 18.42
N GLY B 154 19.45 20.42 17.31
CA GLY B 154 20.06 20.21 16.02
C GLY B 154 21.22 21.15 15.70
N ASP B 155 21.17 22.35 16.26
CA ASP B 155 22.20 23.36 16.05
C ASP B 155 23.12 23.56 17.24
N ALA B 156 23.18 22.57 18.14
CA ALA B 156 24.04 22.65 19.30
C ALA B 156 25.44 22.19 18.89
N PRO B 157 26.49 22.89 19.37
CA PRO B 157 27.85 22.48 19.01
C PRO B 157 28.10 21.01 19.36
N PHE B 158 28.80 20.29 18.47
CA PHE B 158 29.08 18.87 18.68
C PHE B 158 29.54 18.58 20.11
N ALA B 159 30.46 19.39 20.62
CA ALA B 159 30.97 19.24 21.98
C ALA B 159 29.78 19.15 22.93
N GLU B 160 28.92 20.16 22.90
CA GLU B 160 27.73 20.20 23.74
C GLU B 160 26.84 19.03 23.35
N LEU B 161 26.54 18.96 22.06
CA LEU B 161 25.71 17.91 21.50
C LEU B 161 26.01 16.54 22.14
N CYS B 162 27.26 16.10 22.01
CA CYS B 162 27.69 14.82 22.57
C CYS B 162 27.27 14.67 24.02
N THR B 163 27.43 15.73 24.79
CA THR B 163 27.06 15.71 26.20
C THR B 163 25.59 15.34 26.37
N HIS B 164 24.75 15.95 25.55
CA HIS B 164 23.31 15.69 25.58
C HIS B 164 23.09 14.22 25.25
N CYS B 165 23.70 13.78 24.16
CA CYS B 165 23.55 12.42 23.72
C CYS B 165 24.10 11.37 24.69
N GLU B 166 25.10 11.74 25.46
CA GLU B 166 25.68 10.80 26.42
C GLU B 166 24.67 10.57 27.53
N LYS B 167 23.96 11.63 27.89
CA LYS B 167 22.96 11.57 28.95
C LYS B 167 21.67 10.89 28.50
N GLU B 168 21.20 11.25 27.30
CA GLU B 168 19.98 10.68 26.77
C GLU B 168 20.14 9.17 26.64
N ALA B 169 21.25 8.75 26.03
CA ALA B 169 21.54 7.34 25.84
C ALA B 169 21.38 6.53 27.14
N VAL B 170 21.72 7.14 28.28
CA VAL B 170 21.57 6.43 29.55
C VAL B 170 20.09 6.12 29.78
N ASN B 171 19.24 7.08 29.42
CA ASN B 171 17.78 6.94 29.59
C ASN B 171 17.30 5.87 28.64
N ALA B 172 17.85 5.88 27.43
CA ALA B 172 17.49 4.89 26.44
C ALA B 172 17.80 3.51 27.04
N SER B 173 19.00 3.37 27.59
CA SER B 173 19.43 2.11 28.20
C SER B 173 18.50 1.77 29.32
N LEU B 174 18.15 2.80 30.10
CA LEU B 174 17.23 2.62 31.20
C LEU B 174 15.91 2.10 30.64
N GLY B 175 15.50 2.70 29.52
CA GLY B 175 14.28 2.28 28.86
C GLY B 175 14.38 0.80 28.49
N ASN B 176 15.54 0.39 27.99
CA ASN B 176 15.77 -1.02 27.60
C ASN B 176 15.78 -2.00 28.74
N LEU B 177 16.10 -1.51 29.93
CA LEU B 177 16.11 -2.36 31.10
C LEU B 177 14.70 -2.86 31.38
N LEU B 178 13.71 -2.05 31.01
CA LEU B 178 12.32 -2.40 31.25
C LEU B 178 11.79 -3.50 30.33
N THR B 179 12.62 -3.91 29.36
CA THR B 179 12.24 -4.98 28.43
C THR B 179 12.56 -6.32 29.04
N TYR B 180 13.20 -6.30 30.21
CA TYR B 180 13.56 -7.52 30.91
C TYR B 180 12.50 -7.72 32.00
N PRO B 181 11.75 -8.83 31.92
CA PRO B 181 10.71 -9.15 32.90
C PRO B 181 11.17 -9.08 34.35
N PHE B 182 12.29 -9.76 34.65
CA PHE B 182 12.80 -9.76 36.02
C PHE B 182 13.23 -8.40 36.52
N VAL B 183 13.48 -7.46 35.61
CA VAL B 183 13.83 -6.11 36.03
C VAL B 183 12.47 -5.47 36.43
N ARG B 184 11.48 -5.59 35.55
CA ARG B 184 10.13 -5.04 35.81
C ARG B 184 9.57 -5.58 37.13
N GLU B 185 9.67 -6.89 37.32
CA GLU B 185 9.18 -7.51 38.54
C GLU B 185 9.91 -6.95 39.76
N GLY B 186 11.20 -6.66 39.59
CA GLY B 186 11.97 -6.10 40.69
C GLY B 186 11.39 -4.77 41.09
N LEU B 187 11.10 -3.92 40.11
CA LEU B 187 10.52 -2.61 40.36
C LEU B 187 9.11 -2.71 41.00
N VAL B 188 8.36 -3.73 40.59
CA VAL B 188 7.03 -3.93 41.14
C VAL B 188 7.08 -4.32 42.61
N ASN B 189 8.02 -5.19 42.97
CA ASN B 189 8.16 -5.64 44.37
C ASN B 189 9.04 -4.67 45.16
N LYS B 190 9.54 -3.66 44.46
CA LYS B 190 10.38 -2.65 45.09
C LYS B 190 11.68 -3.23 45.68
N THR B 191 12.12 -4.36 45.16
CA THR B 191 13.36 -5.00 45.59
C THR B 191 14.47 -4.53 44.64
N LEU B 192 14.09 -3.68 43.67
CA LEU B 192 15.05 -3.16 42.70
C LEU B 192 14.78 -1.70 42.37
N ALA B 193 15.84 -0.95 42.09
CA ALA B 193 15.71 0.46 41.73
C ALA B 193 16.64 0.72 40.57
N LEU B 194 16.23 1.60 39.67
CA LEU B 194 17.03 1.93 38.51
C LEU B 194 17.49 3.39 38.56
N LYS B 195 18.77 3.62 38.26
CA LYS B 195 19.32 4.97 38.28
C LYS B 195 20.26 5.26 37.10
N GLY B 196 20.43 6.55 36.82
CA GLY B 196 21.29 6.99 35.74
C GLY B 196 22.32 7.97 36.27
N GLY B 197 23.55 7.89 35.77
CA GLY B 197 24.59 8.78 36.23
C GLY B 197 25.41 9.38 35.10
N TYR B 198 26.01 10.54 35.35
CA TYR B 198 26.84 11.17 34.34
C TYR B 198 28.10 11.78 34.93
N TYR B 199 29.23 11.20 34.56
CA TYR B 199 30.53 11.66 35.03
C TYR B 199 31.23 12.54 34.01
N ASP B 200 31.55 13.76 34.44
CA ASP B 200 32.25 14.69 33.57
C ASP B 200 33.64 14.84 34.17
N PHE B 201 34.58 14.00 33.73
CA PHE B 201 35.93 14.07 34.27
C PHE B 201 36.66 15.35 33.86
N VAL B 202 36.06 16.12 32.95
CA VAL B 202 36.65 17.37 32.49
C VAL B 202 36.45 18.45 33.56
N LYS B 203 35.22 18.61 34.03
CA LYS B 203 34.93 19.60 35.05
C LYS B 203 34.91 18.87 36.39
N GLY B 204 35.11 17.56 36.31
CA GLY B 204 35.11 16.74 37.52
C GLY B 204 33.80 16.86 38.28
N SER B 205 32.69 16.59 37.58
CA SER B 205 31.36 16.66 38.17
C SER B 205 30.58 15.38 37.91
N PHE B 206 29.60 15.13 38.78
CA PHE B 206 28.77 13.94 38.68
C PHE B 206 27.29 14.24 38.91
N GLU B 207 26.46 13.76 37.98
CA GLU B 207 25.01 13.93 38.03
C GLU B 207 24.32 12.59 38.27
N LEU B 208 23.42 12.52 39.23
CA LEU B 208 22.70 11.27 39.47
C LEU B 208 21.18 11.47 39.41
N TRP B 209 20.50 10.67 38.60
CA TRP B 209 19.05 10.74 38.52
C TRP B 209 18.49 9.34 38.65
N GLY B 210 17.19 9.22 38.85
CA GLY B 210 16.60 7.91 39.01
C GLY B 210 15.22 7.76 38.41
N LEU B 211 14.67 6.55 38.53
CA LEU B 211 13.36 6.23 38.01
C LEU B 211 12.32 6.18 39.11
N GLU B 212 11.36 7.09 39.05
CA GLU B 212 10.27 7.11 40.00
C GLU B 212 9.37 5.96 39.56
N PHE B 213 9.13 5.02 40.46
CA PHE B 213 8.29 3.89 40.12
C PHE B 213 7.55 3.29 41.32
N GLY B 214 6.23 3.34 41.26
CA GLY B 214 5.41 2.79 42.33
C GLY B 214 3.99 3.37 42.29
N LEU B 215 3.09 2.73 43.01
CA LEU B 215 1.71 3.20 43.03
C LEU B 215 1.47 4.26 44.10
N SER B 216 0.47 5.11 43.92
CA SER B 216 0.17 6.13 44.92
C SER B 216 -1.33 6.44 44.97
N SER B 217 -1.87 6.41 46.18
CA SER B 217 -3.27 6.69 46.39
C SER B 217 -3.55 8.07 45.82
N THR B 218 -4.70 8.22 45.16
CA THR B 218 -5.07 9.49 44.58
C THR B 218 -6.19 10.08 45.42
N PHE B 219 -7.21 9.26 45.69
CA PHE B 219 -8.34 9.68 46.51
C PHE B 219 -9.19 8.49 46.87
N SER B 220 -10.05 8.70 47.85
CA SER B 220 -10.97 7.68 48.32
C SER B 220 -12.23 8.40 48.73
N VAL B 221 -13.35 7.98 48.18
CA VAL B 221 -14.64 8.58 48.50
C VAL B 221 -15.66 7.47 48.45
N SER C 5 -52.66 -6.83 24.46
CA SER C 5 -52.12 -7.05 23.08
C SER C 5 -53.12 -7.81 22.19
N ASP C 6 -54.34 -7.97 22.70
CA ASP C 6 -55.41 -8.62 21.95
C ASP C 6 -55.08 -9.95 21.26
N GLY C 7 -54.40 -10.85 21.97
CA GLY C 7 -54.09 -12.15 21.40
C GLY C 7 -52.75 -12.29 20.67
N ILE C 8 -52.14 -11.16 20.27
CA ILE C 8 -50.86 -11.17 19.56
C ILE C 8 -49.72 -11.12 20.58
N PRO C 9 -48.81 -12.10 20.55
CA PRO C 9 -47.70 -12.11 21.51
C PRO C 9 -46.64 -11.03 21.28
N LYS C 10 -45.97 -10.66 22.36
CA LYS C 10 -44.92 -9.67 22.26
C LYS C 10 -43.64 -10.10 22.96
N SER C 11 -42.50 -9.79 22.33
CA SER C 11 -41.22 -10.11 22.92
C SER C 11 -40.83 -8.99 23.87
N GLU C 12 -40.76 -9.30 25.17
CA GLU C 12 -40.39 -8.31 26.16
C GLU C 12 -39.01 -7.76 25.86
N ALA C 13 -38.07 -8.64 25.52
CA ALA C 13 -36.68 -8.23 25.24
C ALA C 13 -36.58 -7.28 24.06
N SER C 14 -37.21 -7.63 22.95
CA SER C 14 -37.18 -6.78 21.78
C SER C 14 -37.83 -5.42 22.07
N GLU C 15 -38.91 -5.46 22.82
CA GLU C 15 -39.62 -4.24 23.19
C GLU C 15 -38.76 -3.38 24.13
N ARG C 16 -38.10 -4.01 25.09
CA ARG C 16 -37.21 -3.33 26.02
C ARG C 16 -36.13 -2.65 25.22
N ILE C 17 -35.57 -3.35 24.23
CA ILE C 17 -34.53 -2.74 23.41
C ILE C 17 -35.07 -1.51 22.63
N LYS C 18 -36.25 -1.63 22.05
CA LYS C 18 -36.84 -0.55 21.28
C LYS C 18 -37.15 0.67 22.18
N THR C 19 -37.79 0.41 23.32
CA THR C 19 -38.12 1.48 24.28
C THR C 19 -36.85 2.23 24.69
N GLY C 20 -35.80 1.47 25.01
CA GLY C 20 -34.55 2.07 25.42
C GLY C 20 -33.90 2.92 24.34
N PHE C 21 -33.84 2.40 23.13
CA PHE C 21 -33.23 3.21 22.10
C PHE C 21 -34.01 4.52 21.84
N LEU C 22 -35.34 4.42 21.81
CA LEU C 22 -36.18 5.61 21.54
C LEU C 22 -36.01 6.68 22.63
N HIS C 23 -35.72 6.22 23.83
CA HIS C 23 -35.54 7.07 25.00
C HIS C 23 -34.23 7.83 24.87
N PHE C 24 -33.18 7.08 24.49
CA PHE C 24 -31.87 7.66 24.26
C PHE C 24 -31.92 8.66 23.13
N LYS C 25 -32.67 8.32 22.08
CA LYS C 25 -32.83 9.14 20.90
C LYS C 25 -33.51 10.49 21.30
N LYS C 26 -34.55 10.40 22.10
CA LYS C 26 -35.30 11.58 22.51
C LYS C 26 -34.63 12.47 23.55
N GLU C 27 -34.15 11.85 24.62
CA GLU C 27 -33.53 12.54 25.74
C GLU C 27 -32.06 12.84 25.61
N LYS C 28 -31.37 12.16 24.72
CA LYS C 28 -29.96 12.42 24.63
C LYS C 28 -29.46 12.78 23.26
N TYR C 29 -29.61 11.88 22.29
CA TYR C 29 -29.13 12.16 20.96
C TYR C 29 -29.71 13.45 20.34
N ASP C 30 -31.03 13.54 20.29
CA ASP C 30 -31.72 14.69 19.69
C ASP C 30 -31.54 16.02 20.44
N LYS C 31 -31.21 15.93 21.72
CA LYS C 31 -31.00 17.10 22.56
C LYS C 31 -29.53 17.51 22.63
N ASN C 32 -28.68 16.86 21.86
CA ASN C 32 -27.27 17.22 21.85
C ASN C 32 -26.67 17.17 20.44
N PRO C 33 -27.35 17.84 19.51
CA PRO C 33 -26.94 17.92 18.11
C PRO C 33 -25.51 18.37 17.89
N ALA C 34 -25.01 19.27 18.72
CA ALA C 34 -23.64 19.73 18.56
C ALA C 34 -22.70 18.57 18.86
N LEU C 35 -22.86 18.00 20.05
CA LEU C 35 -22.07 16.86 20.52
C LEU C 35 -22.05 15.74 19.47
N TYR C 36 -23.24 15.21 19.19
CA TYR C 36 -23.36 14.12 18.24
C TYR C 36 -22.93 14.45 16.81
N GLY C 37 -23.03 15.72 16.40
CA GLY C 37 -22.58 16.05 15.06
C GLY C 37 -21.06 15.96 15.01
N GLU C 38 -20.42 16.20 16.15
CA GLU C 38 -18.97 16.12 16.23
C GLU C 38 -18.46 14.68 16.37
N LEU C 39 -19.16 13.90 17.19
CA LEU C 39 -18.80 12.50 17.41
C LEU C 39 -19.00 11.69 16.11
N ALA C 40 -19.98 12.11 15.29
CA ALA C 40 -20.25 11.43 14.03
C ALA C 40 -19.01 11.41 13.13
N LYS C 41 -18.11 12.37 13.36
CA LYS C 41 -16.90 12.52 12.56
C LYS C 41 -15.64 11.80 13.05
N GLY C 42 -15.60 11.48 14.34
CA GLY C 42 -14.45 10.79 14.90
C GLY C 42 -14.54 10.82 16.42
N GLN C 43 -13.64 10.13 17.10
CA GLN C 43 -13.66 10.08 18.56
C GLN C 43 -12.23 10.34 19.04
N SER C 44 -12.11 11.01 20.19
CA SER C 44 -10.79 11.27 20.75
C SER C 44 -10.92 11.15 22.24
N PRO C 45 -11.35 9.97 22.73
CA PRO C 45 -11.51 9.79 24.18
C PRO C 45 -10.19 9.95 24.89
N PRO C 46 -10.20 10.63 26.05
CA PRO C 46 -8.90 10.76 26.72
C PRO C 46 -8.63 9.54 27.61
N PHE C 47 -9.68 8.76 27.86
CA PHE C 47 -9.56 7.56 28.70
C PHE C 47 -9.81 6.24 27.98
N MET C 48 -9.11 5.22 28.46
CA MET C 48 -9.32 3.85 28.04
C MET C 48 -9.65 3.22 29.40
N VAL C 49 -10.78 2.54 29.50
CA VAL C 49 -11.18 1.90 30.74
C VAL C 49 -11.39 0.40 30.68
N PHE C 50 -10.91 -0.30 31.71
CA PHE C 50 -11.12 -1.73 31.84
C PHE C 50 -12.06 -1.84 33.05
N ALA C 51 -13.21 -2.48 32.84
CA ALA C 51 -14.22 -2.69 33.88
C ALA C 51 -14.79 -4.08 33.66
N CYS C 52 -15.40 -4.61 34.71
CA CYS C 52 -16.01 -5.93 34.70
C CYS C 52 -17.32 -5.93 33.90
N SER C 53 -17.62 -7.09 33.30
CA SER C 53 -18.83 -7.27 32.53
C SER C 53 -20.05 -7.17 33.45
N ASP C 54 -19.84 -7.43 34.74
CA ASP C 54 -20.90 -7.35 35.78
C ASP C 54 -21.89 -6.24 35.46
N SER C 55 -23.18 -6.59 35.43
CA SER C 55 -24.24 -5.66 35.07
C SER C 55 -24.45 -4.47 36.02
N ARG C 56 -23.77 -4.51 37.17
CA ARG C 56 -23.90 -3.46 38.18
C ARG C 56 -22.83 -2.39 38.17
N VAL C 57 -21.80 -2.55 37.34
CA VAL C 57 -20.71 -1.60 37.32
C VAL C 57 -20.42 -0.85 36.03
N CYS C 58 -21.44 -0.59 35.22
N CYS C 58 -21.44 -0.59 35.22
CA CYS C 58 -21.18 0.11 33.97
CA CYS C 58 -21.24 0.12 33.96
C CYS C 58 -20.44 1.42 34.22
C CYS C 58 -20.47 1.44 34.18
N PRO C 59 -19.23 1.52 33.69
CA PRO C 59 -18.43 2.73 33.85
C PRO C 59 -19.16 4.00 33.45
N SER C 60 -20.01 3.88 32.43
CA SER C 60 -20.78 5.04 31.98
C SER C 60 -21.46 5.65 33.22
N HIS C 61 -22.29 4.85 33.89
CA HIS C 61 -23.02 5.32 35.07
C HIS C 61 -22.13 5.69 36.23
N VAL C 62 -21.34 4.73 36.69
CA VAL C 62 -20.46 4.94 37.85
C VAL C 62 -19.54 6.15 37.83
N LEU C 63 -18.93 6.45 36.68
CA LEU C 63 -18.05 7.60 36.60
C LEU C 63 -18.66 8.68 35.75
N ASP C 64 -19.93 8.48 35.43
CA ASP C 64 -20.69 9.44 34.65
C ASP C 64 -19.97 9.75 33.34
N PHE C 65 -19.44 8.73 32.66
CA PHE C 65 -18.73 9.00 31.41
C PHE C 65 -19.67 9.36 30.27
N GLN C 66 -19.34 10.44 29.56
CA GLN C 66 -20.19 10.84 28.45
C GLN C 66 -19.73 10.24 27.14
N PRO C 67 -20.66 10.09 26.18
CA PRO C 67 -20.23 9.50 24.91
C PRO C 67 -19.05 10.28 24.33
N GLY C 68 -18.01 9.55 23.94
CA GLY C 68 -16.83 10.18 23.36
C GLY C 68 -15.67 10.32 24.31
N GLU C 69 -15.95 10.08 25.58
CA GLU C 69 -14.95 10.22 26.66
C GLU C 69 -14.11 9.01 26.97
N ALA C 70 -14.71 7.82 26.91
CA ALA C 70 -14.00 6.61 27.29
C ALA C 70 -14.10 5.42 26.35
N PHE C 71 -12.93 4.94 25.90
CA PHE C 71 -12.83 3.75 25.03
C PHE C 71 -12.84 2.67 26.10
N VAL C 72 -13.84 1.81 26.06
CA VAL C 72 -14.02 0.85 27.11
C VAL C 72 -13.86 -0.63 26.74
N VAL C 73 -13.20 -1.38 27.64
CA VAL C 73 -13.09 -2.82 27.48
C VAL C 73 -13.79 -3.40 28.71
N ARG C 74 -14.74 -4.32 28.52
CA ARG C 74 -15.39 -4.96 29.65
C ARG C 74 -15.27 -6.49 29.57
N ASN C 75 -14.81 -7.12 30.63
CA ASN C 75 -14.66 -8.58 30.61
C ASN C 75 -14.79 -9.14 32.01
N VAL C 76 -14.77 -10.46 32.16
CA VAL C 76 -14.89 -11.07 33.46
C VAL C 76 -13.74 -10.66 34.38
N ALA C 77 -14.11 -10.02 35.47
CA ALA C 77 -13.16 -9.53 36.50
C ALA C 77 -12.24 -8.37 36.05
N ASN C 78 -12.62 -7.68 34.97
CA ASN C 78 -11.83 -6.54 34.50
C ASN C 78 -10.32 -6.82 34.45
N LEU C 79 -9.97 -8.03 33.97
CA LEU C 79 -8.58 -8.45 33.86
C LEU C 79 -7.80 -8.02 32.62
N VAL C 80 -6.53 -7.63 32.83
CA VAL C 80 -5.67 -7.27 31.72
C VAL C 80 -4.57 -8.35 31.62
N PRO C 81 -4.69 -9.27 30.64
CA PRO C 81 -3.61 -10.26 30.60
C PRO C 81 -2.35 -9.70 29.97
N PRO C 82 -1.23 -10.41 30.13
CA PRO C 82 0.02 -9.94 29.56
C PRO C 82 0.02 -10.11 28.03
N TYR C 83 0.96 -9.45 27.40
CA TYR C 83 1.16 -9.49 25.97
C TYR C 83 1.25 -10.94 25.45
N ASP C 84 0.34 -11.33 24.56
CA ASP C 84 0.38 -12.66 23.94
C ASP C 84 -0.44 -12.59 22.67
N GLN C 85 0.25 -12.56 21.54
CA GLN C 85 -0.47 -12.51 20.28
C GLN C 85 -1.28 -13.79 20.00
N ALA C 86 -0.95 -14.88 20.68
CA ALA C 86 -1.69 -16.11 20.39
C ALA C 86 -2.86 -16.41 21.34
N LYS C 87 -2.75 -15.96 22.58
CA LYS C 87 -3.79 -16.26 23.56
C LYS C 87 -4.66 -15.09 24.00
N TYR C 88 -4.12 -13.89 23.90
CA TYR C 88 -4.81 -12.70 24.38
C TYR C 88 -4.85 -11.62 23.33
N ALA C 89 -5.16 -11.97 22.09
CA ALA C 89 -5.25 -10.94 21.06
C ALA C 89 -6.37 -9.90 21.24
N GLY C 90 -7.51 -10.28 21.81
CA GLY C 90 -8.58 -9.29 21.97
C GLY C 90 -8.14 -8.15 22.90
N THR C 91 -7.46 -8.53 23.97
CA THR C 91 -6.99 -7.53 24.93
C THR C 91 -5.92 -6.69 24.30
N GLY C 92 -5.00 -7.35 23.59
CA GLY C 92 -3.93 -6.61 22.97
C GLY C 92 -4.36 -5.66 21.88
N ALA C 93 -5.40 -6.06 21.13
CA ALA C 93 -5.91 -5.23 20.04
C ALA C 93 -6.57 -3.97 20.65
N ALA C 94 -7.26 -4.12 21.78
CA ALA C 94 -7.94 -2.98 22.38
C ALA C 94 -6.92 -1.93 22.85
N ILE C 95 -5.89 -2.39 23.58
CA ILE C 95 -4.83 -1.50 24.07
C ILE C 95 -4.07 -0.88 22.89
N GLU C 96 -3.73 -1.68 21.87
CA GLU C 96 -2.98 -1.15 20.74
C GLU C 96 -3.80 -0.08 20.02
N TYR C 97 -5.09 -0.35 19.81
CA TYR C 97 -5.91 0.62 19.12
C TYR C 97 -6.07 1.90 19.96
N ALA C 98 -6.31 1.75 21.25
CA ALA C 98 -6.49 2.90 22.15
C ALA C 98 -5.24 3.77 22.30
N VAL C 99 -4.12 3.13 22.56
CA VAL C 99 -2.87 3.82 22.75
C VAL C 99 -2.30 4.42 21.46
N LEU C 100 -2.12 3.59 20.45
CA LEU C 100 -1.51 4.04 19.22
C LEU C 100 -2.40 4.69 18.16
N HIS C 101 -3.69 4.35 18.09
CA HIS C 101 -4.55 4.97 17.07
C HIS C 101 -5.46 6.07 17.63
N LEU C 102 -6.08 5.83 18.79
CA LEU C 102 -6.94 6.83 19.40
C LEU C 102 -6.11 7.78 20.28
N LYS C 103 -4.86 7.39 20.56
CA LYS C 103 -3.96 8.16 21.41
C LYS C 103 -4.63 8.60 22.71
N VAL C 104 -5.14 7.65 23.48
CA VAL C 104 -5.72 7.99 24.77
C VAL C 104 -4.54 8.39 25.65
N SER C 105 -4.80 9.16 26.70
CA SER C 105 -3.73 9.60 27.61
C SER C 105 -3.82 8.92 28.96
N ASN C 106 -4.88 8.14 29.15
CA ASN C 106 -5.09 7.44 30.41
C ASN C 106 -5.63 5.99 30.23
N ILE C 107 -5.08 5.05 31.00
CA ILE C 107 -5.60 3.69 31.00
C ILE C 107 -5.95 3.46 32.46
N VAL C 108 -7.23 3.24 32.72
CA VAL C 108 -7.76 3.02 34.03
C VAL C 108 -8.39 1.65 34.15
N VAL C 109 -7.89 0.85 35.10
CA VAL C 109 -8.38 -0.50 35.36
C VAL C 109 -9.15 -0.44 36.65
N ILE C 110 -10.45 -0.70 36.57
CA ILE C 110 -11.33 -0.62 37.72
C ILE C 110 -11.90 -1.97 38.18
N GLY C 111 -11.63 -2.31 39.43
CA GLY C 111 -12.14 -3.53 40.03
C GLY C 111 -13.35 -3.10 40.86
N HIS C 112 -14.05 -4.07 41.44
CA HIS C 112 -15.21 -3.70 42.22
C HIS C 112 -15.58 -4.74 43.25
N SER C 113 -16.47 -4.30 44.14
CA SER C 113 -16.97 -5.10 45.24
C SER C 113 -17.83 -6.27 44.80
N ALA C 114 -17.67 -7.40 45.50
CA ALA C 114 -18.43 -8.61 45.22
C ALA C 114 -18.31 -9.06 43.75
N CYS C 115 -17.08 -9.09 43.28
CA CYS C 115 -16.84 -9.50 41.90
C CYS C 115 -16.84 -11.02 41.80
N GLY C 116 -17.81 -11.53 41.03
CA GLY C 116 -17.96 -12.96 40.86
C GLY C 116 -16.72 -13.63 40.30
N GLY C 117 -16.00 -12.91 39.43
CA GLY C 117 -14.79 -13.47 38.83
C GLY C 117 -13.69 -13.61 39.87
N ILE C 118 -13.53 -12.59 40.71
CA ILE C 118 -12.51 -12.68 41.71
C ILE C 118 -12.89 -13.73 42.74
N LYS C 119 -14.19 -13.94 42.93
CA LYS C 119 -14.63 -14.96 43.89
C LYS C 119 -14.27 -16.34 43.39
N GLY C 120 -14.36 -16.51 42.07
CA GLY C 120 -14.03 -17.80 41.48
C GLY C 120 -12.53 -18.00 41.56
N LEU C 121 -11.77 -16.95 41.26
CA LEU C 121 -10.32 -17.03 41.34
C LEU C 121 -9.98 -17.60 42.73
N LEU C 122 -10.59 -17.03 43.76
CA LEU C 122 -10.29 -17.46 45.12
C LEU C 122 -10.86 -18.84 45.48
N SER C 123 -12.03 -19.16 44.97
CA SER C 123 -12.70 -20.45 45.23
C SER C 123 -12.09 -21.66 44.50
N PHE C 124 -11.56 -21.41 43.30
CA PHE C 124 -10.96 -22.50 42.49
C PHE C 124 -9.57 -22.92 42.99
N PRO C 125 -9.31 -24.24 43.02
CA PRO C 125 -8.05 -24.81 43.46
C PRO C 125 -6.84 -24.61 42.54
N PHE C 126 -7.08 -24.64 41.23
CA PHE C 126 -5.97 -24.50 40.28
C PHE C 126 -4.93 -25.55 40.68
N ASP C 127 -5.45 -26.75 40.91
CA ASP C 127 -4.69 -27.93 41.33
C ASP C 127 -4.56 -28.94 40.19
N GLY C 128 -4.70 -28.48 38.96
CA GLY C 128 -4.58 -29.39 37.85
C GLY C 128 -5.92 -29.88 37.31
N THR C 129 -6.99 -29.63 38.05
CA THR C 129 -8.31 -30.05 37.59
C THR C 129 -9.20 -28.82 37.37
N TYR C 130 -9.96 -28.84 36.27
CA TYR C 130 -10.87 -27.75 35.92
C TYR C 130 -12.29 -28.28 35.93
N SER C 131 -13.25 -27.39 36.15
CA SER C 131 -14.65 -27.77 36.18
C SER C 131 -15.44 -26.76 35.34
N THR C 132 -14.70 -25.91 34.63
CA THR C 132 -15.32 -24.90 33.78
C THR C 132 -14.64 -25.04 32.43
N ASP C 133 -15.36 -24.61 31.40
CA ASP C 133 -14.85 -24.62 30.05
C ASP C 133 -13.82 -23.54 29.86
N PHE C 134 -14.12 -22.34 30.39
CA PHE C 134 -13.26 -21.18 30.23
C PHE C 134 -13.00 -20.32 31.48
N ILE C 135 -13.95 -20.30 32.41
CA ILE C 135 -13.83 -19.43 33.58
C ILE C 135 -12.53 -19.52 34.32
N GLU C 136 -12.12 -20.73 34.68
CA GLU C 136 -10.84 -20.88 35.36
C GLU C 136 -9.69 -20.48 34.48
N GLU C 137 -9.75 -20.88 33.21
CA GLU C 137 -8.69 -20.54 32.26
C GLU C 137 -8.43 -19.02 32.25
N TRP C 138 -9.50 -18.25 32.28
CA TRP C 138 -9.38 -16.80 32.18
C TRP C 138 -8.90 -16.14 33.48
N VAL C 139 -9.58 -16.40 34.58
CA VAL C 139 -9.22 -15.78 35.85
C VAL C 139 -7.87 -16.19 36.42
N LYS C 140 -7.21 -17.14 35.75
CA LYS C 140 -5.91 -17.60 36.17
C LYS C 140 -4.95 -16.43 35.99
N ILE C 141 -5.36 -15.44 35.21
CA ILE C 141 -4.51 -14.28 34.99
C ILE C 141 -4.25 -13.63 36.38
N GLY C 142 -5.19 -13.80 37.30
CA GLY C 142 -5.07 -13.23 38.62
C GLY C 142 -4.41 -14.07 39.70
N LEU C 143 -3.83 -15.22 39.32
CA LEU C 143 -3.17 -16.08 40.31
C LEU C 143 -2.11 -15.39 41.15
N PRO C 144 -1.28 -14.56 40.53
CA PRO C 144 -0.25 -13.87 41.29
C PRO C 144 -0.83 -13.01 42.43
N ALA C 145 -1.95 -12.37 42.16
CA ALA C 145 -2.62 -11.51 43.15
C ALA C 145 -3.25 -12.35 44.24
N LYS C 146 -3.68 -13.56 43.86
CA LYS C 146 -4.28 -14.45 44.82
C LYS C 146 -3.21 -14.88 45.82
N ALA C 147 -2.01 -15.13 45.29
CA ALA C 147 -0.90 -15.57 46.11
C ALA C 147 -0.54 -14.52 47.12
N LYS C 148 -0.36 -13.28 46.65
CA LYS C 148 0.01 -12.17 47.51
C LYS C 148 -0.99 -12.02 48.66
N VAL C 149 -2.28 -11.96 48.30
CA VAL C 149 -3.34 -11.82 49.27
C VAL C 149 -3.37 -13.02 50.24
N LYS C 150 -3.18 -14.23 49.72
CA LYS C 150 -3.21 -15.42 50.58
C LYS C 150 -2.05 -15.40 51.57
N ALA C 151 -0.93 -14.84 51.14
CA ALA C 151 0.24 -14.76 51.99
C ALA C 151 0.09 -13.67 53.04
N GLN C 152 -0.24 -12.45 52.58
CA GLN C 152 -0.39 -11.29 53.46
C GLN C 152 -1.53 -11.34 54.44
N HIS C 153 -2.64 -11.95 54.02
CA HIS C 153 -3.84 -12.02 54.84
C HIS C 153 -4.37 -13.45 54.86
N GLY C 154 -3.49 -14.41 55.08
CA GLY C 154 -3.92 -15.80 55.07
C GLY C 154 -4.95 -16.25 56.09
N ASP C 155 -5.11 -15.51 57.18
CA ASP C 155 -6.07 -15.89 58.21
C ASP C 155 -7.41 -15.16 58.11
N ALA C 156 -7.44 -14.09 57.32
CA ALA C 156 -8.66 -13.29 57.16
C ALA C 156 -9.84 -14.14 56.69
N PRO C 157 -11.08 -13.62 56.89
CA PRO C 157 -12.33 -14.27 56.49
C PRO C 157 -12.52 -14.13 54.98
N PHE C 158 -13.13 -15.15 54.36
CA PHE C 158 -13.33 -15.16 52.91
C PHE C 158 -13.69 -13.84 52.23
N ALA C 159 -14.69 -13.16 52.77
CA ALA C 159 -15.14 -11.88 52.20
C ALA C 159 -14.03 -10.84 52.18
N GLU C 160 -13.25 -10.81 53.24
CA GLU C 160 -12.13 -9.89 53.36
C GLU C 160 -11.10 -10.29 52.29
N LEU C 161 -10.90 -11.60 52.12
CA LEU C 161 -9.98 -12.08 51.10
C LEU C 161 -10.37 -11.49 49.74
N CYS C 162 -11.65 -11.62 49.39
CA CYS C 162 -12.16 -11.10 48.12
C CYS C 162 -11.86 -9.63 47.91
N THR C 163 -12.18 -8.81 48.91
CA THR C 163 -11.92 -7.38 48.74
C THR C 163 -10.47 -7.12 48.47
N HIS C 164 -9.62 -7.81 49.22
CA HIS C 164 -8.18 -7.69 49.06
C HIS C 164 -7.79 -8.11 47.64
N CYS C 165 -8.29 -9.28 47.22
CA CYS C 165 -7.97 -9.77 45.89
C CYS C 165 -8.53 -8.90 44.75
N GLU C 166 -9.71 -8.35 44.95
CA GLU C 166 -10.28 -7.48 43.93
C GLU C 166 -9.34 -6.31 43.71
N LYS C 167 -8.75 -5.79 44.78
CA LYS C 167 -7.85 -4.64 44.61
C LYS C 167 -6.49 -5.05 44.10
N GLU C 168 -5.97 -6.17 44.62
CA GLU C 168 -4.65 -6.65 44.22
C GLU C 168 -4.67 -7.10 42.77
N ALA C 169 -5.79 -7.69 42.35
CA ALA C 169 -5.94 -8.11 40.95
C ALA C 169 -5.76 -6.88 40.07
N VAL C 170 -6.37 -5.75 40.45
CA VAL C 170 -6.21 -4.52 39.66
C VAL C 170 -4.73 -4.19 39.47
N ASN C 171 -3.95 -4.39 40.52
CA ASN C 171 -2.51 -4.10 40.49
C ASN C 171 -1.73 -5.04 39.58
N ALA C 172 -2.10 -6.32 39.60
CA ALA C 172 -1.52 -7.34 38.73
C ALA C 172 -1.83 -6.96 37.26
N SER C 173 -3.02 -6.41 37.00
CA SER C 173 -3.35 -5.99 35.64
C SER C 173 -2.51 -4.80 35.24
N LEU C 174 -2.26 -3.92 36.21
CA LEU C 174 -1.46 -2.76 35.90
C LEU C 174 -0.06 -3.30 35.59
N GLY C 175 0.39 -4.28 36.37
CA GLY C 175 1.69 -4.85 36.09
C GLY C 175 1.70 -5.37 34.64
N ASN C 176 0.65 -6.10 34.27
CA ASN C 176 0.61 -6.64 32.90
C ASN C 176 0.56 -5.61 31.82
N LEU C 177 -0.01 -4.43 32.10
CA LEU C 177 -0.02 -3.43 31.05
C LEU C 177 1.44 -3.08 30.70
N LEU C 178 2.35 -3.30 31.64
CA LEU C 178 3.76 -2.97 31.41
C LEU C 178 4.51 -3.94 30.50
N THR C 179 3.87 -5.06 30.16
CA THR C 179 4.46 -6.03 29.25
C THR C 179 4.21 -5.56 27.79
N TYR C 180 3.37 -4.56 27.62
CA TYR C 180 3.09 -4.02 26.29
C TYR C 180 4.08 -2.90 25.94
N PRO C 181 4.99 -3.14 24.97
CA PRO C 181 5.96 -2.09 24.63
C PRO C 181 5.36 -0.72 24.37
N PHE C 182 4.25 -0.67 23.62
CA PHE C 182 3.63 0.61 23.32
C PHE C 182 3.09 1.31 24.56
N VAL C 183 2.75 0.55 25.59
CA VAL C 183 2.31 1.18 26.82
C VAL C 183 3.55 1.83 27.46
N ARG C 184 4.63 1.06 27.59
CA ARG C 184 5.87 1.59 28.19
C ARG C 184 6.37 2.83 27.46
N GLU C 185 6.32 2.82 26.13
CA GLU C 185 6.79 3.98 25.40
C GLU C 185 5.91 5.20 25.76
N GLY C 186 4.63 4.95 26.02
CA GLY C 186 3.73 6.05 26.35
C GLY C 186 4.05 6.65 27.70
N LEU C 187 4.31 5.80 28.69
CA LEU C 187 4.65 6.30 30.02
C LEU C 187 5.96 7.09 29.92
N VAL C 188 6.95 6.48 29.27
CA VAL C 188 8.26 7.10 29.06
C VAL C 188 8.11 8.47 28.43
N ASN C 189 7.35 8.53 27.33
CA ASN C 189 7.13 9.78 26.62
C ASN C 189 6.15 10.72 27.32
N LYS C 190 5.68 10.32 28.48
CA LYS C 190 4.73 11.12 29.24
C LYS C 190 3.46 11.48 28.43
N THR C 191 3.00 10.53 27.62
CA THR C 191 1.79 10.74 26.83
C THR C 191 0.73 9.77 27.34
N LEU C 192 1.07 9.02 28.37
CA LEU C 192 0.16 8.01 28.89
C LEU C 192 0.34 7.86 30.40
N ALA C 193 -0.75 7.62 31.11
CA ALA C 193 -0.70 7.47 32.56
C ALA C 193 -1.58 6.28 32.91
N LEU C 194 -1.15 5.45 33.85
CA LEU C 194 -1.92 4.27 34.26
C LEU C 194 -2.55 4.49 35.63
N LYS C 195 -3.80 4.06 35.78
CA LYS C 195 -4.53 4.20 37.04
C LYS C 195 -5.37 2.98 37.41
N GLY C 196 -5.47 2.74 38.71
CA GLY C 196 -6.26 1.65 39.24
C GLY C 196 -7.41 2.26 40.01
N GLY C 197 -8.58 1.65 39.91
CA GLY C 197 -9.74 2.14 40.61
C GLY C 197 -10.46 0.99 41.29
N TYR C 198 -11.32 1.32 42.26
CA TYR C 198 -12.09 0.31 42.95
C TYR C 198 -13.45 0.88 43.32
N TYR C 199 -14.49 0.16 42.88
CA TYR C 199 -15.87 0.53 43.11
C TYR C 199 -16.58 -0.42 44.05
N ASP C 200 -16.95 0.13 45.21
CA ASP C 200 -17.67 -0.66 46.18
C ASP C 200 -19.11 -0.17 46.08
N PHE C 201 -19.99 -0.99 45.51
CA PHE C 201 -21.39 -0.59 45.38
C PHE C 201 -22.24 -0.97 46.59
N VAL C 202 -21.64 -1.73 47.49
CA VAL C 202 -22.28 -2.15 48.72
C VAL C 202 -22.29 -0.95 49.68
N LYS C 203 -21.12 -0.34 49.84
CA LYS C 203 -20.97 0.82 50.71
C LYS C 203 -21.29 2.08 49.93
N GLY C 204 -20.92 2.11 48.66
CA GLY C 204 -21.17 3.28 47.83
C GLY C 204 -19.96 4.20 47.78
N SER C 205 -18.81 3.62 47.48
CA SER C 205 -17.57 4.36 47.44
C SER C 205 -16.68 4.07 46.24
N PHE C 206 -15.74 4.97 45.97
CA PHE C 206 -14.78 4.83 44.90
C PHE C 206 -13.37 5.23 45.33
N GLU C 207 -12.41 4.33 45.12
CA GLU C 207 -10.99 4.59 45.41
C GLU C 207 -10.21 4.64 44.09
N LEU C 208 -9.28 5.58 44.00
CA LEU C 208 -8.47 5.73 42.82
C LEU C 208 -6.99 5.86 43.20
N TRP C 209 -6.13 5.25 42.40
CA TRP C 209 -4.70 5.35 42.60
C TRP C 209 -4.00 5.40 41.24
N GLY C 210 -2.72 5.73 41.25
CA GLY C 210 -2.05 5.82 39.98
C GLY C 210 -0.66 5.24 40.02
N LEU C 211 -0.07 5.10 38.83
CA LEU C 211 1.29 4.57 38.73
C LEU C 211 2.26 5.73 38.59
N GLU C 212 3.19 5.84 39.53
CA GLU C 212 4.18 6.90 39.46
C GLU C 212 5.22 6.31 38.53
N PHE C 213 5.59 7.09 37.51
CA PHE C 213 6.56 6.63 36.54
C PHE C 213 7.31 7.82 35.93
N GLY C 214 8.64 7.80 36.00
CA GLY C 214 9.41 8.89 35.43
C GLY C 214 10.75 9.21 36.08
N LEU C 215 11.67 9.67 35.26
CA LEU C 215 13.02 10.03 35.70
C LEU C 215 13.00 11.32 36.53
N SER C 216 13.85 11.39 37.54
CA SER C 216 13.91 12.56 38.41
C SER C 216 15.27 12.68 39.10
N SER C 217 16.08 13.65 38.66
CA SER C 217 17.42 13.82 39.23
C SER C 217 17.44 13.77 40.76
N THR C 218 18.58 13.33 41.31
CA THR C 218 18.77 13.23 42.74
C THR C 218 19.85 14.23 43.20
N PHE C 219 20.84 14.48 42.34
CA PHE C 219 21.90 15.45 42.65
C PHE C 219 22.85 15.70 41.48
N SER C 220 23.55 16.84 41.52
CA SER C 220 24.50 17.21 40.48
C SER C 220 25.75 17.79 41.11
N VAL C 221 26.15 17.20 42.23
CA VAL C 221 27.33 17.64 42.95
C VAL C 221 28.61 17.47 42.12
N SER D 11 -4.50 16.55 39.39
CA SER D 11 -4.57 15.87 38.07
C SER D 11 -5.92 16.13 37.41
N GLU D 12 -5.89 16.68 36.20
CA GLU D 12 -7.14 16.96 35.53
C GLU D 12 -7.94 15.69 35.33
N ALA D 13 -7.23 14.62 34.98
CA ALA D 13 -7.87 13.34 34.77
C ALA D 13 -8.47 12.74 36.05
N SER D 14 -7.70 12.68 37.13
CA SER D 14 -8.23 12.07 38.36
C SER D 14 -9.40 12.90 38.89
N GLU D 15 -9.36 14.18 38.57
CA GLU D 15 -10.41 15.11 38.98
C GLU D 15 -11.69 14.81 38.23
N ARG D 16 -11.56 14.63 36.91
CA ARG D 16 -12.69 14.31 36.06
C ARG D 16 -13.33 13.05 36.64
N ILE D 17 -12.47 12.14 37.05
CA ILE D 17 -12.94 10.88 37.62
C ILE D 17 -13.55 11.10 38.98
N LYS D 18 -12.94 11.99 39.75
CA LYS D 18 -13.44 12.32 41.08
C LYS D 18 -14.85 12.92 40.93
N THR D 19 -14.96 13.91 40.06
CA THR D 19 -16.23 14.59 39.83
C THR D 19 -17.34 13.66 39.39
N GLY D 20 -17.02 12.86 38.37
CA GLY D 20 -17.99 11.91 37.86
C GLY D 20 -18.59 11.00 38.92
N PHE D 21 -17.77 10.42 39.78
CA PHE D 21 -18.33 9.51 40.77
C PHE D 21 -19.28 10.17 41.75
N LEU D 22 -18.87 11.33 42.25
CA LEU D 22 -19.69 12.07 43.21
C LEU D 22 -21.06 12.38 42.64
N HIS D 23 -21.06 12.74 41.35
CA HIS D 23 -22.28 13.04 40.63
C HIS D 23 -23.12 11.75 40.56
N PHE D 24 -22.48 10.62 40.28
CA PHE D 24 -23.22 9.35 40.22
C PHE D 24 -23.77 9.05 41.61
N LYS D 25 -22.90 9.19 42.62
CA LYS D 25 -23.26 8.93 44.01
C LYS D 25 -24.55 9.62 44.49
N LYS D 26 -24.63 10.94 44.33
CA LYS D 26 -25.82 11.64 44.79
C LYS D 26 -27.00 11.66 43.81
N GLU D 27 -26.72 11.64 42.50
CA GLU D 27 -27.81 11.68 41.53
C GLU D 27 -28.43 10.33 41.21
N LYS D 28 -27.65 9.27 41.25
CA LYS D 28 -28.22 7.96 40.98
C LYS D 28 -28.20 7.04 42.18
N TYR D 29 -27.02 6.86 42.75
CA TYR D 29 -26.86 5.96 43.88
C TYR D 29 -27.70 6.27 45.11
N ASP D 30 -27.58 7.46 45.65
CA ASP D 30 -28.35 7.80 46.84
C ASP D 30 -29.85 7.95 46.63
N LYS D 31 -30.26 8.29 45.42
CA LYS D 31 -31.67 8.46 45.10
C LYS D 31 -32.44 7.19 44.73
N ASN D 32 -31.79 6.04 44.81
CA ASN D 32 -32.42 4.75 44.48
C ASN D 32 -31.95 3.69 45.48
N PRO D 33 -32.22 3.91 46.77
CA PRO D 33 -31.82 2.99 47.83
C PRO D 33 -32.42 1.59 47.73
N ALA D 34 -33.64 1.51 47.24
CA ALA D 34 -34.30 0.22 47.13
C ALA D 34 -33.53 -0.62 46.12
N LEU D 35 -33.31 -0.02 44.95
CA LEU D 35 -32.61 -0.65 43.85
C LEU D 35 -31.19 -1.06 44.21
N TYR D 36 -30.35 -0.10 44.61
CA TYR D 36 -28.97 -0.45 44.94
C TYR D 36 -28.88 -1.38 46.12
N GLY D 37 -29.94 -1.39 46.94
CA GLY D 37 -29.96 -2.28 48.08
C GLY D 37 -30.12 -3.71 47.59
N GLU D 38 -30.92 -3.91 46.54
CA GLU D 38 -31.08 -5.28 46.03
C GLU D 38 -29.87 -5.71 45.18
N LEU D 39 -29.34 -4.77 44.40
CA LEU D 39 -28.18 -5.07 43.55
C LEU D 39 -26.96 -5.43 44.39
N ALA D 40 -26.92 -4.95 45.61
CA ALA D 40 -25.81 -5.26 46.49
C ALA D 40 -25.84 -6.75 46.82
N LYS D 41 -27.01 -7.37 46.66
CA LYS D 41 -27.18 -8.78 46.99
C LYS D 41 -26.89 -9.78 45.87
N GLY D 42 -26.81 -9.27 44.65
CA GLY D 42 -26.54 -10.08 43.47
C GLY D 42 -27.10 -9.38 42.23
N GLN D 43 -26.88 -10.01 41.08
CA GLN D 43 -27.34 -9.47 39.80
C GLN D 43 -28.00 -10.62 39.06
N SER D 44 -29.03 -10.29 38.28
CA SER D 44 -29.75 -11.27 37.48
C SER D 44 -30.24 -10.50 36.24
N PRO D 45 -29.30 -9.99 35.44
CA PRO D 45 -29.59 -9.21 34.22
C PRO D 45 -30.20 -10.15 33.16
N PRO D 46 -31.22 -9.67 32.43
CA PRO D 46 -31.79 -10.59 31.41
C PRO D 46 -30.96 -10.60 30.13
N PHE D 47 -30.08 -9.62 30.02
CA PHE D 47 -29.22 -9.48 28.85
C PHE D 47 -27.72 -9.60 29.01
N MET D 48 -27.13 -10.17 27.95
CA MET D 48 -25.71 -10.20 27.78
C MET D 48 -25.63 -9.43 26.45
N VAL D 49 -24.74 -8.46 26.43
CA VAL D 49 -24.58 -7.61 25.27
C VAL D 49 -23.13 -7.52 24.85
N PHE D 50 -22.85 -7.72 23.56
CA PHE D 50 -21.50 -7.51 23.04
C PHE D 50 -21.62 -6.19 22.30
N ALA D 51 -20.67 -5.28 22.53
CA ALA D 51 -20.72 -3.99 21.89
C ALA D 51 -19.28 -3.52 21.67
N CYS D 52 -19.06 -2.60 20.75
CA CYS D 52 -17.73 -2.13 20.47
C CYS D 52 -17.17 -1.25 21.61
N SER D 53 -15.85 -1.27 21.71
CA SER D 53 -15.14 -0.51 22.76
C SER D 53 -15.20 0.99 22.45
N ASP D 54 -15.53 1.29 21.20
CA ASP D 54 -15.67 2.66 20.67
C ASP D 54 -16.35 3.57 21.74
N SER D 55 -15.76 4.72 22.03
CA SER D 55 -16.33 5.60 23.10
C SER D 55 -17.70 6.21 22.86
N ARG D 56 -18.19 6.11 21.62
CA ARG D 56 -19.48 6.65 21.17
C ARG D 56 -20.66 5.68 21.17
N VAL D 57 -20.42 4.43 21.54
CA VAL D 57 -21.49 3.47 21.46
C VAL D 57 -21.80 2.75 22.76
N CYS D 58 -21.48 3.36 23.90
N CYS D 58 -21.50 3.38 23.89
CA CYS D 58 -21.76 2.69 25.17
CA CYS D 58 -21.78 2.81 25.22
C CYS D 58 -23.20 2.23 25.19
C CYS D 58 -23.21 2.27 25.26
N PRO D 59 -23.38 0.92 25.37
CA PRO D 59 -24.71 0.30 25.41
C PRO D 59 -25.61 0.80 26.53
N SER D 60 -25.02 1.19 27.65
CA SER D 60 -25.83 1.70 28.76
C SER D 60 -26.59 2.93 28.24
N HIS D 61 -25.87 3.84 27.59
CA HIS D 61 -26.48 5.05 27.03
C HIS D 61 -27.45 4.77 25.87
N VAL D 62 -26.91 4.15 24.81
CA VAL D 62 -27.69 3.85 23.60
C VAL D 62 -28.98 3.10 23.84
N LEU D 63 -28.97 2.09 24.72
CA LEU D 63 -30.20 1.35 24.98
C LEU D 63 -30.80 1.67 26.33
N ASP D 64 -30.20 2.66 26.98
CA ASP D 64 -30.67 3.13 28.29
C ASP D 64 -30.75 1.99 29.28
N PHE D 65 -29.75 1.11 29.29
CA PHE D 65 -29.78 0.01 30.23
C PHE D 65 -29.47 0.55 31.62
N GLN D 66 -30.19 0.07 32.62
CA GLN D 66 -30.00 0.46 34.02
C GLN D 66 -29.12 -0.57 34.73
N PRO D 67 -28.44 -0.17 35.83
CA PRO D 67 -27.61 -1.17 36.51
C PRO D 67 -28.42 -2.41 36.85
N GLY D 68 -27.82 -3.57 36.64
CA GLY D 68 -28.51 -4.82 36.90
C GLY D 68 -29.24 -5.38 35.68
N GLU D 69 -29.25 -4.65 34.56
CA GLU D 69 -29.99 -5.16 33.40
C GLU D 69 -29.21 -5.93 32.34
N ALA D 70 -27.97 -5.51 32.15
CA ALA D 70 -27.12 -6.09 31.13
C ALA D 70 -25.67 -6.37 31.51
N PHE D 71 -25.30 -7.64 31.30
CA PHE D 71 -23.95 -8.16 31.51
C PHE D 71 -23.30 -7.78 30.17
N VAL D 72 -22.27 -6.93 30.22
CA VAL D 72 -21.67 -6.40 29.02
C VAL D 72 -20.25 -6.81 28.70
N VAL D 73 -20.02 -7.09 27.43
CA VAL D 73 -18.69 -7.40 26.94
C VAL D 73 -18.45 -6.35 25.88
N ARG D 74 -17.32 -5.65 25.98
CA ARG D 74 -16.98 -4.65 25.00
C ARG D 74 -15.61 -4.96 24.48
N ASN D 75 -15.43 -4.93 23.15
CA ASN D 75 -14.13 -5.23 22.58
C ASN D 75 -14.07 -4.57 21.21
N VAL D 76 -12.92 -4.69 20.56
CA VAL D 76 -12.71 -4.08 19.26
C VAL D 76 -13.62 -4.71 18.21
N ALA D 77 -14.57 -3.91 17.76
CA ALA D 77 -15.51 -4.31 16.73
C ALA D 77 -16.58 -5.28 17.18
N ASN D 78 -16.83 -5.33 18.49
CA ASN D 78 -17.92 -6.10 19.07
C ASN D 78 -17.95 -7.54 18.51
N LEU D 79 -16.76 -8.12 18.35
CA LEU D 79 -16.61 -9.45 17.77
C LEU D 79 -16.76 -10.61 18.74
N VAL D 80 -17.32 -11.70 18.25
CA VAL D 80 -17.44 -12.91 19.04
C VAL D 80 -16.65 -14.03 18.33
N PRO D 81 -15.45 -14.38 18.85
CA PRO D 81 -14.73 -15.45 18.15
C PRO D 81 -15.37 -16.79 18.39
N PRO D 82 -15.00 -17.80 17.59
CA PRO D 82 -15.65 -19.10 17.85
C PRO D 82 -14.95 -19.73 19.07
N TYR D 83 -15.61 -20.73 19.66
CA TYR D 83 -15.13 -21.48 20.83
C TYR D 83 -13.69 -21.94 20.70
N ASP D 84 -12.82 -21.47 21.58
CA ASP D 84 -11.42 -21.89 21.54
C ASP D 84 -10.85 -21.55 22.90
N GLN D 85 -10.70 -22.58 23.73
CA GLN D 85 -10.16 -22.42 25.08
C GLN D 85 -8.72 -21.97 25.07
N ALA D 86 -7.99 -22.25 23.98
CA ALA D 86 -6.59 -21.84 23.95
C ALA D 86 -6.39 -20.38 23.49
N LYS D 87 -7.20 -19.93 22.53
CA LYS D 87 -7.06 -18.60 21.97
C LYS D 87 -8.06 -17.54 22.38
N TYR D 88 -9.28 -17.95 22.75
CA TYR D 88 -10.31 -17.00 23.05
C TYR D 88 -11.02 -17.27 24.36
N ALA D 89 -10.21 -17.47 25.38
CA ALA D 89 -10.72 -17.74 26.70
C ALA D 89 -11.51 -16.57 27.27
N GLY D 90 -11.04 -15.34 27.04
CA GLY D 90 -11.75 -14.17 27.58
C GLY D 90 -13.20 -14.11 27.13
N THR D 91 -13.44 -14.28 25.84
CA THR D 91 -14.79 -14.27 25.32
C THR D 91 -15.54 -15.49 25.81
N GLY D 92 -14.89 -16.65 25.77
CA GLY D 92 -15.61 -17.86 26.19
C GLY D 92 -16.00 -17.79 27.66
N ALA D 93 -15.11 -17.26 28.48
CA ALA D 93 -15.39 -17.15 29.93
C ALA D 93 -16.62 -16.24 30.20
N ALA D 94 -16.77 -15.18 29.41
CA ALA D 94 -17.91 -14.27 29.59
C ALA D 94 -19.20 -14.97 29.17
N ILE D 95 -19.18 -15.62 28.02
CA ILE D 95 -20.39 -16.31 27.60
C ILE D 95 -20.78 -17.40 28.62
N GLU D 96 -19.80 -18.14 29.11
CA GLU D 96 -20.10 -19.23 30.05
C GLU D 96 -20.68 -18.69 31.35
N TYR D 97 -20.08 -17.61 31.85
CA TYR D 97 -20.57 -17.04 33.09
C TYR D 97 -22.01 -16.52 32.91
N ALA D 98 -22.22 -15.74 31.84
CA ALA D 98 -23.52 -15.16 31.55
C ALA D 98 -24.58 -16.23 31.33
N VAL D 99 -24.24 -17.18 30.46
CA VAL D 99 -25.20 -18.23 30.17
C VAL D 99 -25.45 -19.26 31.28
N LEU D 100 -24.39 -19.82 31.86
CA LEU D 100 -24.64 -20.86 32.86
C LEU D 100 -24.77 -20.38 34.30
N HIS D 101 -24.10 -19.28 34.64
CA HIS D 101 -24.18 -18.80 36.01
C HIS D 101 -25.21 -17.72 36.21
N LEU D 102 -25.16 -16.62 35.47
CA LEU D 102 -26.20 -15.59 35.71
C LEU D 102 -27.48 -15.98 34.99
N LYS D 103 -27.37 -16.92 34.07
CA LYS D 103 -28.55 -17.39 33.34
C LYS D 103 -29.32 -16.29 32.57
N VAL D 104 -28.59 -15.48 31.82
CA VAL D 104 -29.20 -14.42 31.02
C VAL D 104 -30.13 -15.12 30.05
N SER D 105 -31.14 -14.40 29.59
CA SER D 105 -32.15 -14.93 28.68
C SER D 105 -31.90 -14.46 27.27
N ASN D 106 -31.02 -13.48 27.11
CA ASN D 106 -30.76 -12.92 25.76
C ASN D 106 -29.31 -12.58 25.55
N ILE D 107 -28.81 -12.81 24.32
CA ILE D 107 -27.45 -12.38 23.99
C ILE D 107 -27.64 -11.51 22.75
N VAL D 108 -27.22 -10.25 22.88
CA VAL D 108 -27.36 -9.31 21.78
C VAL D 108 -25.99 -8.83 21.34
N VAL D 109 -25.70 -8.98 20.04
CA VAL D 109 -24.43 -8.55 19.51
C VAL D 109 -24.74 -7.29 18.73
N ILE D 110 -24.14 -6.17 19.13
CA ILE D 110 -24.43 -4.87 18.51
C ILE D 110 -23.26 -4.22 17.83
N GLY D 111 -23.40 -4.04 16.49
CA GLY D 111 -22.40 -3.40 15.66
C GLY D 111 -22.78 -1.92 15.44
N HIS D 112 -21.93 -1.15 14.78
CA HIS D 112 -22.28 0.27 14.63
C HIS D 112 -21.61 0.96 13.44
N SER D 113 -22.20 2.06 13.01
CA SER D 113 -21.69 2.87 11.90
C SER D 113 -20.29 3.38 12.19
N ALA D 114 -19.48 3.47 11.13
CA ALA D 114 -18.11 3.96 11.22
C ALA D 114 -17.23 3.23 12.23
N CYS D 115 -17.33 1.91 12.29
CA CYS D 115 -16.51 1.13 13.20
C CYS D 115 -15.07 0.98 12.71
N GLY D 116 -14.12 1.45 13.50
CA GLY D 116 -12.70 1.39 13.13
C GLY D 116 -12.14 -0.03 12.94
N GLY D 117 -12.64 -0.96 13.76
CA GLY D 117 -12.22 -2.35 13.66
C GLY D 117 -12.57 -2.94 12.29
N ILE D 118 -13.79 -2.66 11.82
CA ILE D 118 -14.26 -3.16 10.52
C ILE D 118 -13.52 -2.47 9.37
N LYS D 119 -13.25 -1.19 9.58
CA LYS D 119 -12.48 -0.45 8.60
C LYS D 119 -11.10 -1.13 8.46
N GLY D 120 -10.50 -1.52 9.57
CA GLY D 120 -9.22 -2.17 9.50
C GLY D 120 -9.35 -3.51 8.76
N LEU D 121 -10.38 -4.25 9.14
CA LEU D 121 -10.67 -5.53 8.53
C LEU D 121 -10.76 -5.39 7.02
N LEU D 122 -11.51 -4.39 6.57
CA LEU D 122 -11.66 -4.18 5.14
C LEU D 122 -10.42 -3.66 4.48
N SER D 123 -9.57 -2.91 5.19
CA SER D 123 -8.42 -2.39 4.48
C SER D 123 -7.13 -3.22 4.61
N PHE D 124 -6.99 -3.99 5.68
CA PHE D 124 -5.81 -4.84 5.79
C PHE D 124 -5.94 -5.93 4.73
N PRO D 125 -4.81 -6.35 4.16
CA PRO D 125 -4.74 -7.36 3.11
C PRO D 125 -4.93 -8.80 3.55
N PHE D 126 -4.42 -9.13 4.74
CA PHE D 126 -4.49 -10.49 5.28
C PHE D 126 -3.89 -11.42 4.26
N ASP D 127 -2.71 -11.04 3.79
CA ASP D 127 -1.97 -11.76 2.77
C ASP D 127 -0.65 -12.30 3.30
N GLY D 128 -0.60 -12.59 4.59
CA GLY D 128 0.64 -13.10 5.16
C GLY D 128 1.41 -12.07 5.94
N THR D 129 1.39 -10.81 5.52
CA THR D 129 2.13 -9.79 6.27
C THR D 129 1.20 -9.00 7.19
N TYR D 130 1.67 -8.75 8.40
CA TYR D 130 0.90 -7.98 9.37
C TYR D 130 1.69 -6.70 9.65
N SER D 131 0.98 -5.61 9.90
CA SER D 131 1.61 -4.31 10.21
C SER D 131 1.18 -3.83 11.61
N THR D 132 0.45 -4.68 12.33
CA THR D 132 -0.01 -4.35 13.69
C THR D 132 0.44 -5.52 14.58
N ASP D 133 0.42 -5.33 15.90
CA ASP D 133 0.81 -6.39 16.80
C ASP D 133 -0.36 -7.31 17.11
N PHE D 134 -1.56 -6.71 17.23
CA PHE D 134 -2.75 -7.46 17.58
C PHE D 134 -4.01 -7.19 16.77
N ILE D 135 -4.18 -5.95 16.31
CA ILE D 135 -5.39 -5.57 15.61
C ILE D 135 -5.78 -6.49 14.47
N GLU D 136 -4.88 -6.66 13.51
CA GLU D 136 -5.18 -7.56 12.40
C GLU D 136 -5.52 -8.97 12.95
N GLU D 137 -4.68 -9.46 13.86
CA GLU D 137 -4.89 -10.77 14.47
C GLU D 137 -6.31 -10.95 15.01
N TRP D 138 -6.81 -9.91 15.68
CA TRP D 138 -8.12 -9.96 16.26
C TRP D 138 -9.26 -9.82 15.25
N VAL D 139 -9.20 -8.81 14.39
CA VAL D 139 -10.29 -8.64 13.47
C VAL D 139 -10.39 -9.69 12.37
N LYS D 140 -9.39 -10.56 12.25
CA LYS D 140 -9.45 -11.60 11.23
C LYS D 140 -10.69 -12.43 11.54
N ILE D 141 -11.15 -12.42 12.80
CA ILE D 141 -12.36 -13.14 13.17
C ILE D 141 -13.46 -12.85 12.16
N GLY D 142 -13.45 -11.61 11.62
CA GLY D 142 -14.45 -11.13 10.68
C GLY D 142 -14.20 -11.44 9.21
N LEU D 143 -13.18 -12.22 8.88
CA LEU D 143 -12.90 -12.52 7.48
C LEU D 143 -14.09 -13.10 6.71
N PRO D 144 -14.89 -13.98 7.34
CA PRO D 144 -16.00 -14.46 6.50
C PRO D 144 -16.98 -13.37 6.08
N ALA D 145 -17.20 -12.37 6.94
CA ALA D 145 -18.10 -11.28 6.58
C ALA D 145 -17.43 -10.48 5.46
N LYS D 146 -16.13 -10.24 5.57
CA LYS D 146 -15.42 -9.50 4.52
C LYS D 146 -15.58 -10.26 3.20
N ALA D 147 -15.33 -11.56 3.24
CA ALA D 147 -15.50 -12.36 2.01
C ALA D 147 -16.92 -12.27 1.42
N LYS D 148 -17.96 -12.31 2.25
CA LYS D 148 -19.32 -12.23 1.73
C LYS D 148 -19.60 -10.89 1.04
N VAL D 149 -19.27 -9.82 1.76
CA VAL D 149 -19.48 -8.49 1.27
C VAL D 149 -18.77 -8.22 -0.04
N LYS D 150 -17.52 -8.61 -0.10
CA LYS D 150 -16.75 -8.42 -1.31
C LYS D 150 -17.34 -9.22 -2.48
N ALA D 151 -17.85 -10.42 -2.19
CA ALA D 151 -18.44 -11.23 -3.26
C ALA D 151 -19.76 -10.64 -3.76
N GLN D 152 -20.54 -10.04 -2.85
CA GLN D 152 -21.82 -9.50 -3.25
C GLN D 152 -21.92 -8.02 -3.44
N HIS D 153 -20.93 -7.27 -2.98
CA HIS D 153 -20.96 -5.82 -3.13
C HIS D 153 -19.58 -5.29 -3.44
N GLY D 154 -18.72 -6.16 -3.93
CA GLY D 154 -17.33 -5.83 -4.23
C GLY D 154 -16.98 -4.51 -4.90
N ASP D 155 -17.84 -4.08 -5.80
CA ASP D 155 -17.66 -2.85 -6.56
C ASP D 155 -18.16 -1.59 -5.85
N ALA D 156 -18.86 -1.77 -4.73
CA ALA D 156 -19.43 -0.63 -4.01
C ALA D 156 -18.38 0.34 -3.46
N PRO D 157 -18.77 1.62 -3.27
CA PRO D 157 -17.77 2.56 -2.72
C PRO D 157 -17.41 2.08 -1.31
N PHE D 158 -16.17 2.35 -0.88
CA PHE D 158 -15.66 1.93 0.43
C PHE D 158 -16.59 2.17 1.61
N ALA D 159 -17.24 3.33 1.64
CA ALA D 159 -18.16 3.68 2.72
C ALA D 159 -19.34 2.70 2.84
N GLU D 160 -19.85 2.24 1.71
CA GLU D 160 -20.95 1.29 1.69
C GLU D 160 -20.45 -0.09 2.11
N LEU D 161 -19.29 -0.46 1.60
CA LEU D 161 -18.67 -1.72 1.96
C LEU D 161 -18.52 -1.73 3.47
N CYS D 162 -18.16 -0.60 4.08
CA CYS D 162 -18.03 -0.56 5.53
C CYS D 162 -19.34 -0.86 6.21
N THR D 163 -20.44 -0.23 5.79
CA THR D 163 -21.77 -0.49 6.37
C THR D 163 -22.16 -1.98 6.18
N HIS D 164 -22.03 -2.48 4.95
CA HIS D 164 -22.36 -3.91 4.70
C HIS D 164 -21.55 -4.82 5.63
N CYS D 165 -20.22 -4.62 5.67
CA CYS D 165 -19.36 -5.45 6.50
C CYS D 165 -19.67 -5.33 7.99
N GLU D 166 -20.03 -4.14 8.47
CA GLU D 166 -20.37 -3.97 9.88
C GLU D 166 -21.58 -4.86 10.24
N LYS D 167 -22.57 -4.93 9.35
CA LYS D 167 -23.75 -5.74 9.64
C LYS D 167 -23.50 -7.25 9.49
N GLU D 168 -22.73 -7.63 8.47
CA GLU D 168 -22.43 -9.06 8.23
C GLU D 168 -21.49 -9.55 9.30
N ALA D 169 -20.67 -8.65 9.84
CA ALA D 169 -19.75 -9.05 10.89
C ALA D 169 -20.58 -9.45 12.14
N VAL D 170 -21.67 -8.75 12.41
CA VAL D 170 -22.55 -9.12 13.51
C VAL D 170 -23.15 -10.54 13.17
N ASN D 171 -23.61 -10.74 11.94
CA ASN D 171 -24.15 -12.07 11.57
C ASN D 171 -23.05 -13.14 11.73
N ALA D 172 -21.80 -12.80 11.42
CA ALA D 172 -20.71 -13.76 11.63
C ALA D 172 -20.53 -14.07 13.13
N SER D 173 -20.66 -13.06 14.00
CA SER D 173 -20.51 -13.30 15.43
C SER D 173 -21.65 -14.13 15.98
N LEU D 174 -22.87 -13.92 15.46
CA LEU D 174 -24.03 -14.66 15.89
C LEU D 174 -23.73 -16.15 15.49
N GLY D 175 -23.21 -16.35 14.29
CA GLY D 175 -22.83 -17.70 13.85
C GLY D 175 -21.79 -18.26 14.85
N ASN D 176 -20.81 -17.44 15.29
CA ASN D 176 -19.80 -17.96 16.22
C ASN D 176 -20.32 -18.32 17.58
N LEU D 177 -21.40 -17.67 17.99
CA LEU D 177 -22.03 -17.95 19.29
C LEU D 177 -22.58 -19.40 19.22
N LEU D 178 -23.00 -19.82 18.05
CA LEU D 178 -23.57 -21.17 17.89
C LEU D 178 -22.53 -22.29 17.95
N THR D 179 -21.27 -21.93 18.15
CA THR D 179 -20.17 -22.91 18.29
C THR D 179 -20.00 -23.14 19.82
N TYR D 180 -20.70 -22.38 20.68
CA TYR D 180 -20.64 -22.66 22.13
C TYR D 180 -21.78 -23.63 22.42
N PRO D 181 -21.42 -24.84 22.87
CA PRO D 181 -22.47 -25.82 23.14
C PRO D 181 -23.55 -25.37 24.10
N PHE D 182 -23.17 -24.62 25.14
CA PHE D 182 -24.18 -24.18 26.10
C PHE D 182 -25.06 -23.08 25.51
N VAL D 183 -24.62 -22.43 24.43
CA VAL D 183 -25.48 -21.46 23.77
C VAL D 183 -26.54 -22.24 22.94
N ARG D 184 -26.10 -23.25 22.18
CA ARG D 184 -27.02 -24.06 21.38
C ARG D 184 -28.05 -24.67 22.27
N GLU D 185 -27.60 -25.19 23.40
CA GLU D 185 -28.51 -25.84 24.33
C GLU D 185 -29.58 -24.91 24.93
N GLY D 186 -29.23 -23.65 25.18
CA GLY D 186 -30.21 -22.71 25.76
C GLY D 186 -31.22 -22.33 24.69
N LEU D 187 -30.76 -22.23 23.45
CA LEU D 187 -31.66 -21.94 22.35
C LEU D 187 -32.59 -23.11 22.17
N VAL D 188 -32.02 -24.34 22.17
CA VAL D 188 -32.91 -25.48 22.01
C VAL D 188 -33.95 -25.54 23.13
N ASN D 189 -33.52 -25.28 24.35
CA ASN D 189 -34.42 -25.32 25.51
C ASN D 189 -35.28 -24.05 25.68
N LYS D 190 -35.24 -23.13 24.73
CA LYS D 190 -36.03 -21.90 24.80
C LYS D 190 -35.73 -21.04 26.03
N THR D 191 -34.57 -21.23 26.64
CA THR D 191 -34.22 -20.41 27.80
C THR D 191 -33.25 -19.30 27.34
N LEU D 192 -32.88 -19.30 26.06
CA LEU D 192 -31.97 -18.25 25.59
C LEU D 192 -32.42 -17.78 24.21
N ALA D 193 -32.20 -16.51 23.90
CA ALA D 193 -32.54 -15.91 22.60
C ALA D 193 -31.30 -15.19 22.11
N LEU D 194 -31.13 -15.06 20.79
CA LEU D 194 -29.95 -14.39 20.20
C LEU D 194 -30.46 -13.32 19.23
N LYS D 195 -29.80 -12.17 19.26
CA LYS D 195 -30.23 -11.09 18.40
C LYS D 195 -29.01 -10.30 17.90
N GLY D 196 -29.17 -9.66 16.73
CA GLY D 196 -28.10 -8.81 16.26
C GLY D 196 -28.69 -7.39 16.27
N GLY D 197 -27.82 -6.40 16.40
CA GLY D 197 -28.26 -5.01 16.40
C GLY D 197 -27.27 -4.16 15.62
N TYR D 198 -27.73 -3.03 15.12
CA TYR D 198 -26.82 -2.12 14.43
C TYR D 198 -27.24 -0.70 14.82
N TYR D 199 -26.31 0.05 15.40
CA TYR D 199 -26.59 1.42 15.81
C TYR D 199 -25.89 2.38 14.87
N ASP D 200 -26.64 3.24 14.18
CA ASP D 200 -26.02 4.20 13.27
C ASP D 200 -26.02 5.53 14.01
N PHE D 201 -24.87 6.00 14.47
CA PHE D 201 -24.84 7.25 15.21
C PHE D 201 -24.70 8.48 14.31
N VAL D 202 -24.62 8.24 13.01
CA VAL D 202 -24.53 9.30 12.02
C VAL D 202 -25.96 9.70 11.67
N LYS D 203 -26.81 8.72 11.37
CA LYS D 203 -28.20 8.99 11.08
C LYS D 203 -29.00 8.96 12.38
N GLY D 204 -28.49 8.31 13.42
CA GLY D 204 -29.27 8.22 14.64
C GLY D 204 -30.40 7.18 14.51
N SER D 205 -30.06 5.92 14.22
CA SER D 205 -31.09 4.89 14.05
C SER D 205 -30.61 3.59 14.70
N PHE D 206 -31.55 2.65 14.86
CA PHE D 206 -31.21 1.36 15.44
C PHE D 206 -32.05 0.27 14.77
N GLU D 207 -31.40 -0.83 14.33
CA GLU D 207 -32.11 -1.97 13.74
C GLU D 207 -31.82 -3.19 14.61
N LEU D 208 -32.83 -4.00 14.80
CA LEU D 208 -32.67 -5.20 15.61
C LEU D 208 -33.20 -6.35 14.76
N TRP D 209 -32.60 -7.52 14.92
CA TRP D 209 -33.08 -8.68 14.20
C TRP D 209 -32.85 -9.88 15.11
N GLY D 210 -33.60 -10.94 14.86
CA GLY D 210 -33.46 -12.13 15.71
C GLY D 210 -32.92 -13.32 14.96
N LEU D 211 -32.39 -14.27 15.72
CA LEU D 211 -31.83 -15.47 15.16
C LEU D 211 -32.70 -16.57 15.72
N GLU D 212 -33.02 -17.54 14.89
CA GLU D 212 -33.83 -18.68 15.30
C GLU D 212 -32.93 -19.90 15.17
N PHE D 213 -32.92 -20.73 16.19
CA PHE D 213 -32.11 -21.95 16.14
C PHE D 213 -32.81 -23.06 16.87
N GLY D 214 -32.77 -24.25 16.28
CA GLY D 214 -33.38 -25.41 16.92
C GLY D 214 -32.78 -26.71 16.40
N LEU D 215 -33.09 -27.80 17.09
CA LEU D 215 -32.67 -29.16 16.71
C LEU D 215 -33.91 -30.03 16.92
N SER D 216 -34.18 -30.95 16.01
CA SER D 216 -35.34 -31.83 16.17
C SER D 216 -35.01 -33.27 15.76
N SER D 217 -35.47 -34.20 16.57
CA SER D 217 -35.23 -35.62 16.31
C SER D 217 -36.05 -36.00 15.09
N THR D 218 -35.47 -36.67 14.11
CA THR D 218 -36.27 -37.02 12.93
C THR D 218 -36.69 -38.50 12.99
N PHE D 219 -35.73 -39.37 13.20
CA PHE D 219 -36.07 -40.79 13.28
C PHE D 219 -34.90 -41.58 13.85
N SER D 220 -35.19 -42.78 14.32
CA SER D 220 -34.16 -43.61 14.86
C SER D 220 -34.62 -45.04 14.46
N VAL D 221 -33.83 -45.70 13.61
CA VAL D 221 -34.21 -47.01 13.11
C VAL D 221 -33.06 -48.00 13.20
N LYS E 10 1.55 2.79 -10.08
CA LYS E 10 2.05 1.44 -9.69
C LYS E 10 3.10 1.63 -8.57
N SER E 11 2.65 1.65 -7.32
CA SER E 11 3.55 1.86 -6.17
C SER E 11 4.82 1.00 -6.11
N GLU E 12 4.71 -0.31 -6.32
CA GLU E 12 5.91 -1.13 -6.28
C GLU E 12 6.86 -0.56 -7.32
N ALA E 13 6.29 -0.20 -8.47
CA ALA E 13 7.08 0.38 -9.57
C ALA E 13 7.45 1.85 -9.31
N SER E 14 6.49 2.65 -8.86
CA SER E 14 6.74 4.07 -8.59
C SER E 14 7.74 4.26 -7.45
N GLU E 15 7.83 3.28 -6.57
CA GLU E 15 8.74 3.33 -5.44
C GLU E 15 10.11 2.93 -5.95
N ARG E 16 10.10 1.88 -6.78
CA ARG E 16 11.30 1.36 -7.41
C ARG E 16 11.95 2.54 -8.10
N ILE E 17 11.13 3.40 -8.70
CA ILE E 17 11.65 4.57 -9.40
C ILE E 17 12.21 5.61 -8.45
N LYS E 18 11.48 5.92 -7.37
CA LYS E 18 11.97 6.93 -6.43
C LYS E 18 13.30 6.50 -5.79
N THR E 19 13.30 5.29 -5.23
CA THR E 19 14.50 4.79 -4.59
C THR E 19 15.71 4.72 -5.57
N GLY E 20 15.44 4.37 -6.84
CA GLY E 20 16.52 4.30 -7.81
C GLY E 20 17.12 5.65 -8.17
N PHE E 21 16.33 6.71 -8.07
CA PHE E 21 16.82 8.04 -8.38
C PHE E 21 17.60 8.59 -7.19
N LEU E 22 17.05 8.41 -5.99
CA LEU E 22 17.69 8.90 -4.78
C LEU E 22 19.07 8.29 -4.65
N HIS E 23 19.19 7.04 -5.10
CA HIS E 23 20.46 6.31 -5.09
C HIS E 23 21.45 7.00 -6.02
N PHE E 24 20.99 7.30 -7.24
CA PHE E 24 21.83 8.00 -8.22
C PHE E 24 22.15 9.42 -7.75
N LYS E 25 21.15 10.09 -7.18
CA LYS E 25 21.28 11.46 -6.71
C LYS E 25 22.43 11.64 -5.72
N LYS E 26 22.47 10.81 -4.68
CA LYS E 26 23.52 10.93 -3.68
C LYS E 26 24.86 10.28 -4.05
N GLU E 27 24.80 9.03 -4.49
CA GLU E 27 26.00 8.28 -4.85
C GLU E 27 26.72 8.72 -6.14
N LYS E 28 26.08 9.58 -6.92
CA LYS E 28 26.72 10.04 -8.14
C LYS E 28 26.57 11.53 -8.36
N TYR E 29 25.35 11.98 -8.62
CA TYR E 29 25.12 13.39 -8.85
C TYR E 29 25.81 14.25 -7.80
N ASP E 30 25.59 13.90 -6.53
CA ASP E 30 26.18 14.65 -5.43
C ASP E 30 27.67 14.36 -5.27
N LYS E 31 28.03 13.08 -5.33
CA LYS E 31 29.41 12.66 -5.20
C LYS E 31 30.32 13.09 -6.35
N ASN E 32 29.89 14.06 -7.13
CA ASN E 32 30.71 14.56 -8.24
C ASN E 32 30.12 15.83 -8.85
N PRO E 33 30.00 16.88 -8.04
CA PRO E 33 29.45 18.17 -8.48
C PRO E 33 30.30 18.84 -9.56
N ALA E 34 31.51 18.33 -9.74
CA ALA E 34 32.42 18.86 -10.74
C ALA E 34 31.84 18.56 -12.10
N LEU E 35 31.79 17.27 -12.41
CA LEU E 35 31.25 16.79 -13.67
C LEU E 35 29.86 17.35 -13.97
N TYR E 36 28.93 17.13 -13.04
CA TYR E 36 27.56 17.58 -13.20
C TYR E 36 27.40 19.10 -13.29
N GLY E 37 28.37 19.83 -12.74
CA GLY E 37 28.31 21.29 -12.80
C GLY E 37 28.55 21.74 -14.22
N GLU E 38 29.40 21.00 -14.92
CA GLU E 38 29.71 21.30 -16.31
C GLU E 38 28.64 20.77 -17.25
N LEU E 39 28.30 19.49 -17.08
CA LEU E 39 27.26 18.85 -17.89
C LEU E 39 26.00 19.68 -17.91
N ALA E 40 25.76 20.37 -16.80
CA ALA E 40 24.58 21.23 -16.64
C ALA E 40 24.58 22.41 -17.59
N LYS E 41 25.71 22.65 -18.24
CA LYS E 41 25.88 23.79 -19.13
C LYS E 41 25.83 23.41 -20.62
N GLY E 42 26.04 22.13 -20.91
CA GLY E 42 25.99 21.65 -22.27
C GLY E 42 26.56 20.25 -22.36
N GLN E 43 26.49 19.63 -23.53
CA GLN E 43 27.04 18.28 -23.69
C GLN E 43 27.84 18.27 -24.99
N SER E 44 28.75 17.31 -25.10
CA SER E 44 29.58 17.16 -26.28
C SER E 44 30.16 15.75 -26.28
N PRO E 45 29.28 14.74 -26.38
CA PRO E 45 29.71 13.33 -26.40
C PRO E 45 30.53 13.03 -27.63
N PRO E 46 31.62 12.28 -27.44
CA PRO E 46 32.41 11.97 -28.64
C PRO E 46 31.75 10.82 -29.37
N PHE E 47 30.92 10.08 -28.66
CA PHE E 47 30.26 8.93 -29.25
C PHE E 47 28.76 9.02 -29.53
N MET E 48 28.35 8.35 -30.59
CA MET E 48 26.94 8.22 -30.94
C MET E 48 26.84 6.71 -31.01
N VAL E 49 25.86 6.16 -30.28
CA VAL E 49 25.70 4.72 -30.25
C VAL E 49 24.31 4.21 -30.54
N PHE E 50 24.25 3.09 -31.26
CA PHE E 50 23.02 2.39 -31.57
C PHE E 50 23.13 1.03 -30.87
N ALA E 51 22.15 0.76 -30.01
CA ALA E 51 22.08 -0.49 -29.28
C ALA E 51 20.63 -0.95 -29.22
N CYS E 52 20.44 -2.24 -28.99
CA CYS E 52 19.13 -2.85 -28.92
C CYS E 52 18.36 -2.39 -27.67
N SER E 53 17.03 -2.37 -27.76
CA SER E 53 16.24 -1.93 -26.60
C SER E 53 16.31 -2.99 -25.50
N ASP E 54 16.63 -4.24 -25.88
CA ASP E 54 16.76 -5.37 -24.96
C ASP E 54 17.24 -4.83 -23.61
N SER E 55 16.57 -5.18 -22.51
CA SER E 55 16.93 -4.66 -21.17
C SER E 55 18.29 -5.15 -20.63
N ARG E 56 18.81 -6.22 -21.22
CA ARG E 56 20.09 -6.82 -20.83
C ARG E 56 21.31 -6.26 -21.57
N VAL E 57 21.13 -5.25 -22.40
CA VAL E 57 22.26 -4.72 -23.16
C VAL E 57 22.41 -3.21 -23.11
N CYS E 58 22.17 -2.60 -21.95
CA CYS E 58 22.33 -1.16 -21.88
C CYS E 58 23.77 -0.79 -22.15
N PRO E 59 24.01 0.04 -23.18
CA PRO E 59 25.36 0.46 -23.53
C PRO E 59 26.14 1.14 -22.38
N SER E 60 25.44 1.91 -21.56
CA SER E 60 26.08 2.61 -20.45
C SER E 60 26.59 1.65 -19.37
N HIS E 61 26.28 0.37 -19.51
CA HIS E 61 26.73 -0.66 -18.57
C HIS E 61 27.83 -1.46 -19.25
N VAL E 62 27.47 -2.02 -20.40
CA VAL E 62 28.37 -2.87 -21.18
C VAL E 62 29.70 -2.20 -21.55
N LEU E 63 29.68 -0.88 -21.74
CA LEU E 63 30.90 -0.15 -22.11
C LEU E 63 31.28 0.96 -21.13
N ASP E 64 30.83 0.82 -19.89
CA ASP E 64 31.14 1.78 -18.83
C ASP E 64 31.07 3.24 -19.26
N PHE E 65 30.09 3.58 -20.09
CA PHE E 65 29.92 4.95 -20.54
C PHE E 65 29.40 5.83 -19.43
N GLN E 66 30.09 6.93 -19.19
CA GLN E 66 29.67 7.86 -18.14
C GLN E 66 28.76 8.91 -18.76
N PRO E 67 28.03 9.67 -17.93
CA PRO E 67 27.13 10.70 -18.44
C PRO E 67 27.91 11.77 -19.22
N GLY E 68 27.42 12.13 -20.40
CA GLY E 68 28.08 13.12 -21.22
C GLY E 68 28.99 12.49 -22.27
N GLU E 69 29.21 11.18 -22.17
CA GLU E 69 30.06 10.44 -23.10
C GLU E 69 29.40 9.94 -24.38
N ALA E 70 28.13 9.55 -24.30
CA ALA E 70 27.48 9.03 -25.50
C ALA E 70 26.01 9.39 -25.73
N PHE E 71 25.74 9.89 -26.94
CA PHE E 71 24.39 10.26 -27.40
C PHE E 71 23.90 8.88 -27.89
N VAL E 72 22.86 8.36 -27.22
CA VAL E 72 22.37 7.02 -27.55
C VAL E 72 21.01 6.86 -28.20
N VAL E 73 20.95 5.87 -29.10
CA VAL E 73 19.70 5.54 -29.75
C VAL E 73 19.47 4.08 -29.44
N ARG E 74 18.29 3.76 -28.95
CA ARG E 74 17.98 2.37 -28.68
C ARG E 74 16.66 2.04 -29.35
N ASN E 75 16.65 0.92 -30.07
CA ASN E 75 15.45 0.47 -30.77
C ASN E 75 15.51 -1.02 -30.94
N VAL E 76 14.46 -1.58 -31.53
CA VAL E 76 14.45 -3.02 -31.71
C VAL E 76 15.54 -3.43 -32.69
N ALA E 77 16.38 -4.37 -32.22
CA ALA E 77 17.49 -4.92 -32.99
C ALA E 77 18.55 -3.90 -33.44
N ASN E 78 18.66 -2.79 -32.72
CA ASN E 78 19.67 -1.76 -33.02
C ASN E 78 19.83 -1.52 -34.51
N LEU E 79 18.71 -1.38 -35.21
CA LEU E 79 18.76 -1.16 -36.65
C LEU E 79 18.86 0.30 -37.01
N VAL E 80 19.61 0.58 -38.07
CA VAL E 80 19.76 1.92 -38.59
C VAL E 80 19.18 1.83 -40.02
N PRO E 81 18.03 2.47 -40.27
CA PRO E 81 17.46 2.40 -41.61
C PRO E 81 18.05 3.44 -42.55
N PRO E 82 17.95 3.19 -43.86
CA PRO E 82 18.48 4.16 -44.82
C PRO E 82 17.74 5.49 -44.73
N TYR E 83 18.37 6.53 -45.28
CA TYR E 83 17.82 7.89 -45.31
C TYR E 83 16.38 7.88 -45.87
N ASP E 84 15.45 8.51 -45.15
CA ASP E 84 14.07 8.57 -45.61
C ASP E 84 13.31 9.51 -44.68
N GLN E 85 13.11 10.74 -45.12
CA GLN E 85 12.43 11.74 -44.32
C GLN E 85 10.96 11.40 -44.05
N ALA E 86 10.34 10.63 -44.95
CA ALA E 86 8.94 10.25 -44.78
C ALA E 86 8.74 9.08 -43.83
N LYS E 87 9.56 8.05 -43.95
CA LYS E 87 9.37 6.87 -43.12
C LYS E 87 10.27 6.70 -41.94
N TYR E 88 11.37 7.45 -41.91
CA TYR E 88 12.31 7.24 -40.83
C TYR E 88 12.84 8.50 -40.21
N ALA E 89 12.01 9.53 -40.14
CA ALA E 89 12.43 10.79 -39.55
C ALA E 89 13.08 10.57 -38.16
N GLY E 90 12.58 9.59 -37.42
CA GLY E 90 13.15 9.32 -36.10
C GLY E 90 14.64 9.05 -36.11
N THR E 91 15.06 8.05 -36.88
CA THR E 91 16.46 7.69 -37.00
C THR E 91 17.25 8.88 -37.57
N GLY E 92 16.71 9.44 -38.64
CA GLY E 92 17.38 10.54 -39.30
C GLY E 92 17.59 11.77 -38.43
N ALA E 93 16.59 12.12 -37.63
CA ALA E 93 16.73 13.29 -36.78
C ALA E 93 17.83 13.06 -35.74
N ALA E 94 17.92 11.84 -35.21
CA ALA E 94 18.94 11.55 -34.22
C ALA E 94 20.35 11.63 -34.82
N ILE E 95 20.52 11.03 -35.99
CA ILE E 95 21.82 11.08 -36.64
C ILE E 95 22.19 12.53 -36.99
N GLU E 96 21.22 13.29 -37.51
CA GLU E 96 21.45 14.68 -37.89
C GLU E 96 21.90 15.49 -36.69
N TYR E 97 21.17 15.37 -35.59
CA TYR E 97 21.49 16.12 -34.40
C TYR E 97 22.87 15.75 -33.84
N ALA E 98 23.19 14.45 -33.82
CA ALA E 98 24.48 13.99 -33.31
C ALA E 98 25.63 14.52 -34.16
N VAL E 99 25.59 14.18 -35.45
CA VAL E 99 26.64 14.60 -36.35
C VAL E 99 26.76 16.11 -36.58
N LEU E 100 25.66 16.77 -36.91
CA LEU E 100 25.75 18.19 -37.20
C LEU E 100 25.68 19.16 -36.04
N HIS E 101 24.97 18.81 -34.97
CA HIS E 101 24.86 19.71 -33.84
C HIS E 101 25.82 19.37 -32.70
N LEU E 102 25.82 18.12 -32.25
CA LEU E 102 26.72 17.74 -31.17
C LEU E 102 28.12 17.42 -31.66
N LYS E 103 28.28 17.29 -32.97
CA LYS E 103 29.60 17.01 -33.54
C LYS E 103 30.24 15.74 -32.98
N VAL E 104 29.50 14.64 -32.90
CA VAL E 104 30.16 13.43 -32.37
C VAL E 104 31.32 13.04 -33.29
N SER E 105 32.21 12.21 -32.79
CA SER E 105 33.37 11.79 -33.57
C SER E 105 33.25 10.37 -34.02
N ASN E 106 32.37 9.63 -33.35
CA ASN E 106 32.19 8.23 -33.67
C ASN E 106 30.72 7.86 -33.68
N ILE E 107 30.39 6.84 -34.46
CA ILE E 107 29.05 6.34 -34.51
C ILE E 107 29.25 4.84 -34.40
N VAL E 108 28.78 4.26 -33.30
CA VAL E 108 28.95 2.84 -33.08
C VAL E 108 27.61 2.11 -33.08
N VAL E 109 27.54 1.02 -33.83
CA VAL E 109 26.32 0.22 -33.90
C VAL E 109 26.64 -1.10 -33.24
N ILE E 110 25.94 -1.37 -32.15
CA ILE E 110 26.19 -2.58 -31.37
C ILE E 110 25.05 -3.57 -31.41
N GLY E 111 25.35 -4.76 -31.91
CA GLY E 111 24.39 -5.84 -31.97
C GLY E 111 24.68 -6.74 -30.77
N HIS E 112 23.89 -7.79 -30.56
CA HIS E 112 24.14 -8.64 -29.40
C HIS E 112 23.60 -10.04 -29.59
N SER E 113 24.04 -10.93 -28.71
CA SER E 113 23.62 -12.32 -28.74
C SER E 113 22.16 -12.49 -28.30
N ALA E 114 21.51 -13.49 -28.88
CA ALA E 114 20.11 -13.82 -28.56
C ALA E 114 19.16 -12.63 -28.72
N CYS E 115 19.32 -11.91 -29.81
CA CYS E 115 18.49 -10.76 -30.10
C CYS E 115 17.12 -11.18 -30.59
N GLY E 116 16.07 -10.75 -29.87
CA GLY E 116 14.71 -11.09 -30.25
C GLY E 116 14.35 -10.59 -31.63
N GLY E 117 14.69 -9.33 -31.90
CA GLY E 117 14.40 -8.71 -33.19
C GLY E 117 14.99 -9.51 -34.34
N ILE E 118 16.25 -9.91 -34.23
CA ILE E 118 16.89 -10.68 -35.29
C ILE E 118 16.27 -12.07 -35.39
N LYS E 119 15.83 -12.57 -34.24
CA LYS E 119 15.23 -13.88 -34.17
C LYS E 119 13.94 -13.84 -35.00
N GLY E 120 13.18 -12.76 -34.86
CA GLY E 120 11.95 -12.61 -35.62
C GLY E 120 12.28 -12.47 -37.10
N LEU E 121 13.22 -11.58 -37.41
CA LEU E 121 13.65 -11.36 -38.77
C LEU E 121 13.95 -12.70 -39.47
N LEU E 122 14.60 -13.61 -38.76
CA LEU E 122 14.95 -14.89 -39.35
C LEU E 122 13.75 -15.83 -39.44
N SER E 123 12.88 -15.79 -38.45
CA SER E 123 11.72 -16.67 -38.44
C SER E 123 10.50 -16.12 -39.21
N PHE E 124 10.44 -14.82 -39.41
CA PHE E 124 9.33 -14.23 -40.16
C PHE E 124 9.60 -14.51 -41.64
N PRO E 125 8.56 -14.89 -42.38
CA PRO E 125 8.63 -15.21 -43.80
C PRO E 125 8.82 -14.07 -44.78
N PHE E 126 8.23 -12.92 -44.47
CA PHE E 126 8.29 -11.77 -45.37
C PHE E 126 7.90 -12.20 -46.78
N ASP E 127 6.75 -12.85 -46.85
CA ASP E 127 6.20 -13.36 -48.09
C ASP E 127 4.92 -12.60 -48.45
N GLY E 128 4.71 -11.45 -47.82
CA GLY E 128 3.51 -10.67 -48.10
C GLY E 128 2.48 -10.76 -46.99
N THR E 129 2.59 -11.76 -46.14
CA THR E 129 1.64 -11.90 -45.03
C THR E 129 2.33 -11.36 -43.79
N TYR E 130 1.60 -10.65 -42.95
CA TYR E 130 2.17 -10.12 -41.71
C TYR E 130 1.30 -10.61 -40.56
N SER E 131 1.88 -10.72 -39.38
CA SER E 131 1.16 -11.19 -38.21
C SER E 131 1.46 -10.29 -37.01
N THR E 132 2.08 -9.15 -37.29
CA THR E 132 2.42 -8.18 -36.26
C THR E 132 1.98 -6.83 -36.81
N ASP E 133 1.74 -5.86 -35.95
CA ASP E 133 1.36 -4.56 -36.46
C ASP E 133 2.62 -3.82 -36.92
N PHE E 134 3.71 -3.97 -36.18
CA PHE E 134 4.93 -3.25 -36.53
C PHE E 134 6.23 -4.03 -36.60
N ILE E 135 6.34 -5.03 -35.74
CA ILE E 135 7.58 -5.78 -35.64
C ILE E 135 8.17 -6.21 -36.98
N GLU E 136 7.37 -6.84 -37.81
CA GLU E 136 7.85 -7.26 -39.11
C GLU E 136 8.25 -6.11 -40.01
N GLU E 137 7.46 -5.04 -39.98
CA GLU E 137 7.72 -3.86 -40.82
C GLU E 137 9.05 -3.23 -40.48
N TRP E 138 9.33 -3.15 -39.19
CA TRP E 138 10.56 -2.57 -38.74
C TRP E 138 11.77 -3.46 -39.00
N VAL E 139 11.71 -4.73 -38.58
CA VAL E 139 12.89 -5.58 -38.75
C VAL E 139 13.21 -5.97 -40.19
N LYS E 140 12.36 -5.53 -41.12
CA LYS E 140 12.60 -5.87 -42.51
C LYS E 140 13.83 -5.10 -43.01
N ILE E 141 14.21 -4.05 -42.29
CA ILE E 141 15.41 -3.27 -42.64
C ILE E 141 16.61 -4.24 -42.80
N GLY E 142 16.65 -5.27 -41.96
CA GLY E 142 17.74 -6.25 -42.03
C GLY E 142 17.58 -7.43 -42.96
N LEU E 143 16.69 -7.33 -43.94
CA LEU E 143 16.53 -8.45 -44.86
C LEU E 143 17.82 -8.69 -45.68
N PRO E 144 18.54 -7.62 -46.05
CA PRO E 144 19.75 -7.94 -46.83
C PRO E 144 20.73 -8.83 -46.05
N ALA E 145 20.77 -8.66 -44.72
CA ALA E 145 21.65 -9.45 -43.84
C ALA E 145 21.14 -10.89 -43.78
N LYS E 146 19.82 -11.03 -43.70
CA LYS E 146 19.21 -12.35 -43.62
C LYS E 146 19.52 -13.13 -44.91
N ALA E 147 19.43 -12.41 -46.03
CA ALA E 147 19.68 -12.99 -47.33
C ALA E 147 21.13 -13.45 -47.45
N LYS E 148 22.04 -12.62 -46.94
CA LYS E 148 23.46 -12.95 -46.97
C LYS E 148 23.73 -14.20 -46.12
N VAL E 149 23.34 -14.13 -44.85
CA VAL E 149 23.58 -15.25 -43.96
C VAL E 149 22.93 -16.55 -44.42
N LYS E 150 21.72 -16.47 -44.95
CA LYS E 150 21.04 -17.68 -45.43
C LYS E 150 21.72 -18.30 -46.65
N ALA E 151 22.36 -17.48 -47.47
CA ALA E 151 23.06 -17.96 -48.67
C ALA E 151 24.51 -18.37 -48.38
N GLN E 152 25.08 -17.85 -47.30
CA GLN E 152 26.46 -18.17 -46.93
C GLN E 152 26.58 -19.28 -45.87
N HIS E 153 25.53 -19.48 -45.07
CA HIS E 153 25.54 -20.50 -44.02
C HIS E 153 24.20 -21.19 -43.92
N GLY E 154 23.67 -21.60 -45.06
CA GLY E 154 22.36 -22.25 -45.08
C GLY E 154 22.17 -23.52 -44.28
N ASP E 155 23.22 -24.31 -44.12
CA ASP E 155 23.11 -25.56 -43.38
C ASP E 155 23.53 -25.48 -41.92
N ALA E 156 23.62 -24.26 -41.40
CA ALA E 156 24.00 -24.06 -40.00
C ALA E 156 22.73 -24.06 -39.13
N PRO E 157 22.86 -24.47 -37.86
CA PRO E 157 21.74 -24.51 -36.90
C PRO E 157 21.22 -23.10 -36.61
N PHE E 158 19.92 -22.99 -36.34
CA PHE E 158 19.29 -21.70 -36.09
C PHE E 158 20.10 -20.81 -35.17
N ALA E 159 20.68 -21.40 -34.12
CA ALA E 159 21.48 -20.64 -33.17
C ALA E 159 22.64 -19.90 -33.82
N GLU E 160 23.38 -20.61 -34.67
CA GLU E 160 24.50 -20.03 -35.38
C GLU E 160 24.01 -18.91 -36.28
N LEU E 161 22.96 -19.22 -37.04
CA LEU E 161 22.37 -18.27 -37.96
C LEU E 161 22.08 -16.94 -37.30
N CYS E 162 21.47 -16.99 -36.11
CA CYS E 162 21.15 -15.76 -35.41
C CYS E 162 22.44 -14.98 -35.18
N THR E 163 23.47 -15.67 -34.70
CA THR E 163 24.76 -15.03 -34.45
C THR E 163 25.27 -14.40 -35.74
N HIS E 164 25.26 -15.18 -36.81
CA HIS E 164 25.70 -14.69 -38.10
C HIS E 164 24.87 -13.48 -38.54
N CYS E 165 23.56 -13.59 -38.38
CA CYS E 165 22.65 -12.52 -38.78
C CYS E 165 22.80 -11.24 -37.94
N GLU E 166 22.94 -11.40 -36.62
CA GLU E 166 23.07 -10.27 -35.73
C GLU E 166 24.31 -9.45 -36.05
N LYS E 167 25.38 -10.13 -36.45
CA LYS E 167 26.61 -9.45 -36.80
C LYS E 167 26.43 -8.74 -38.14
N GLU E 168 25.91 -9.49 -39.10
CA GLU E 168 25.70 -8.98 -40.45
C GLU E 168 24.64 -7.89 -40.49
N ALA E 169 23.69 -7.95 -39.55
CA ALA E 169 22.66 -6.93 -39.48
C ALA E 169 23.37 -5.65 -39.10
N VAL E 170 24.39 -5.78 -38.26
CA VAL E 170 25.18 -4.62 -37.84
C VAL E 170 25.81 -3.96 -39.06
N ASN E 171 26.39 -4.78 -39.93
CA ASN E 171 27.06 -4.31 -41.14
C ASN E 171 26.09 -3.62 -42.06
N ALA E 172 24.87 -4.15 -42.13
CA ALA E 172 23.81 -3.57 -42.95
C ALA E 172 23.52 -2.16 -42.43
N SER E 173 23.43 -2.04 -41.10
CA SER E 173 23.16 -0.72 -40.51
C SER E 173 24.29 0.25 -40.77
N LEU E 174 25.53 -0.25 -40.85
CA LEU E 174 26.65 0.64 -41.13
C LEU E 174 26.49 1.08 -42.60
N GLY E 175 26.09 0.13 -43.45
CA GLY E 175 25.87 0.46 -44.85
C GLY E 175 24.85 1.58 -44.92
N ASN E 176 23.73 1.39 -44.22
CA ASN E 176 22.67 2.40 -44.21
C ASN E 176 23.09 3.76 -43.73
N LEU E 177 24.07 3.81 -42.81
CA LEU E 177 24.54 5.11 -42.31
C LEU E 177 25.17 5.91 -43.45
N LEU E 178 25.76 5.18 -44.40
CA LEU E 178 26.42 5.83 -45.52
C LEU E 178 25.45 6.41 -46.53
N THR E 179 24.14 6.22 -46.30
CA THR E 179 23.12 6.78 -47.18
C THR E 179 22.76 8.16 -46.65
N TYR E 180 23.41 8.57 -45.57
CA TYR E 180 23.17 9.90 -45.01
C TYR E 180 24.32 10.81 -45.43
N PRO E 181 24.02 11.79 -46.30
CA PRO E 181 25.02 12.74 -46.81
C PRO E 181 25.97 13.32 -45.76
N PHE E 182 25.43 13.85 -44.66
CA PHE E 182 26.28 14.45 -43.64
C PHE E 182 27.18 13.45 -42.92
N VAL E 183 26.83 12.16 -42.98
CA VAL E 183 27.66 11.14 -42.38
C VAL E 183 28.83 10.91 -43.34
N ARG E 184 28.54 10.87 -44.64
CA ARG E 184 29.58 10.69 -45.64
C ARG E 184 30.58 11.86 -45.63
N GLU E 185 30.08 13.09 -45.54
CA GLU E 185 30.93 14.28 -45.51
C GLU E 185 31.84 14.36 -44.28
N GLY E 186 31.43 13.71 -43.19
CA GLY E 186 32.23 13.71 -41.98
C GLY E 186 33.31 12.64 -42.03
N LEU E 187 33.05 11.56 -42.75
CA LEU E 187 34.04 10.49 -42.89
C LEU E 187 35.14 10.94 -43.87
N VAL E 188 34.77 11.78 -44.83
CA VAL E 188 35.71 12.30 -45.81
C VAL E 188 36.57 13.38 -45.16
N ASN E 189 35.97 14.16 -44.27
CA ASN E 189 36.71 15.21 -43.57
C ASN E 189 37.32 14.54 -42.35
N LYS E 190 37.21 13.23 -42.32
CA LYS E 190 37.74 12.43 -41.23
C LYS E 190 37.46 12.96 -39.83
N THR E 191 36.36 13.71 -39.70
CA THR E 191 35.93 14.25 -38.41
C THR E 191 34.93 13.29 -37.75
N LEU E 192 34.74 12.13 -38.38
CA LEU E 192 33.81 11.11 -37.90
C LEU E 192 34.27 9.71 -38.28
N ALA E 193 34.06 8.74 -37.40
CA ALA E 193 34.44 7.36 -37.66
C ALA E 193 33.23 6.45 -37.43
N LEU E 194 33.21 5.32 -38.11
CA LEU E 194 32.10 4.39 -37.97
C LEU E 194 32.61 3.03 -37.51
N LYS E 195 31.93 2.43 -36.53
CA LYS E 195 32.34 1.13 -36.05
C LYS E 195 31.18 0.22 -35.75
N GLY E 196 31.45 -1.07 -35.88
CA GLY E 196 30.46 -2.08 -35.59
C GLY E 196 30.90 -2.72 -34.29
N GLY E 197 29.96 -3.31 -33.54
CA GLY E 197 30.30 -3.97 -32.30
C GLY E 197 29.37 -5.15 -32.07
N TYR E 198 29.82 -6.14 -31.31
CA TYR E 198 28.98 -7.29 -31.03
C TYR E 198 29.19 -7.76 -29.61
N TYR E 199 28.14 -7.68 -28.81
CA TYR E 199 28.17 -8.09 -27.41
C TYR E 199 27.52 -9.46 -27.23
N ASP E 200 28.31 -10.41 -26.72
CA ASP E 200 27.83 -11.77 -26.49
C ASP E 200 27.67 -11.95 -24.99
N PHE E 201 26.48 -11.65 -24.44
CA PHE E 201 26.27 -11.82 -23.01
C PHE E 201 26.12 -13.28 -22.59
N VAL E 202 26.23 -14.18 -23.56
CA VAL E 202 26.14 -15.62 -23.27
C VAL E 202 27.53 -16.08 -22.85
N LYS E 203 28.52 -15.74 -23.69
CA LYS E 203 29.91 -16.09 -23.42
C LYS E 203 30.58 -14.93 -22.68
N GLY E 204 29.90 -13.78 -22.60
CA GLY E 204 30.46 -12.63 -21.94
C GLY E 204 31.69 -12.08 -22.67
N SER E 205 31.60 -11.97 -23.99
CA SER E 205 32.70 -11.46 -24.81
C SER E 205 32.23 -10.26 -25.64
N PHE E 206 33.18 -9.54 -26.24
CA PHE E 206 32.86 -8.36 -27.06
C PHE E 206 33.79 -8.19 -28.28
N GLU E 207 33.21 -7.78 -29.42
CA GLU E 207 33.95 -7.56 -30.66
C GLU E 207 33.77 -6.17 -31.22
N LEU E 208 34.83 -5.60 -31.78
CA LEU E 208 34.74 -4.28 -32.35
C LEU E 208 35.46 -4.28 -33.68
N TRP E 209 34.89 -3.56 -34.64
CA TRP E 209 35.47 -3.45 -35.96
C TRP E 209 35.16 -2.06 -36.49
N GLY E 210 36.06 -1.53 -37.33
CA GLY E 210 35.87 -0.20 -37.86
C GLY E 210 35.50 -0.19 -39.34
N LEU E 211 34.97 0.94 -39.79
CA LEU E 211 34.56 1.06 -41.19
C LEU E 211 35.32 2.16 -41.90
N GLU E 212 35.87 1.81 -43.05
CA GLU E 212 36.64 2.76 -43.85
C GLU E 212 35.87 3.32 -45.04
N PHE E 213 35.86 4.65 -45.15
CA PHE E 213 35.13 5.30 -46.22
C PHE E 213 35.81 6.58 -46.67
N GLY E 214 35.85 6.79 -47.99
CA GLY E 214 36.45 8.00 -48.50
C GLY E 214 36.15 8.26 -49.97
N LEU E 215 36.45 9.49 -50.39
CA LEU E 215 36.26 9.91 -51.76
C LEU E 215 37.50 10.64 -52.26
N SER E 216 37.95 10.27 -53.47
CA SER E 216 39.13 10.89 -54.09
C SER E 216 38.91 11.21 -55.58
N SER E 217 39.28 12.43 -55.97
CA SER E 217 39.15 12.88 -57.35
C SER E 217 40.10 12.06 -58.22
N THR E 218 39.62 11.59 -59.36
CA THR E 218 40.47 10.80 -60.24
C THR E 218 41.01 11.63 -61.41
N PHE E 219 40.17 12.49 -61.96
CA PHE E 219 40.59 13.36 -63.05
C PHE E 219 39.44 14.25 -63.50
N SER E 220 39.78 15.28 -64.25
CA SER E 220 38.78 16.20 -64.75
C SER E 220 39.25 16.74 -66.09
N VAL E 221 38.62 16.25 -67.16
CA VAL E 221 38.94 16.66 -68.51
C VAL E 221 37.85 17.61 -69.02
N ILE F 8 51.59 1.69 -34.27
CA ILE F 8 51.67 1.68 -32.79
C ILE F 8 50.43 2.31 -32.15
N PRO F 9 49.98 3.49 -32.63
CA PRO F 9 48.80 4.19 -32.06
C PRO F 9 47.50 3.42 -32.33
N LYS F 10 46.56 3.48 -31.38
CA LYS F 10 45.29 2.75 -31.51
C LYS F 10 43.99 3.54 -31.39
N SER F 11 44.01 4.83 -31.68
CA SER F 11 42.80 5.66 -31.60
C SER F 11 42.15 5.66 -30.22
N GLU F 12 41.97 6.86 -29.66
CA GLU F 12 41.39 6.99 -28.34
C GLU F 12 40.07 6.24 -28.20
N ALA F 13 39.19 6.46 -29.19
CA ALA F 13 37.86 5.85 -29.22
C ALA F 13 37.85 4.33 -29.06
N SER F 14 38.57 3.63 -29.93
CA SER F 14 38.61 2.17 -29.88
C SER F 14 39.18 1.63 -28.58
N GLU F 15 40.15 2.34 -28.02
CA GLU F 15 40.78 1.94 -26.77
C GLU F 15 39.79 2.22 -25.65
N ARG F 16 39.08 3.34 -25.79
CA ARG F 16 38.07 3.71 -24.82
C ARG F 16 37.03 2.58 -24.73
N ILE F 17 36.62 2.05 -25.87
CA ILE F 17 35.63 0.99 -25.88
C ILE F 17 36.16 -0.33 -25.29
N LYS F 18 37.39 -0.68 -25.62
CA LYS F 18 37.97 -1.90 -25.10
C LYS F 18 38.06 -1.87 -23.58
N THR F 19 38.51 -0.76 -23.02
CA THR F 19 38.66 -0.67 -21.57
C THR F 19 37.30 -0.59 -20.87
N GLY F 20 36.37 0.14 -21.46
CA GLY F 20 35.04 0.24 -20.89
C GLY F 20 34.45 -1.15 -20.73
N PHE F 21 34.45 -1.93 -21.80
CA PHE F 21 33.92 -3.29 -21.75
C PHE F 21 34.72 -4.21 -20.84
N LEU F 22 36.03 -3.98 -20.77
CA LEU F 22 36.88 -4.81 -19.93
C LEU F 22 36.54 -4.52 -18.48
N HIS F 23 36.23 -3.26 -18.21
CA HIS F 23 35.86 -2.84 -16.88
C HIS F 23 34.58 -3.62 -16.51
N PHE F 24 33.56 -3.51 -17.37
CA PHE F 24 32.29 -4.19 -17.19
C PHE F 24 32.43 -5.72 -17.02
N LYS F 25 33.25 -6.34 -17.85
CA LYS F 25 33.45 -7.79 -17.84
C LYS F 25 33.94 -8.36 -16.50
N LYS F 26 35.00 -7.75 -15.97
CA LYS F 26 35.61 -8.19 -14.74
C LYS F 26 34.86 -7.72 -13.51
N GLU F 27 34.56 -6.43 -13.48
CA GLU F 27 33.88 -5.79 -12.36
C GLU F 27 32.35 -6.01 -12.19
N LYS F 28 31.65 -6.38 -13.25
CA LYS F 28 30.20 -6.60 -13.15
C LYS F 28 29.77 -7.96 -13.68
N TYR F 29 30.03 -8.22 -14.96
CA TYR F 29 29.66 -9.49 -15.54
C TYR F 29 30.18 -10.65 -14.68
N ASP F 30 31.50 -10.74 -14.50
CA ASP F 30 32.10 -11.81 -13.70
C ASP F 30 31.72 -11.74 -12.23
N LYS F 31 31.34 -10.54 -11.79
CA LYS F 31 30.98 -10.32 -10.40
C LYS F 31 29.61 -10.92 -10.03
N ASN F 32 28.83 -11.36 -11.01
CA ASN F 32 27.51 -11.93 -10.74
C ASN F 32 27.21 -13.03 -11.73
N PRO F 33 27.96 -14.15 -11.65
CA PRO F 33 27.79 -15.29 -12.53
C PRO F 33 26.36 -15.86 -12.56
N ALA F 34 25.68 -15.80 -11.40
CA ALA F 34 24.34 -16.31 -11.28
C ALA F 34 23.33 -15.40 -12.00
N LEU F 35 23.52 -14.09 -11.82
CA LEU F 35 22.65 -13.08 -12.43
C LEU F 35 22.68 -13.14 -13.96
N TYR F 36 23.85 -12.94 -14.55
CA TYR F 36 23.96 -12.98 -15.99
C TYR F 36 23.70 -14.38 -16.51
N GLY F 37 23.82 -15.37 -15.63
CA GLY F 37 23.57 -16.75 -16.03
C GLY F 37 22.10 -16.95 -16.36
N GLU F 38 21.26 -16.21 -15.65
CA GLU F 38 19.81 -16.25 -15.84
C GLU F 38 19.42 -15.36 -17.02
N LEU F 39 19.93 -14.13 -17.02
CA LEU F 39 19.65 -13.20 -18.11
C LEU F 39 20.01 -13.85 -19.43
N ALA F 40 20.99 -14.75 -19.41
CA ALA F 40 21.41 -15.45 -20.62
C ALA F 40 20.27 -16.33 -21.16
N LYS F 41 19.29 -16.63 -20.32
CA LYS F 41 18.15 -17.45 -20.71
C LYS F 41 16.98 -16.62 -21.25
N GLY F 42 16.89 -15.37 -20.82
CA GLY F 42 15.81 -14.52 -21.28
C GLY F 42 15.72 -13.23 -20.50
N GLN F 43 14.81 -12.34 -20.89
CA GLN F 43 14.60 -11.06 -20.21
C GLN F 43 13.09 -10.92 -19.89
N SER F 44 12.81 -10.39 -18.69
CA SER F 44 11.44 -10.19 -18.26
C SER F 44 11.34 -8.87 -17.51
N PRO F 45 11.73 -7.76 -18.17
CA PRO F 45 11.70 -6.42 -17.58
C PRO F 45 10.31 -5.93 -17.22
N PRO F 46 10.17 -5.40 -15.99
CA PRO F 46 8.81 -4.92 -15.67
C PRO F 46 8.59 -3.52 -16.28
N PHE F 47 9.66 -2.94 -16.80
CA PHE F 47 9.58 -1.60 -17.38
C PHE F 47 9.95 -1.45 -18.85
N MET F 48 9.35 -0.44 -19.46
CA MET F 48 9.64 -0.01 -20.81
C MET F 48 9.84 1.48 -20.56
N VAL F 49 11.01 2.01 -20.92
CA VAL F 49 11.26 3.42 -20.73
C VAL F 49 11.60 4.13 -22.04
N PHE F 50 11.08 5.34 -22.17
CA PHE F 50 11.35 6.21 -23.31
C PHE F 50 12.12 7.35 -22.72
N ALA F 51 13.36 7.51 -23.17
CA ALA F 51 14.20 8.58 -22.69
C ALA F 51 14.90 9.23 -23.89
N CYS F 52 15.54 10.36 -23.65
CA CYS F 52 16.23 11.08 -24.72
C CYS F 52 17.62 10.51 -25.03
N SER F 53 18.10 10.73 -26.26
CA SER F 53 19.42 10.24 -26.68
C SER F 53 20.51 11.04 -25.94
N ASP F 54 20.16 12.25 -25.48
CA ASP F 54 21.05 13.12 -24.71
C ASP F 54 21.98 12.25 -23.83
N SER F 55 23.28 12.48 -23.96
CA SER F 55 24.31 11.72 -23.24
C SER F 55 24.26 11.95 -21.74
N ARG F 56 23.54 12.99 -21.33
CA ARG F 56 23.45 13.34 -19.94
C ARG F 56 22.28 12.70 -19.20
N VAL F 57 21.52 11.86 -19.88
CA VAL F 57 20.36 11.27 -19.22
C VAL F 57 20.15 9.78 -19.35
N CYS F 58 21.22 8.98 -19.33
CA CYS F 58 21.03 7.54 -19.46
C CYS F 58 20.09 7.07 -18.36
N PRO F 59 18.93 6.54 -18.74
CA PRO F 59 17.97 6.04 -17.76
C PRO F 59 18.58 5.02 -16.81
N SER F 60 19.56 4.26 -17.27
CA SER F 60 20.21 3.27 -16.42
C SER F 60 20.97 3.90 -15.25
N HIS F 61 21.47 5.12 -15.46
CA HIS F 61 22.20 5.85 -14.42
C HIS F 61 21.24 6.62 -13.54
N VAL F 62 20.48 7.51 -14.17
CA VAL F 62 19.54 8.38 -13.50
C VAL F 62 18.50 7.70 -12.59
N LEU F 63 18.22 6.42 -12.83
CA LEU F 63 17.25 5.68 -12.03
C LEU F 63 17.79 4.34 -11.55
N ASP F 64 19.09 4.15 -11.74
CA ASP F 64 19.74 2.92 -11.28
C ASP F 64 19.08 1.64 -11.80
N PHE F 65 18.71 1.61 -13.07
CA PHE F 65 18.10 0.41 -13.63
C PHE F 65 19.16 -0.64 -13.87
N GLN F 66 18.93 -1.84 -13.37
CA GLN F 66 19.88 -2.91 -13.56
C GLN F 66 19.55 -3.71 -14.80
N PRO F 67 20.52 -4.47 -15.33
CA PRO F 67 20.24 -5.26 -16.52
C PRO F 67 19.09 -6.25 -16.28
N GLY F 68 18.16 -6.29 -17.22
CA GLY F 68 17.01 -7.17 -17.12
C GLY F 68 15.79 -6.41 -16.59
N GLU F 69 16.00 -5.15 -16.18
CA GLU F 69 14.95 -4.33 -15.60
C GLU F 69 14.13 -3.48 -16.55
N ALA F 70 14.83 -2.75 -17.41
CA ALA F 70 14.15 -1.85 -18.33
C ALA F 70 14.47 -2.05 -19.80
N PHE F 71 13.41 -2.24 -20.57
CA PHE F 71 13.49 -2.35 -22.02
C PHE F 71 13.45 -0.85 -22.34
N VAL F 72 14.51 -0.33 -22.96
CA VAL F 72 14.58 1.10 -23.24
C VAL F 72 14.59 1.54 -24.71
N VAL F 73 13.83 2.60 -24.99
CA VAL F 73 13.85 3.19 -26.32
C VAL F 73 14.40 4.60 -26.03
N ARG F 74 15.39 5.03 -26.81
CA ARG F 74 15.99 6.37 -26.67
C ARG F 74 16.01 7.02 -28.04
N ASN F 75 15.53 8.25 -28.11
CA ASN F 75 15.44 8.97 -29.38
C ASN F 75 15.41 10.45 -29.08
N VAL F 76 15.43 11.26 -30.12
CA VAL F 76 15.43 12.69 -29.93
C VAL F 76 14.21 13.22 -29.21
N ALA F 77 14.45 13.74 -28.00
CA ALA F 77 13.43 14.35 -27.16
C ALA F 77 12.42 13.37 -26.55
N ASN F 78 12.83 12.11 -26.42
CA ASN F 78 11.99 11.07 -25.83
C ASN F 78 10.52 11.14 -26.31
N LEU F 79 10.31 11.37 -27.62
CA LEU F 79 8.99 11.48 -28.19
C LEU F 79 8.36 10.14 -28.60
N VAL F 80 7.08 9.99 -28.31
CA VAL F 80 6.34 8.78 -28.70
C VAL F 80 5.34 9.23 -29.75
N PRO F 81 5.64 8.99 -31.04
CA PRO F 81 4.64 9.41 -32.03
C PRO F 81 3.37 8.53 -31.96
N PRO F 82 2.26 8.98 -32.57
CA PRO F 82 1.01 8.19 -32.55
C PRO F 82 1.18 7.03 -33.55
N TYR F 83 0.35 6.01 -33.38
CA TYR F 83 0.32 4.80 -34.20
C TYR F 83 0.33 5.13 -35.72
N ASP F 84 1.31 4.62 -36.46
CA ASP F 84 1.41 4.86 -37.91
C ASP F 84 2.37 3.83 -38.46
N GLN F 85 1.88 2.87 -39.22
CA GLN F 85 2.75 1.83 -39.73
C GLN F 85 3.70 2.29 -40.81
N ALA F 86 3.33 3.38 -41.47
CA ALA F 86 4.12 3.93 -42.56
C ALA F 86 5.21 4.89 -42.14
N LYS F 87 4.93 5.70 -41.12
CA LYS F 87 5.86 6.71 -40.66
C LYS F 87 6.56 6.45 -39.33
N TYR F 88 5.93 5.67 -38.46
CA TYR F 88 6.51 5.46 -37.15
C TYR F 88 6.65 3.99 -36.77
N ALA F 89 7.12 3.18 -37.72
CA ALA F 89 7.27 1.75 -37.46
C ALA F 89 8.31 1.45 -36.38
N GLY F 90 9.34 2.29 -36.27
CA GLY F 90 10.35 2.06 -35.26
C GLY F 90 9.73 2.04 -33.87
N THR F 91 8.96 3.07 -33.55
CA THR F 91 8.27 3.23 -32.27
C THR F 91 7.24 2.12 -31.99
N GLY F 92 6.33 1.94 -32.92
CA GLY F 92 5.33 0.92 -32.72
C GLY F 92 5.91 -0.46 -32.51
N ALA F 93 7.03 -0.77 -33.16
CA ALA F 93 7.57 -2.11 -33.00
C ALA F 93 8.13 -2.28 -31.58
N ALA F 94 8.65 -1.21 -31.03
CA ALA F 94 9.22 -1.21 -29.69
C ALA F 94 8.10 -1.40 -28.67
N ILE F 95 6.98 -0.71 -28.88
CA ILE F 95 5.85 -0.83 -27.96
C ILE F 95 5.20 -2.20 -28.14
N GLU F 96 5.00 -2.61 -29.38
CA GLU F 96 4.42 -3.91 -29.63
C GLU F 96 5.22 -5.02 -28.95
N TYR F 97 6.54 -5.03 -29.16
CA TYR F 97 7.38 -6.06 -28.56
C TYR F 97 7.35 -5.99 -27.03
N ALA F 98 7.55 -4.79 -26.51
CA ALA F 98 7.55 -4.57 -25.07
C ALA F 98 6.27 -5.10 -24.42
N VAL F 99 5.14 -4.58 -24.88
CA VAL F 99 3.86 -4.95 -24.31
C VAL F 99 3.33 -6.36 -24.54
N LEU F 100 3.30 -6.78 -25.80
CA LEU F 100 2.75 -8.08 -26.15
C LEU F 100 3.65 -9.28 -25.99
N HIS F 101 4.94 -9.07 -26.24
CA HIS F 101 5.90 -10.17 -26.15
C HIS F 101 6.67 -10.20 -24.83
N LEU F 102 7.21 -9.07 -24.39
CA LEU F 102 7.94 -9.07 -23.12
C LEU F 102 7.04 -8.96 -21.91
N LYS F 103 5.81 -8.50 -22.12
CA LYS F 103 4.83 -8.36 -21.04
C LYS F 103 5.27 -7.34 -20.00
N VAL F 104 5.85 -6.23 -20.45
CA VAL F 104 6.24 -5.21 -19.48
C VAL F 104 4.97 -4.76 -18.75
N SER F 105 5.14 -4.18 -17.57
CA SER F 105 4.00 -3.73 -16.78
C SER F 105 3.89 -2.22 -16.73
N ASN F 106 4.98 -1.53 -17.05
CA ASN F 106 4.98 -0.07 -17.01
C ASN F 106 5.64 0.50 -18.25
N ILE F 107 5.16 1.67 -18.67
CA ILE F 107 5.76 2.40 -19.78
C ILE F 107 5.97 3.78 -19.19
N VAL F 108 7.23 4.23 -19.17
CA VAL F 108 7.56 5.53 -18.62
C VAL F 108 8.21 6.41 -19.67
N VAL F 109 7.66 7.61 -19.82
CA VAL F 109 8.15 8.57 -20.78
C VAL F 109 8.79 9.67 -19.95
N ILE F 110 10.10 9.79 -20.08
CA ILE F 110 10.84 10.79 -19.32
C ILE F 110 11.49 11.88 -20.15
N GLY F 111 11.10 13.11 -19.85
CA GLY F 111 11.66 14.26 -20.50
C GLY F 111 12.73 14.77 -19.57
N HIS F 112 13.49 15.76 -20.01
CA HIS F 112 14.57 16.27 -19.17
C HIS F 112 14.85 17.75 -19.39
N SER F 113 15.54 18.37 -18.43
CA SER F 113 15.88 19.79 -18.50
C SER F 113 16.87 20.07 -19.62
N ALA F 114 16.71 21.23 -20.24
CA ALA F 114 17.60 21.66 -21.32
C ALA F 114 17.65 20.62 -22.43
N CYS F 115 16.47 20.26 -22.94
CA CYS F 115 16.40 19.30 -24.01
C CYS F 115 16.58 20.03 -25.32
N GLY F 116 17.56 19.58 -26.10
CA GLY F 116 17.82 20.19 -27.39
C GLY F 116 16.62 19.97 -28.29
N GLY F 117 16.06 18.78 -28.24
CA GLY F 117 14.89 18.49 -29.06
C GLY F 117 13.75 19.47 -28.84
N ILE F 118 13.39 19.68 -27.57
CA ILE F 118 12.31 20.60 -27.23
C ILE F 118 12.58 22.06 -27.59
N LYS F 119 13.80 22.54 -27.34
CA LYS F 119 14.13 23.93 -27.65
C LYS F 119 13.92 24.21 -29.13
N GLY F 120 14.32 23.26 -29.96
CA GLY F 120 14.14 23.43 -31.39
C GLY F 120 12.66 23.54 -31.71
N LEU F 121 11.87 22.62 -31.17
CA LEU F 121 10.42 22.66 -31.39
C LEU F 121 9.92 24.07 -31.18
N LEU F 122 10.31 24.66 -30.05
CA LEU F 122 9.88 26.01 -29.70
C LEU F 122 10.42 27.11 -30.60
N SER F 123 11.66 26.98 -31.06
CA SER F 123 12.23 28.01 -31.90
C SER F 123 11.86 27.87 -33.38
N PHE F 124 11.70 26.64 -33.84
CA PHE F 124 11.31 26.42 -35.23
C PHE F 124 9.91 27.02 -35.46
N PRO F 125 9.68 27.59 -36.65
CA PRO F 125 8.39 28.19 -36.99
C PRO F 125 7.31 27.26 -37.53
N PHE F 126 7.70 26.11 -38.08
CA PHE F 126 6.74 25.16 -38.64
C PHE F 126 5.69 25.91 -39.47
N ASP F 127 6.17 26.80 -40.32
CA ASP F 127 5.34 27.64 -41.18
C ASP F 127 5.47 27.20 -42.64
N GLY F 128 5.79 25.93 -42.85
CA GLY F 128 5.93 25.43 -44.21
C GLY F 128 7.34 25.47 -44.73
N THR F 129 8.22 26.11 -43.98
CA THR F 129 9.63 26.20 -44.36
C THR F 129 10.45 25.36 -43.38
N TYR F 130 11.40 24.60 -43.92
CA TYR F 130 12.26 23.73 -43.11
C TYR F 130 13.73 24.02 -43.34
N SER F 131 14.52 23.96 -42.27
CA SER F 131 15.96 24.20 -42.36
C SER F 131 16.73 22.96 -41.91
N THR F 132 16.03 21.85 -41.72
CA THR F 132 16.69 20.63 -41.29
C THR F 132 16.22 19.48 -42.15
N ASP F 133 17.05 18.46 -42.27
CA ASP F 133 16.65 17.29 -43.03
C ASP F 133 15.59 16.48 -42.25
N PHE F 134 15.79 16.29 -40.96
CA PHE F 134 14.86 15.50 -40.16
C PHE F 134 14.37 16.09 -38.84
N ILE F 135 15.24 16.82 -38.15
CA ILE F 135 14.86 17.36 -36.85
C ILE F 135 13.47 18.02 -36.75
N GLU F 136 13.14 18.98 -37.61
CA GLU F 136 11.81 19.59 -37.54
C GLU F 136 10.70 18.54 -37.81
N GLU F 137 10.89 17.69 -38.82
CA GLU F 137 9.92 16.64 -39.15
C GLU F 137 9.58 15.87 -37.88
N TRP F 138 10.62 15.41 -37.20
CA TRP F 138 10.48 14.64 -35.98
C TRP F 138 9.83 15.39 -34.83
N VAL F 139 10.41 16.52 -34.45
CA VAL F 139 9.87 17.25 -33.32
C VAL F 139 8.47 17.81 -33.53
N LYS F 140 7.96 17.77 -34.77
CA LYS F 140 6.62 18.30 -35.01
C LYS F 140 5.61 17.47 -34.18
N ILE F 141 6.04 16.29 -33.77
CA ILE F 141 5.23 15.41 -32.94
C ILE F 141 4.78 16.15 -31.69
N GLY F 142 5.60 17.11 -31.26
CA GLY F 142 5.27 17.86 -30.06
C GLY F 142 4.45 19.11 -30.32
N LEU F 143 4.10 19.38 -31.56
CA LEU F 143 3.32 20.58 -31.88
C LEU F 143 2.13 20.88 -30.95
N PRO F 144 1.29 19.88 -30.66
CA PRO F 144 0.15 20.18 -29.78
C PRO F 144 0.55 20.68 -28.40
N ALA F 145 1.66 20.14 -27.86
CA ALA F 145 2.16 20.57 -26.55
C ALA F 145 2.75 21.98 -26.67
N LYS F 146 3.32 22.30 -27.83
CA LYS F 146 3.89 23.63 -28.06
C LYS F 146 2.73 24.62 -28.12
N ALA F 147 1.64 24.21 -28.76
CA ALA F 147 0.45 25.07 -28.87
C ALA F 147 -0.17 25.30 -27.47
N LYS F 148 -0.06 24.30 -26.61
CA LYS F 148 -0.60 24.41 -25.28
C LYS F 148 0.24 25.34 -24.39
N VAL F 149 1.53 25.01 -24.23
CA VAL F 149 2.40 25.83 -23.40
C VAL F 149 2.38 27.29 -23.85
N LYS F 150 2.19 27.51 -25.15
CA LYS F 150 2.14 28.86 -25.71
C LYS F 150 0.89 29.56 -25.21
N ALA F 151 -0.25 28.92 -25.45
CA ALA F 151 -1.52 29.49 -25.03
C ALA F 151 -1.60 29.65 -23.51
N GLN F 152 -0.99 28.74 -22.76
CA GLN F 152 -1.03 28.82 -21.29
C GLN F 152 -0.13 29.86 -20.66
N HIS F 153 1.13 29.92 -21.09
CA HIS F 153 2.07 30.90 -20.55
C HIS F 153 2.54 31.75 -21.71
N GLY F 154 1.71 32.70 -22.10
CA GLY F 154 2.00 33.59 -23.21
C GLY F 154 3.37 34.23 -23.28
N ASP F 155 3.54 35.33 -22.55
CA ASP F 155 4.79 36.07 -22.56
C ASP F 155 5.80 35.64 -21.50
N ALA F 156 5.84 34.36 -21.19
CA ALA F 156 6.79 33.87 -20.22
C ALA F 156 8.16 33.83 -20.90
N PRO F 157 9.25 33.81 -20.10
CA PRO F 157 10.61 33.78 -20.67
C PRO F 157 10.91 32.47 -21.40
N PHE F 158 11.33 32.58 -22.65
CA PHE F 158 11.64 31.42 -23.48
C PHE F 158 12.18 30.24 -22.67
N ALA F 159 13.13 30.53 -21.78
CA ALA F 159 13.74 29.51 -20.93
C ALA F 159 12.70 28.75 -20.12
N GLU F 160 11.66 29.48 -19.70
CA GLU F 160 10.56 28.91 -18.92
C GLU F 160 9.69 28.01 -19.80
N LEU F 161 9.35 28.52 -20.98
CA LEU F 161 8.54 27.80 -21.95
C LEU F 161 9.16 26.44 -22.20
N CYS F 162 10.48 26.39 -22.35
CA CYS F 162 11.18 25.13 -22.58
C CYS F 162 10.88 24.13 -21.49
N THR F 163 10.96 24.57 -20.24
CA THR F 163 10.71 23.69 -19.10
C THR F 163 9.26 23.22 -19.11
N HIS F 164 8.34 24.13 -19.45
CA HIS F 164 6.93 23.78 -19.52
C HIS F 164 6.74 22.75 -20.62
N CYS F 165 7.25 23.08 -21.81
CA CYS F 165 7.11 22.21 -22.96
C CYS F 165 7.75 20.84 -22.78
N GLU F 166 8.90 20.79 -22.12
CA GLU F 166 9.56 19.52 -21.92
C GLU F 166 8.61 18.60 -21.17
N LYS F 167 7.86 19.18 -20.23
CA LYS F 167 6.89 18.42 -19.42
C LYS F 167 5.65 18.09 -20.23
N GLU F 168 5.04 19.11 -20.83
CA GLU F 168 3.83 18.94 -21.63
C GLU F 168 4.05 18.01 -22.84
N ALA F 169 5.26 18.05 -23.40
CA ALA F 169 5.61 17.19 -24.52
C ALA F 169 5.49 15.75 -24.06
N VAL F 170 5.87 15.49 -22.81
CA VAL F 170 5.77 14.15 -22.25
C VAL F 170 4.30 13.72 -22.23
N ASN F 171 3.42 14.63 -21.83
CA ASN F 171 2.01 14.31 -21.75
C ASN F 171 1.46 13.98 -23.14
N ALA F 172 1.84 14.79 -24.12
CA ALA F 172 1.42 14.57 -25.48
C ALA F 172 1.76 13.13 -25.83
N SER F 173 2.94 12.69 -25.42
CA SER F 173 3.40 11.33 -25.67
C SER F 173 2.58 10.25 -24.97
N LEU F 174 2.12 10.53 -23.76
CA LEU F 174 1.28 9.58 -23.05
C LEU F 174 -0.04 9.46 -23.83
N GLY F 175 -0.52 10.60 -24.33
CA GLY F 175 -1.74 10.61 -25.14
C GLY F 175 -1.57 9.86 -26.46
N ASN F 176 -0.38 9.87 -27.05
CA ASN F 176 -0.17 9.16 -28.31
C ASN F 176 -0.06 7.66 -28.05
N LEU F 177 0.31 7.31 -26.82
CA LEU F 177 0.40 5.91 -26.46
C LEU F 177 -1.02 5.32 -26.51
N LEU F 178 -2.01 6.16 -26.22
CA LEU F 178 -3.40 5.73 -26.23
C LEU F 178 -3.93 5.46 -27.64
N THR F 179 -3.14 5.80 -28.67
CA THR F 179 -3.55 5.54 -30.06
C THR F 179 -3.16 4.11 -30.41
N TYR F 180 -2.46 3.44 -29.50
CA TYR F 180 -2.02 2.07 -29.75
C TYR F 180 -3.02 1.11 -29.11
N PRO F 181 -3.75 0.36 -29.94
CA PRO F 181 -4.73 -0.57 -29.36
C PRO F 181 -4.20 -1.46 -28.23
N PHE F 182 -3.03 -2.07 -28.43
CA PHE F 182 -2.49 -2.98 -27.39
C PHE F 182 -2.17 -2.29 -26.07
N VAL F 183 -1.92 -0.99 -26.14
CA VAL F 183 -1.66 -0.21 -24.94
C VAL F 183 -3.00 0.01 -24.21
N ARG F 184 -4.01 0.45 -24.94
CA ARG F 184 -5.31 0.64 -24.31
C ARG F 184 -5.79 -0.68 -23.74
N GLU F 185 -5.56 -1.79 -24.45
CA GLU F 185 -6.00 -3.09 -23.93
C GLU F 185 -5.31 -3.44 -22.60
N GLY F 186 -4.03 -3.09 -22.52
CA GLY F 186 -3.25 -3.36 -21.32
C GLY F 186 -3.73 -2.55 -20.14
N LEU F 187 -4.12 -1.31 -20.39
CA LEU F 187 -4.63 -0.45 -19.32
C LEU F 187 -5.99 -0.95 -18.85
N VAL F 188 -6.82 -1.42 -19.78
CA VAL F 188 -8.15 -1.92 -19.43
C VAL F 188 -7.99 -3.15 -18.54
N ASN F 189 -7.17 -4.10 -18.96
CA ASN F 189 -6.93 -5.30 -18.15
C ASN F 189 -6.02 -5.02 -16.95
N LYS F 190 -5.63 -3.78 -16.75
CA LYS F 190 -4.75 -3.47 -15.63
C LYS F 190 -3.48 -4.34 -15.59
N THR F 191 -2.92 -4.59 -16.77
CA THR F 191 -1.67 -5.34 -16.87
C THR F 191 -0.62 -4.31 -17.31
N LEU F 192 -1.05 -3.06 -17.46
CA LEU F 192 -0.17 -1.99 -17.92
C LEU F 192 -0.47 -0.64 -17.28
N ALA F 193 0.58 0.12 -17.01
CA ALA F 193 0.44 1.46 -16.42
C ALA F 193 1.33 2.44 -17.17
N LEU F 194 0.82 3.65 -17.35
CA LEU F 194 1.56 4.71 -18.03
C LEU F 194 2.01 5.73 -17.01
N LYS F 195 3.26 6.18 -17.14
CA LYS F 195 3.81 7.20 -16.24
C LYS F 195 4.65 8.22 -17.00
N GLY F 196 4.59 9.47 -16.55
CA GLY F 196 5.38 10.56 -17.11
C GLY F 196 6.52 10.91 -16.16
N GLY F 197 7.66 11.29 -16.71
CA GLY F 197 8.81 11.62 -15.86
C GLY F 197 9.55 12.86 -16.30
N TYR F 198 10.33 13.42 -15.40
CA TYR F 198 11.10 14.62 -15.72
C TYR F 198 12.34 14.65 -14.86
N TYR F 199 13.49 14.61 -15.54
CA TYR F 199 14.79 14.65 -14.88
C TYR F 199 15.45 15.99 -15.13
N ASP F 200 15.63 16.74 -14.06
CA ASP F 200 16.25 18.05 -14.11
C ASP F 200 17.66 17.88 -13.59
N PHE F 201 18.65 17.73 -14.48
CA PHE F 201 20.02 17.54 -14.00
C PHE F 201 20.70 18.86 -13.58
N VAL F 202 20.02 19.98 -13.77
CA VAL F 202 20.55 21.28 -13.34
C VAL F 202 20.32 21.42 -11.82
N LYS F 203 19.04 21.35 -11.41
CA LYS F 203 18.67 21.45 -10.01
C LYS F 203 18.72 20.09 -9.34
N GLY F 204 19.17 19.07 -10.08
CA GLY F 204 19.28 17.72 -9.54
C GLY F 204 18.00 17.13 -8.96
N SER F 205 16.91 17.16 -9.72
CA SER F 205 15.65 16.62 -9.25
C SER F 205 14.95 15.69 -10.23
N PHE F 206 13.88 15.06 -9.75
CA PHE F 206 13.13 14.12 -10.56
C PHE F 206 11.66 14.16 -10.15
N GLU F 207 10.81 14.45 -11.13
CA GLU F 207 9.36 14.51 -10.91
C GLU F 207 8.72 13.29 -11.60
N LEU F 208 7.81 12.61 -10.90
CA LEU F 208 7.13 11.46 -11.47
C LEU F 208 5.63 11.62 -11.37
N TRP F 209 4.91 11.32 -12.46
CA TRP F 209 3.46 11.38 -12.46
C TRP F 209 2.89 10.21 -13.26
N GLY F 210 1.61 9.92 -13.07
CA GLY F 210 1.04 8.80 -13.80
C GLY F 210 -0.35 9.04 -14.35
N LEU F 211 -0.75 8.21 -15.30
CA LEU F 211 -2.08 8.34 -15.86
C LEU F 211 -3.02 7.45 -15.03
N GLU F 212 -4.03 8.08 -14.43
CA GLU F 212 -5.05 7.37 -13.66
C GLU F 212 -5.99 6.77 -14.72
N PHE F 213 -6.15 5.47 -14.71
CA PHE F 213 -7.02 4.85 -15.67
C PHE F 213 -7.76 3.69 -15.05
N GLY F 214 -9.08 3.77 -15.03
CA GLY F 214 -9.84 2.68 -14.45
C GLY F 214 -11.26 3.04 -14.12
N LEU F 215 -12.07 2.00 -13.95
CA LEU F 215 -13.46 2.20 -13.60
C LEU F 215 -13.55 2.56 -12.11
N SER F 216 -14.49 3.43 -11.78
CA SER F 216 -14.72 3.84 -10.39
C SER F 216 -15.63 2.82 -9.72
N SER F 217 -15.94 3.05 -8.46
CA SER F 217 -16.81 2.16 -7.71
C SER F 217 -18.19 2.25 -8.31
N THR F 218 -18.97 1.18 -8.12
CA THR F 218 -20.32 1.17 -8.66
C THR F 218 -21.27 1.72 -7.56
N PHE F 219 -21.96 2.81 -7.90
CA PHE F 219 -22.90 3.46 -7.00
C PHE F 219 -24.30 2.97 -7.30
N SER F 220 -24.88 2.22 -6.36
CA SER F 220 -26.21 1.65 -6.54
C SER F 220 -27.30 2.45 -5.85
N VAL F 221 -28.40 2.66 -6.56
CA VAL F 221 -29.58 3.35 -6.01
C VAL F 221 -30.84 2.69 -6.60
N THR G 2 -59.15 -0.91 -37.47
CA THR G 2 -60.17 -1.54 -36.58
C THR G 2 -61.52 -1.46 -37.31
N SER G 3 -62.49 -0.67 -36.82
CA SER G 3 -63.81 -0.51 -37.47
C SER G 3 -65.05 -0.42 -36.54
N SER G 4 -65.07 0.56 -35.64
CA SER G 4 -66.15 0.60 -34.67
C SER G 4 -66.88 1.85 -34.25
N SER G 5 -67.28 2.71 -35.17
CA SER G 5 -68.06 3.90 -34.78
C SER G 5 -69.02 4.26 -35.91
N ASP G 6 -70.30 3.92 -35.69
CA ASP G 6 -71.34 4.18 -36.70
C ASP G 6 -70.86 3.76 -38.09
N GLY G 7 -70.33 2.53 -38.15
CA GLY G 7 -69.88 1.95 -39.39
C GLY G 7 -68.53 2.36 -39.94
N ILE G 8 -67.88 3.35 -39.33
CA ILE G 8 -66.60 3.76 -39.87
C ILE G 8 -65.41 3.24 -39.08
N PRO G 9 -64.47 2.58 -39.76
CA PRO G 9 -63.29 2.05 -39.09
C PRO G 9 -62.33 3.11 -38.58
N LYS G 10 -61.61 2.77 -37.52
CA LYS G 10 -60.64 3.69 -36.93
C LYS G 10 -59.30 2.97 -36.70
N SER G 11 -58.18 3.65 -36.95
CA SER G 11 -56.88 3.02 -36.70
C SER G 11 -56.45 3.28 -35.27
N GLU G 12 -56.35 2.22 -34.48
CA GLU G 12 -55.95 2.31 -33.08
C GLU G 12 -54.62 3.05 -33.01
N ALA G 13 -53.63 2.51 -33.73
CA ALA G 13 -52.28 3.08 -33.82
C ALA G 13 -52.28 4.60 -34.11
N SER G 14 -52.94 5.02 -35.20
CA SER G 14 -53.00 6.42 -35.56
C SER G 14 -53.67 7.24 -34.45
N GLU G 15 -54.67 6.63 -33.82
CA GLU G 15 -55.39 7.32 -32.76
C GLU G 15 -54.52 7.47 -31.54
N ARG G 16 -53.77 6.44 -31.21
CA ARG G 16 -52.90 6.47 -30.07
C ARG G 16 -51.85 7.57 -30.26
N ILE G 17 -51.30 7.68 -31.48
CA ILE G 17 -50.30 8.68 -31.76
C ILE G 17 -50.90 10.08 -31.60
N LYS G 18 -52.09 10.27 -32.17
CA LYS G 18 -52.78 11.55 -32.13
C LYS G 18 -53.07 12.00 -30.68
N THR G 19 -53.80 11.18 -29.94
CA THR G 19 -54.13 11.52 -28.56
C THR G 19 -52.84 11.75 -27.77
N GLY G 20 -51.85 10.88 -27.96
CA GLY G 20 -50.57 11.01 -27.27
C GLY G 20 -49.91 12.37 -27.51
N PHE G 21 -49.89 12.82 -28.77
CA PHE G 21 -49.30 14.11 -29.06
C PHE G 21 -50.13 15.24 -28.44
N LEU G 22 -51.46 15.10 -28.51
CA LEU G 22 -52.36 16.11 -27.95
C LEU G 22 -52.17 16.27 -26.45
N HIS G 23 -51.86 15.17 -25.78
CA HIS G 23 -51.61 15.22 -24.35
C HIS G 23 -50.27 15.88 -24.05
N PHE G 24 -49.24 15.59 -24.85
CA PHE G 24 -47.93 16.19 -24.65
C PHE G 24 -48.05 17.68 -24.91
N LYS G 25 -48.81 18.04 -25.94
CA LYS G 25 -49.00 19.42 -26.33
C LYS G 25 -49.60 20.26 -25.20
N LYS G 26 -50.73 19.77 -24.73
CA LYS G 26 -51.54 20.36 -23.67
C LYS G 26 -50.90 20.42 -22.29
N GLU G 27 -50.40 19.28 -21.84
CA GLU G 27 -49.82 19.16 -20.52
C GLU G 27 -48.33 19.46 -20.33
N LYS G 28 -47.55 19.48 -21.42
CA LYS G 28 -46.13 19.73 -21.29
C LYS G 28 -45.67 20.93 -22.07
N TYR G 29 -45.84 20.85 -23.38
CA TYR G 29 -45.43 21.91 -24.27
C TYR G 29 -46.08 23.22 -23.89
N ASP G 30 -47.40 23.20 -23.78
CA ASP G 30 -48.09 24.43 -23.46
C ASP G 30 -47.85 24.98 -22.06
N LYS G 31 -47.45 24.12 -21.13
CA LYS G 31 -47.22 24.56 -19.75
C LYS G 31 -45.80 25.01 -19.44
N ASN G 32 -44.91 25.03 -20.41
CA ASN G 32 -43.53 25.45 -20.17
C ASN G 32 -43.01 26.20 -21.38
N PRO G 33 -43.65 27.32 -21.71
CA PRO G 33 -43.26 28.14 -22.87
C PRO G 33 -41.87 28.72 -22.70
N ALA G 34 -41.44 28.86 -21.46
CA ALA G 34 -40.11 29.39 -21.23
C ALA G 34 -39.13 28.38 -21.82
N LEU G 35 -39.22 27.14 -21.34
CA LEU G 35 -38.35 26.05 -21.78
C LEU G 35 -38.42 25.84 -23.31
N TYR G 36 -39.63 25.64 -23.83
CA TYR G 36 -39.78 25.40 -25.27
C TYR G 36 -39.50 26.61 -26.13
N GLY G 37 -39.54 27.80 -25.54
CA GLY G 37 -39.24 28.98 -26.32
C GLY G 37 -37.75 28.96 -26.57
N GLU G 38 -36.99 28.48 -25.59
CA GLU G 38 -35.55 28.42 -25.73
C GLU G 38 -35.10 27.20 -26.52
N LEU G 39 -35.78 26.08 -26.32
CA LEU G 39 -35.43 24.88 -27.04
C LEU G 39 -35.67 25.06 -28.54
N ALA G 40 -36.61 25.93 -28.92
CA ALA G 40 -36.88 26.17 -30.34
C ALA G 40 -35.68 26.77 -31.08
N LYS G 41 -34.77 27.40 -30.33
CA LYS G 41 -33.58 28.03 -30.91
C LYS G 41 -32.34 27.16 -30.91
N GLY G 42 -32.28 26.14 -30.07
CA GLY G 42 -31.10 25.31 -30.07
C GLY G 42 -31.07 24.33 -28.92
N GLN G 43 -30.10 23.41 -28.93
CA GLN G 43 -30.02 22.43 -27.86
C GLN G 43 -28.58 22.39 -27.36
N SER G 44 -28.42 22.24 -26.05
CA SER G 44 -27.10 22.09 -25.47
C SER G 44 -27.18 21.04 -24.36
N PRO G 45 -27.53 19.81 -24.73
CA PRO G 45 -27.63 18.75 -23.74
C PRO G 45 -26.29 18.44 -23.11
N PRO G 46 -26.25 18.35 -21.78
CA PRO G 46 -24.94 18.03 -21.20
C PRO G 46 -24.61 16.55 -21.31
N PHE G 47 -25.61 15.74 -21.67
CA PHE G 47 -25.42 14.30 -21.80
C PHE G 47 -25.71 13.74 -23.19
N MET G 48 -24.96 12.70 -23.48
CA MET G 48 -25.16 11.89 -24.66
C MET G 48 -25.39 10.55 -23.93
N VAL G 49 -26.46 9.85 -24.30
CA VAL G 49 -26.77 8.56 -23.69
C VAL G 49 -27.02 7.43 -24.72
N PHE G 50 -26.45 6.25 -24.47
CA PHE G 50 -26.70 5.09 -25.30
C PHE G 50 -27.61 4.20 -24.40
N ALA G 51 -28.76 3.78 -24.92
CA ALA G 51 -29.66 2.92 -24.16
C ALA G 51 -30.21 1.91 -25.17
N CYS G 52 -30.72 0.80 -24.68
CA CYS G 52 -31.31 -0.23 -25.53
C CYS G 52 -32.65 0.23 -26.15
N SER G 53 -32.95 -0.27 -27.35
CA SER G 53 -34.21 0.07 -27.99
C SER G 53 -35.41 -0.53 -27.24
N ASP G 54 -35.11 -1.48 -26.36
CA ASP G 54 -36.11 -2.17 -25.51
C ASP G 54 -37.14 -1.15 -25.05
N SER G 55 -38.41 -1.44 -25.33
CA SER G 55 -39.49 -0.53 -24.97
C SER G 55 -39.71 -0.27 -23.49
N ARG G 56 -39.03 -1.05 -22.64
CA ARG G 56 -39.21 -0.91 -21.18
C ARG G 56 -38.13 -0.05 -20.55
N VAL G 57 -37.16 0.40 -21.34
CA VAL G 57 -36.09 1.20 -20.74
C VAL G 57 -35.85 2.65 -21.20
N CYS G 58 -36.90 3.33 -21.65
N CYS G 58 -36.88 3.33 -21.68
CA CYS G 58 -36.80 4.75 -22.07
CA CYS G 58 -36.74 4.70 -22.12
C CYS G 58 -35.88 5.49 -21.11
C CYS G 58 -35.88 5.46 -21.13
N PRO G 59 -34.68 5.91 -21.55
CA PRO G 59 -33.80 6.64 -20.65
C PRO G 59 -34.42 7.96 -20.19
N SER G 60 -35.44 8.41 -20.94
CA SER G 60 -36.14 9.66 -20.65
C SER G 60 -36.91 9.51 -19.36
N HIS G 61 -37.62 8.39 -19.26
CA HIS G 61 -38.40 8.08 -18.07
C HIS G 61 -37.49 7.68 -16.91
N VAL G 62 -36.72 6.62 -17.12
CA VAL G 62 -35.84 6.10 -16.08
C VAL G 62 -34.94 7.10 -15.35
N LEU G 63 -34.33 8.04 -16.06
CA LEU G 63 -33.49 9.02 -15.37
C LEU G 63 -34.12 10.39 -15.32
N ASP G 64 -35.38 10.45 -15.70
CA ASP G 64 -36.14 11.70 -15.68
C ASP G 64 -35.38 12.85 -16.32
N PHE G 65 -35.09 12.69 -17.62
CA PHE G 65 -34.39 13.73 -18.37
C PHE G 65 -35.41 14.69 -18.98
N GLN G 66 -35.19 15.99 -18.80
CA GLN G 66 -36.08 16.98 -19.38
C GLN G 66 -35.71 17.12 -20.86
N PRO G 67 -36.55 17.78 -21.66
CA PRO G 67 -36.16 17.90 -23.06
C PRO G 67 -35.03 18.90 -23.13
N GLY G 68 -34.02 18.62 -23.95
CA GLY G 68 -32.88 19.52 -24.07
C GLY G 68 -31.77 19.07 -23.15
N GLU G 69 -31.98 17.93 -22.51
CA GLU G 69 -31.00 17.43 -21.57
C GLU G 69 -30.10 16.32 -22.02
N ALA G 70 -30.63 15.35 -22.77
CA ALA G 70 -29.81 14.25 -23.20
C ALA G 70 -29.99 13.96 -24.68
N PHE G 71 -28.86 13.88 -25.39
CA PHE G 71 -28.85 13.55 -26.81
C PHE G 71 -28.75 12.00 -26.67
N VAL G 72 -29.70 11.30 -27.27
CA VAL G 72 -29.84 9.86 -27.15
C VAL G 72 -29.70 8.99 -28.39
N VAL G 73 -29.05 7.83 -28.20
CA VAL G 73 -28.91 6.84 -29.24
C VAL G 73 -29.51 5.56 -28.62
N ARG G 74 -30.42 4.94 -29.35
CA ARG G 74 -31.05 3.72 -28.90
C ARG G 74 -30.89 2.69 -30.03
N ASN G 75 -30.29 1.55 -29.70
CA ASN G 75 -30.06 0.45 -30.65
C ASN G 75 -30.19 -0.84 -29.89
N VAL G 76 -29.98 -1.96 -30.56
CA VAL G 76 -30.08 -3.26 -29.93
C VAL G 76 -28.93 -3.52 -28.93
N ALA G 77 -29.32 -3.69 -27.66
CA ALA G 77 -28.37 -3.95 -26.53
C ALA G 77 -27.45 -2.76 -26.20
N ASN G 78 -27.94 -1.55 -26.43
CA ASN G 78 -27.16 -0.34 -26.15
C ASN G 78 -25.64 -0.51 -26.45
N LEU G 79 -25.31 -1.07 -27.61
CA LEU G 79 -23.94 -1.27 -27.95
C LEU G 79 -23.22 -0.10 -28.66
N VAL G 80 -21.95 0.11 -28.31
CA VAL G 80 -21.08 1.09 -28.97
C VAL G 80 -20.00 0.32 -29.73
N PRO G 81 -20.12 0.27 -31.07
CA PRO G 81 -19.11 -0.45 -31.86
C PRO G 81 -17.83 0.41 -31.99
N PRO G 82 -16.69 -0.21 -32.32
CA PRO G 82 -15.46 0.60 -32.46
C PRO G 82 -15.51 1.49 -33.70
N TYR G 83 -14.62 2.48 -33.72
CA TYR G 83 -14.49 3.47 -34.81
C TYR G 83 -14.44 2.71 -36.16
N ASP G 84 -15.37 2.97 -37.05
CA ASP G 84 -15.32 2.29 -38.38
C ASP G 84 -16.23 2.99 -39.35
N GLN G 85 -15.62 3.79 -40.21
CA GLN G 85 -16.40 4.57 -41.18
C GLN G 85 -17.16 3.78 -42.22
N ALA G 86 -16.70 2.58 -42.51
CA ALA G 86 -17.37 1.71 -43.50
C ALA G 86 -18.54 0.88 -42.94
N LYS G 87 -18.41 0.41 -41.69
CA LYS G 87 -19.41 -0.43 -41.01
C LYS G 87 -20.28 0.19 -39.90
N TYR G 88 -19.76 1.17 -39.21
CA TYR G 88 -20.50 1.74 -38.07
C TYR G 88 -20.62 3.26 -38.18
N ALA G 89 -20.99 3.74 -39.35
CA ALA G 89 -21.13 5.17 -39.55
C ALA G 89 -22.22 5.82 -38.70
N GLY G 90 -23.32 5.11 -38.50
CA GLY G 90 -24.42 5.66 -37.72
C GLY G 90 -23.95 5.95 -36.31
N THR G 91 -23.19 5.04 -35.74
CA THR G 91 -22.68 5.21 -34.38
C THR G 91 -21.65 6.34 -34.32
N GLY G 92 -20.65 6.29 -35.19
CA GLY G 92 -19.63 7.33 -35.26
C GLY G 92 -20.25 8.68 -35.49
N ALA G 93 -21.30 8.73 -36.31
CA ALA G 93 -21.90 10.02 -36.61
C ALA G 93 -22.57 10.62 -35.38
N ALA G 94 -23.20 9.77 -34.58
CA ALA G 94 -23.86 10.26 -33.39
C ALA G 94 -22.82 10.75 -32.38
N ILE G 95 -21.75 10.01 -32.20
CA ILE G 95 -20.70 10.40 -31.24
C ILE G 95 -19.97 11.67 -31.69
N GLU G 96 -19.67 11.79 -32.98
CA GLU G 96 -18.99 12.95 -33.53
C GLU G 96 -19.84 14.20 -33.35
N TYR G 97 -21.11 14.08 -33.70
CA TYR G 97 -22.01 15.19 -33.61
C TYR G 97 -22.21 15.64 -32.16
N ALA G 98 -22.42 14.70 -31.23
CA ALA G 98 -22.61 15.08 -29.83
C ALA G 98 -21.35 15.72 -29.20
N VAL G 99 -20.23 15.05 -29.39
CA VAL G 99 -18.96 15.51 -28.84
C VAL G 99 -18.39 16.80 -29.45
N LEU G 100 -18.32 16.84 -30.77
CA LEU G 100 -17.71 18.01 -31.42
C LEU G 100 -18.64 19.13 -31.80
N HIS G 101 -19.92 18.84 -32.05
CA HIS G 101 -20.85 19.87 -32.47
C HIS G 101 -21.74 20.32 -31.33
N LEU G 102 -22.29 19.37 -30.56
CA LEU G 102 -23.15 19.74 -29.44
C LEU G 102 -22.34 20.07 -28.19
N LYS G 103 -21.16 19.47 -28.06
CA LYS G 103 -20.27 19.71 -26.93
C LYS G 103 -20.76 19.12 -25.62
N VAL G 104 -21.29 17.89 -25.66
CA VAL G 104 -21.74 17.24 -24.44
C VAL G 104 -20.55 17.00 -23.54
N SER G 105 -20.79 16.87 -22.23
CA SER G 105 -19.71 16.65 -21.26
C SER G 105 -19.71 15.24 -20.68
N ASN G 106 -20.75 14.48 -21.02
CA ASN G 106 -20.85 13.10 -20.50
C ASN G 106 -21.40 12.15 -21.56
N ILE G 107 -20.86 10.94 -21.61
CA ILE G 107 -21.38 9.92 -22.49
C ILE G 107 -21.68 8.79 -21.54
N VAL G 108 -22.95 8.44 -21.43
CA VAL G 108 -23.38 7.39 -20.51
C VAL G 108 -23.97 6.24 -21.30
N VAL G 109 -23.39 5.06 -21.12
CA VAL G 109 -23.84 3.86 -21.77
C VAL G 109 -24.59 3.05 -20.70
N ILE G 110 -25.88 2.88 -20.92
CA ILE G 110 -26.74 2.15 -19.99
C ILE G 110 -27.23 0.78 -20.51
N GLY G 111 -26.87 -0.28 -19.80
CA GLY G 111 -27.32 -1.61 -20.14
C GLY G 111 -28.51 -1.94 -19.23
N HIS G 112 -29.08 -3.12 -19.32
CA HIS G 112 -30.23 -3.40 -18.48
C HIS G 112 -30.54 -4.86 -18.31
N SER G 113 -31.37 -5.11 -17.31
CA SER G 113 -31.83 -6.45 -16.97
C SER G 113 -32.76 -7.06 -17.99
N ALA G 114 -32.53 -8.33 -18.29
CA ALA G 114 -33.39 -9.08 -19.19
C ALA G 114 -33.35 -8.52 -20.61
N CYS G 115 -32.13 -8.19 -21.06
CA CYS G 115 -31.94 -7.62 -22.39
C CYS G 115 -31.90 -8.74 -23.44
N GLY G 116 -32.85 -8.70 -24.36
CA GLY G 116 -32.94 -9.72 -25.39
C GLY G 116 -31.69 -9.77 -26.24
N GLY G 117 -31.07 -8.61 -26.50
CA GLY G 117 -29.85 -8.60 -27.31
C GLY G 117 -28.71 -9.37 -26.69
N ILE G 118 -28.50 -9.22 -25.39
CA ILE G 118 -27.44 -9.94 -24.70
C ILE G 118 -27.74 -11.46 -24.62
N LYS G 119 -29.01 -11.78 -24.41
CA LYS G 119 -29.44 -13.19 -24.36
C LYS G 119 -29.07 -13.80 -25.69
N GLY G 120 -29.36 -13.08 -26.76
CA GLY G 120 -28.98 -13.56 -28.08
C GLY G 120 -27.49 -13.75 -28.14
N LEU G 121 -26.70 -12.73 -27.75
CA LEU G 121 -25.25 -12.87 -27.78
C LEU G 121 -24.79 -14.16 -27.06
N LEU G 122 -25.33 -14.43 -25.88
CA LEU G 122 -24.91 -15.64 -25.16
C LEU G 122 -25.39 -16.95 -25.79
N SER G 123 -26.58 -16.92 -26.38
CA SER G 123 -27.16 -18.11 -27.03
C SER G 123 -26.54 -18.40 -28.38
N PHE G 124 -26.28 -17.38 -29.19
CA PHE G 124 -25.69 -17.69 -30.50
C PHE G 124 -24.31 -18.26 -30.25
N PRO G 125 -23.85 -19.15 -31.14
CA PRO G 125 -22.55 -19.84 -31.13
C PRO G 125 -21.40 -19.16 -31.85
N PHE G 126 -21.71 -18.30 -32.82
CA PHE G 126 -20.64 -17.64 -33.57
C PHE G 126 -19.64 -18.70 -33.99
N ASP G 127 -20.19 -19.80 -34.49
CA ASP G 127 -19.44 -20.97 -34.93
C ASP G 127 -19.41 -21.06 -36.45
N GLY G 128 -19.36 -19.93 -37.13
CA GLY G 128 -19.34 -19.98 -38.58
C GLY G 128 -20.71 -19.88 -39.19
N THR G 129 -21.74 -20.33 -38.48
CA THR G 129 -23.09 -20.25 -39.01
C THR G 129 -23.94 -19.14 -38.38
N TYR G 130 -24.71 -18.48 -39.23
CA TYR G 130 -25.59 -17.40 -38.79
C TYR G 130 -27.02 -17.83 -39.11
N SER G 131 -27.96 -17.53 -38.22
CA SER G 131 -29.34 -17.90 -38.48
C SER G 131 -30.27 -16.66 -38.44
N THR G 132 -29.68 -15.46 -38.37
CA THR G 132 -30.43 -14.18 -38.36
C THR G 132 -29.86 -13.35 -39.51
N ASP G 133 -30.63 -12.39 -40.00
CA ASP G 133 -30.12 -11.52 -41.08
C ASP G 133 -29.07 -10.52 -40.58
N PHE G 134 -29.38 -9.90 -39.43
CA PHE G 134 -28.52 -8.87 -38.86
C PHE G 134 -28.12 -9.02 -37.38
N ILE G 135 -29.08 -9.51 -36.59
CA ILE G 135 -28.92 -9.64 -35.14
C ILE G 135 -27.62 -10.18 -34.64
N GLU G 136 -27.20 -11.36 -35.13
CA GLU G 136 -25.94 -11.93 -34.67
C GLU G 136 -24.80 -11.03 -35.09
N GLU G 137 -24.87 -10.50 -36.31
CA GLU G 137 -23.82 -9.66 -36.85
C GLU G 137 -23.58 -8.42 -35.99
N TRP G 138 -24.66 -7.87 -35.50
CA TRP G 138 -24.63 -6.67 -34.67
C TRP G 138 -24.15 -7.01 -33.29
N VAL G 139 -24.77 -8.01 -32.64
CA VAL G 139 -24.36 -8.31 -31.28
C VAL G 139 -22.97 -8.89 -31.14
N LYS G 140 -22.32 -9.24 -32.25
CA LYS G 140 -20.97 -9.78 -32.19
C LYS G 140 -20.06 -8.69 -31.61
N ILE G 141 -20.53 -7.45 -31.59
CA ILE G 141 -19.74 -6.36 -31.01
C ILE G 141 -19.44 -6.73 -29.55
N GLY G 142 -20.40 -7.38 -28.88
CA GLY G 142 -20.20 -7.77 -27.50
C GLY G 142 -19.46 -9.07 -27.24
N LEU G 143 -18.91 -9.69 -28.28
CA LEU G 143 -18.16 -10.94 -28.12
C LEU G 143 -17.06 -10.96 -27.03
N PRO G 144 -16.23 -9.89 -26.93
CA PRO G 144 -15.20 -9.96 -25.88
C PRO G 144 -15.74 -9.92 -24.46
N ALA G 145 -16.91 -9.30 -24.29
CA ALA G 145 -17.56 -9.25 -22.99
C ALA G 145 -18.07 -10.66 -22.70
N LYS G 146 -18.60 -11.32 -23.73
CA LYS G 146 -19.10 -12.68 -23.60
C LYS G 146 -17.95 -13.59 -23.18
N ALA G 147 -16.82 -13.48 -23.87
CA ALA G 147 -15.63 -14.27 -23.58
C ALA G 147 -15.13 -14.03 -22.15
N LYS G 148 -15.14 -12.79 -21.71
CA LYS G 148 -14.68 -12.49 -20.38
C LYS G 148 -15.60 -13.12 -19.35
N VAL G 149 -16.89 -12.82 -19.42
CA VAL G 149 -17.89 -13.36 -18.49
C VAL G 149 -17.86 -14.89 -18.42
N LYS G 150 -17.64 -15.54 -19.55
CA LYS G 150 -17.60 -17.01 -19.55
C LYS G 150 -16.30 -17.54 -18.93
N ALA G 151 -15.21 -16.81 -19.10
CA ALA G 151 -13.92 -17.21 -18.55
C ALA G 151 -13.90 -16.96 -17.03
N GLN G 152 -14.72 -16.02 -16.56
CA GLN G 152 -14.78 -15.67 -15.14
C GLN G 152 -15.88 -16.38 -14.35
N HIS G 153 -16.86 -16.93 -15.04
CA HIS G 153 -17.95 -17.62 -14.38
C HIS G 153 -18.17 -18.90 -15.15
N GLY G 154 -17.10 -19.71 -15.20
CA GLY G 154 -17.09 -20.99 -15.89
C GLY G 154 -18.27 -21.94 -15.75
N ASP G 155 -18.90 -21.99 -14.58
CA ASP G 155 -20.04 -22.88 -14.39
C ASP G 155 -21.32 -22.18 -14.00
N ALA G 156 -21.38 -20.87 -14.18
CA ALA G 156 -22.59 -20.15 -13.83
C ALA G 156 -23.79 -20.51 -14.72
N PRO G 157 -25.00 -20.45 -14.16
CA PRO G 157 -26.21 -20.77 -14.93
C PRO G 157 -26.51 -19.66 -15.95
N PHE G 158 -27.01 -20.08 -17.11
CA PHE G 158 -27.33 -19.17 -18.21
C PHE G 158 -27.85 -17.80 -17.80
N ALA G 159 -28.87 -17.80 -16.94
CA ALA G 159 -29.49 -16.58 -16.47
C ALA G 159 -28.48 -15.65 -15.81
N GLU G 160 -27.55 -16.26 -15.08
CA GLU G 160 -26.49 -15.53 -14.38
C GLU G 160 -25.53 -14.97 -15.41
N LEU G 161 -25.15 -15.80 -16.36
CA LEU G 161 -24.26 -15.40 -17.44
C LEU G 161 -24.79 -14.14 -18.14
N CYS G 162 -26.11 -14.05 -18.29
CA CYS G 162 -26.72 -12.90 -18.96
C CYS G 162 -26.56 -11.64 -18.14
N THR G 163 -26.84 -11.71 -16.84
CA THR G 163 -26.69 -10.55 -15.96
C THR G 163 -25.28 -10.01 -16.01
N HIS G 164 -24.31 -10.90 -15.84
CA HIS G 164 -22.91 -10.53 -15.86
C HIS G 164 -22.58 -9.87 -17.20
N CYS G 165 -23.07 -10.47 -18.29
CA CYS G 165 -22.78 -9.97 -19.63
C CYS G 165 -23.44 -8.63 -19.91
N GLU G 166 -24.56 -8.36 -19.28
CA GLU G 166 -25.22 -7.09 -19.52
C GLU G 166 -24.39 -5.98 -18.96
N LYS G 167 -23.65 -6.28 -17.90
CA LYS G 167 -22.80 -5.27 -17.30
C LYS G 167 -21.44 -5.20 -18.02
N GLU G 168 -20.87 -6.37 -18.28
CA GLU G 168 -19.59 -6.39 -18.93
C GLU G 168 -19.65 -5.84 -20.38
N ALA G 169 -20.84 -5.92 -21.00
CA ALA G 169 -20.99 -5.43 -22.38
C ALA G 169 -20.91 -3.89 -22.35
N VAL G 170 -21.42 -3.27 -21.30
CA VAL G 170 -21.35 -1.82 -21.15
C VAL G 170 -19.90 -1.38 -21.11
N ASN G 171 -19.10 -2.10 -20.34
CA ASN G 171 -17.67 -1.82 -20.22
C ASN G 171 -16.97 -2.01 -21.55
N ALA G 172 -17.38 -3.03 -22.31
CA ALA G 172 -16.78 -3.26 -23.61
C ALA G 172 -17.09 -2.04 -24.49
N SER G 173 -18.30 -1.51 -24.36
CA SER G 173 -18.70 -0.33 -25.09
C SER G 173 -17.91 0.90 -24.70
N LEU G 174 -17.61 1.03 -23.41
CA LEU G 174 -16.82 2.18 -22.93
C LEU G 174 -15.43 2.05 -23.52
N GLY G 175 -14.93 0.81 -23.61
CA GLY G 175 -13.62 0.59 -24.20
C GLY G 175 -13.62 0.95 -25.70
N ASN G 176 -14.73 0.67 -26.40
CA ASN G 176 -14.82 1.02 -27.82
C ASN G 176 -14.93 2.54 -28.01
N LEU G 177 -15.51 3.25 -27.05
CA LEU G 177 -15.58 4.72 -27.18
C LEU G 177 -14.15 5.31 -27.21
N LEU G 178 -13.20 4.60 -26.61
CA LEU G 178 -11.83 5.06 -26.57
C LEU G 178 -11.10 4.85 -27.91
N THR G 179 -11.76 4.17 -28.88
CA THR G 179 -11.17 3.98 -30.21
C THR G 179 -11.45 5.25 -31.03
N TYR G 180 -12.24 6.19 -30.47
CA TYR G 180 -12.57 7.41 -31.20
C TYR G 180 -11.63 8.52 -30.75
N PRO G 181 -10.80 9.05 -31.68
CA PRO G 181 -9.88 10.10 -31.26
C PRO G 181 -10.54 11.31 -30.58
N PHE G 182 -11.66 11.78 -31.11
CA PHE G 182 -12.27 12.95 -30.50
C PHE G 182 -12.86 12.69 -29.12
N VAL G 183 -12.96 11.41 -28.76
CA VAL G 183 -13.43 11.05 -27.43
C VAL G 183 -12.19 11.09 -26.52
N ARG G 184 -11.11 10.46 -26.96
CA ARG G 184 -9.88 10.45 -26.15
C ARG G 184 -9.44 11.88 -25.88
N GLU G 185 -9.55 12.74 -26.90
CA GLU G 185 -9.18 14.15 -26.75
C GLU G 185 -10.03 14.89 -25.71
N GLY G 186 -11.33 14.64 -25.72
CA GLY G 186 -12.23 15.27 -24.78
C GLY G 186 -11.86 14.82 -23.38
N LEU G 187 -11.51 13.54 -23.23
CA LEU G 187 -11.13 13.04 -21.93
C LEU G 187 -9.83 13.70 -21.48
N VAL G 188 -8.87 13.80 -22.38
CA VAL G 188 -7.60 14.39 -22.04
C VAL G 188 -7.78 15.86 -21.68
N ASN G 189 -8.67 16.54 -22.38
CA ASN G 189 -8.92 17.97 -22.12
C ASN G 189 -9.94 18.20 -20.99
N LYS G 190 -10.39 17.11 -20.38
CA LYS G 190 -11.37 17.19 -19.30
C LYS G 190 -12.66 17.91 -19.66
N THR G 191 -13.07 17.77 -20.91
CA THR G 191 -14.31 18.36 -21.38
C THR G 191 -15.32 17.22 -21.61
N LEU G 192 -14.93 15.99 -21.26
CA LEU G 192 -15.79 14.85 -21.47
C LEU G 192 -15.58 13.80 -20.40
N ALA G 193 -16.66 13.14 -19.98
CA ALA G 193 -16.55 12.05 -19.01
C ALA G 193 -17.35 10.88 -19.54
N LEU G 194 -16.84 9.66 -19.32
CA LEU G 194 -17.52 8.45 -19.75
C LEU G 194 -18.05 7.73 -18.50
N LYS G 195 -19.31 7.29 -18.59
CA LYS G 195 -19.97 6.56 -17.49
C LYS G 195 -20.78 5.36 -18.01
N GLY G 196 -20.96 4.39 -17.14
CA GLY G 196 -21.73 3.22 -17.49
C GLY G 196 -22.85 3.08 -16.47
N GLY G 197 -23.99 2.55 -16.90
CA GLY G 197 -25.12 2.37 -16.01
C GLY G 197 -25.76 1.00 -16.21
N TYR G 198 -26.55 0.57 -15.22
CA TYR G 198 -27.25 -0.70 -15.33
C TYR G 198 -28.53 -0.55 -14.60
N TYR G 199 -29.63 -0.56 -15.38
CA TYR G 199 -30.97 -0.43 -14.86
C TYR G 199 -31.56 -1.84 -14.76
N ASP G 200 -31.87 -2.25 -13.54
CA ASP G 200 -32.46 -3.57 -13.28
C ASP G 200 -33.94 -3.25 -13.04
N PHE G 201 -34.82 -3.45 -14.03
CA PHE G 201 -36.22 -3.09 -13.84
C PHE G 201 -37.04 -4.14 -13.11
N VAL G 202 -36.47 -5.34 -13.00
CA VAL G 202 -37.11 -6.40 -12.24
C VAL G 202 -37.05 -5.99 -10.75
N LYS G 203 -35.84 -5.80 -10.23
CA LYS G 203 -35.62 -5.44 -8.84
C LYS G 203 -35.90 -3.99 -8.56
N GLY G 204 -35.90 -3.15 -9.60
CA GLY G 204 -36.16 -1.73 -9.41
C GLY G 204 -34.94 -0.92 -8.98
N SER G 205 -33.78 -1.18 -9.58
CA SER G 205 -32.58 -0.46 -9.19
C SER G 205 -31.71 0.08 -10.33
N PHE G 206 -30.79 0.96 -9.97
CA PHE G 206 -29.88 1.52 -10.94
C PHE G 206 -28.46 1.60 -10.40
N GLU G 207 -27.50 1.14 -11.19
CA GLU G 207 -26.08 1.16 -10.85
C GLU G 207 -25.36 2.08 -11.83
N LEU G 208 -24.53 2.96 -11.27
CA LEU G 208 -23.75 3.93 -12.04
C LEU G 208 -22.27 3.83 -11.71
N TRP G 209 -21.44 3.83 -12.74
CA TRP G 209 -20.02 3.78 -12.51
C TRP G 209 -19.37 4.62 -13.61
N GLY G 210 -18.10 4.90 -13.47
CA GLY G 210 -17.48 5.73 -14.48
C GLY G 210 -16.04 5.43 -14.78
N LEU G 211 -15.55 6.02 -15.87
CA LEU G 211 -14.17 5.82 -16.25
C LEU G 211 -13.29 6.89 -15.60
N GLU G 212 -12.43 6.46 -14.68
CA GLU G 212 -11.50 7.38 -14.03
C GLU G 212 -10.41 7.61 -15.06
N PHE G 213 -10.19 8.87 -15.43
CA PHE G 213 -9.16 9.20 -16.41
C PHE G 213 -8.51 10.55 -16.07
N GLY G 214 -7.20 10.54 -15.92
CA GLY G 214 -6.48 11.77 -15.60
C GLY G 214 -5.07 11.55 -15.09
N LEU G 215 -4.26 12.59 -15.25
CA LEU G 215 -2.87 12.54 -14.81
C LEU G 215 -2.82 12.95 -13.36
N SER G 216 -2.04 12.20 -12.59
CA SER G 216 -1.88 12.48 -11.17
C SER G 216 -0.40 12.55 -10.81
N SER G 217 0.03 13.57 -10.07
CA SER G 217 1.45 13.65 -9.70
C SER G 217 1.82 12.59 -8.65
N THR G 218 2.80 11.76 -8.94
CA THR G 218 3.25 10.69 -8.05
C THR G 218 4.25 11.13 -6.97
N PHE G 219 5.32 11.82 -7.38
CA PHE G 219 6.29 12.36 -6.43
C PHE G 219 7.16 13.43 -7.06
N SER G 220 7.77 14.24 -6.21
CA SER G 220 8.62 15.33 -6.65
C SER G 220 9.81 15.46 -5.74
N VAL G 221 10.88 14.72 -6.04
CA VAL G 221 12.11 14.77 -5.27
C VAL G 221 13.12 15.65 -6.01
N SER H 11 -19.48 14.05 -11.17
CA SER H 11 -19.79 14.52 -9.79
C SER H 11 -21.15 15.20 -9.86
N GLU H 12 -21.20 16.40 -10.44
CA GLU H 12 -22.50 17.03 -10.58
C GLU H 12 -23.33 16.11 -11.50
N ALA H 13 -22.71 15.71 -12.60
CA ALA H 13 -23.40 14.83 -13.54
C ALA H 13 -23.86 13.56 -12.86
N SER H 14 -23.00 12.93 -12.06
CA SER H 14 -23.37 11.70 -11.38
C SER H 14 -24.54 11.98 -10.46
N GLU H 15 -24.44 13.08 -9.71
CA GLU H 15 -25.50 13.49 -8.78
C GLU H 15 -26.81 13.72 -9.53
N ARG H 16 -26.70 14.36 -10.68
CA ARG H 16 -27.88 14.64 -11.50
C ARG H 16 -28.56 13.33 -11.90
N ILE H 17 -27.77 12.35 -12.31
CA ILE H 17 -28.29 11.03 -12.72
C ILE H 17 -28.90 10.31 -11.51
N LYS H 18 -28.26 10.50 -10.35
CA LYS H 18 -28.75 9.88 -9.13
C LYS H 18 -30.12 10.45 -8.76
N THR H 19 -30.21 11.78 -8.67
CA THR H 19 -31.48 12.42 -8.35
C THR H 19 -32.53 11.99 -9.35
N GLY H 20 -32.17 12.09 -10.62
CA GLY H 20 -33.10 11.72 -11.68
C GLY H 20 -33.76 10.38 -11.51
N PHE H 21 -32.96 9.34 -11.25
CA PHE H 21 -33.49 7.98 -11.10
C PHE H 21 -34.26 7.83 -9.80
N LEU H 22 -33.77 8.48 -8.74
CA LEU H 22 -34.45 8.41 -7.46
C LEU H 22 -35.83 9.02 -7.66
N HIS H 23 -35.88 10.21 -8.29
CA HIS H 23 -37.17 10.86 -8.54
C HIS H 23 -38.10 9.96 -9.36
N PHE H 24 -37.52 9.14 -10.23
CA PHE H 24 -38.34 8.25 -11.05
C PHE H 24 -38.72 6.99 -10.26
N LYS H 25 -37.92 6.66 -9.25
CA LYS H 25 -38.14 5.47 -8.45
C LYS H 25 -39.45 5.59 -7.67
N LYS H 26 -39.60 6.66 -6.91
CA LYS H 26 -40.83 6.83 -6.15
C LYS H 26 -41.91 7.22 -7.12
N GLU H 27 -41.96 8.51 -7.44
CA GLU H 27 -42.95 9.05 -8.34
C GLU H 27 -43.53 8.09 -9.37
N LYS H 28 -42.70 7.27 -10.02
CA LYS H 28 -43.26 6.38 -11.04
C LYS H 28 -43.13 4.87 -10.84
N TYR H 29 -41.92 4.38 -10.54
CA TYR H 29 -41.75 2.92 -10.37
C TYR H 29 -42.44 2.35 -9.13
N ASP H 30 -42.23 2.99 -7.98
CA ASP H 30 -42.82 2.55 -6.73
C ASP H 30 -44.31 2.88 -6.57
N LYS H 31 -44.82 3.77 -7.42
CA LYS H 31 -46.24 4.10 -7.37
C LYS H 31 -46.96 3.36 -8.49
N ASN H 32 -46.43 2.21 -8.87
CA ASN H 32 -47.07 1.46 -9.94
C ASN H 32 -46.72 -0.02 -10.03
N PRO H 33 -46.55 -0.69 -8.87
CA PRO H 33 -46.20 -2.12 -8.83
C PRO H 33 -46.97 -2.99 -9.80
N ALA H 34 -48.16 -2.54 -10.15
CA ALA H 34 -49.01 -3.27 -11.08
C ALA H 34 -48.39 -3.25 -12.48
N LEU H 35 -47.97 -2.05 -12.90
CA LEU H 35 -47.39 -1.87 -14.23
C LEU H 35 -46.06 -2.62 -14.39
N TYR H 36 -45.06 -2.25 -13.60
CA TYR H 36 -43.75 -2.88 -13.75
C TYR H 36 -43.67 -4.37 -13.45
N GLY H 37 -44.52 -4.87 -12.57
CA GLY H 37 -44.48 -6.30 -12.31
C GLY H 37 -44.76 -7.03 -13.61
N GLU H 38 -45.56 -6.39 -14.45
CA GLU H 38 -45.91 -6.92 -15.75
C GLU H 38 -44.76 -6.78 -16.76
N LEU H 39 -44.26 -5.56 -16.91
CA LEU H 39 -43.16 -5.30 -17.84
C LEU H 39 -42.01 -6.26 -17.55
N ALA H 40 -41.84 -6.63 -16.29
CA ALA H 40 -40.78 -7.55 -15.89
C ALA H 40 -40.96 -8.88 -16.57
N LYS H 41 -42.19 -9.17 -16.98
CA LYS H 41 -42.53 -10.43 -17.63
C LYS H 41 -41.88 -10.59 -19.01
N GLY H 42 -41.93 -9.50 -19.78
CA GLY H 42 -41.39 -9.46 -21.12
C GLY H 42 -42.00 -8.24 -21.79
N GLN H 43 -41.79 -8.07 -23.09
CA GLN H 43 -42.35 -6.89 -23.78
C GLN H 43 -43.08 -7.27 -25.09
N SER H 44 -44.14 -6.53 -25.39
CA SER H 44 -44.92 -6.77 -26.60
C SER H 44 -45.40 -5.40 -27.11
N PRO H 45 -44.44 -4.49 -27.44
CA PRO H 45 -44.75 -3.14 -27.93
C PRO H 45 -45.40 -3.21 -29.31
N PRO H 46 -46.48 -2.48 -29.52
CA PRO H 46 -47.13 -2.50 -30.85
C PRO H 46 -46.42 -1.57 -31.86
N PHE H 47 -45.56 -0.70 -31.32
CA PHE H 47 -44.81 0.27 -32.12
C PHE H 47 -43.32 0.09 -32.16
N MET H 48 -42.76 0.42 -33.32
CA MET H 48 -41.33 0.49 -33.50
C MET H 48 -41.26 1.91 -34.01
N VAL H 49 -40.39 2.69 -33.39
CA VAL H 49 -40.25 4.11 -33.74
C VAL H 49 -38.81 4.53 -34.00
N PHE H 50 -38.59 5.23 -35.12
CA PHE H 50 -37.30 5.81 -35.42
C PHE H 50 -37.49 7.33 -35.19
N ALA H 51 -36.62 7.94 -34.42
CA ALA H 51 -36.68 9.37 -34.10
C ALA H 51 -35.24 9.97 -34.03
N CYS H 52 -35.12 11.26 -34.18
CA CYS H 52 -33.78 11.82 -34.11
C CYS H 52 -33.20 11.77 -32.69
N SER H 53 -31.88 11.65 -32.61
CA SER H 53 -31.16 11.65 -31.33
C SER H 53 -31.24 13.03 -30.63
N ASP H 54 -31.67 14.04 -31.39
CA ASP H 54 -31.84 15.42 -30.87
C ASP H 54 -32.50 15.36 -29.48
N SER H 55 -31.87 15.98 -28.47
CA SER H 55 -32.41 15.97 -27.09
C SER H 55 -33.80 16.59 -26.94
N ARG H 56 -34.29 17.28 -27.96
CA ARG H 56 -35.61 17.90 -27.85
C ARG H 56 -36.75 17.07 -28.44
N VAL H 57 -36.44 15.90 -28.99
CA VAL H 57 -37.54 15.18 -29.61
C VAL H 57 -37.83 13.76 -29.13
N CYS H 58 -37.45 13.47 -27.89
N CYS H 58 -37.46 13.47 -27.88
CA CYS H 58 -37.69 12.17 -27.30
CA CYS H 58 -37.70 12.15 -27.29
C CYS H 58 -39.09 11.74 -27.71
C CYS H 58 -39.10 11.72 -27.70
N PRO H 59 -39.21 10.66 -28.50
CA PRO H 59 -40.52 10.18 -28.94
C PRO H 59 -41.48 9.89 -27.76
N SER H 60 -40.95 9.27 -26.71
CA SER H 60 -41.78 9.00 -25.54
C SER H 60 -42.52 10.28 -25.11
N HIS H 61 -41.76 11.32 -24.72
CA HIS H 61 -42.36 12.58 -24.30
C HIS H 61 -43.31 13.15 -25.34
N VAL H 62 -42.82 13.27 -26.57
CA VAL H 62 -43.60 13.90 -27.62
C VAL H 62 -44.89 13.15 -27.97
N LEU H 63 -44.86 11.82 -27.87
CA LEU H 63 -46.06 11.05 -28.18
C LEU H 63 -46.61 10.38 -26.91
N ASP H 64 -46.01 10.74 -25.78
CA ASP H 64 -46.41 10.23 -24.48
C ASP H 64 -46.44 8.72 -24.42
N PHE H 65 -45.40 8.09 -24.96
CA PHE H 65 -45.28 6.65 -24.96
C PHE H 65 -44.81 6.12 -23.60
N GLN H 66 -45.66 5.32 -22.95
CA GLN H 66 -45.34 4.74 -21.65
C GLN H 66 -44.48 3.51 -21.89
N PRO H 67 -43.78 3.06 -20.85
CA PRO H 67 -42.94 1.87 -21.04
C PRO H 67 -43.72 0.64 -21.53
N GLY H 68 -43.06 -0.11 -22.39
CA GLY H 68 -43.64 -1.29 -22.99
C GLY H 68 -44.47 -0.97 -24.23
N GLU H 69 -44.61 0.31 -24.58
CA GLU H 69 -45.38 0.70 -25.74
C GLU H 69 -44.67 0.84 -27.09
N ALA H 70 -43.44 1.38 -27.05
CA ALA H 70 -42.65 1.62 -28.26
C ALA H 70 -41.19 1.12 -28.20
N PHE H 71 -40.82 0.31 -29.18
CA PHE H 71 -39.46 -0.19 -29.30
C PHE H 71 -38.83 0.98 -30.09
N VAL H 72 -37.76 1.56 -29.56
CA VAL H 72 -37.19 2.75 -30.18
C VAL H 72 -35.78 2.73 -30.72
N VAL H 73 -35.61 3.39 -31.86
CA VAL H 73 -34.30 3.55 -32.43
C VAL H 73 -34.12 5.05 -32.58
N ARG H 74 -33.02 5.57 -32.06
CA ARG H 74 -32.71 7.00 -32.25
C ARG H 74 -31.33 7.14 -32.85
N ASN H 75 -31.21 7.95 -33.89
CA ASN H 75 -29.92 8.12 -34.50
C ASN H 75 -29.94 9.50 -35.13
N VAL H 76 -28.82 9.89 -35.68
CA VAL H 76 -28.79 11.21 -36.32
C VAL H 76 -29.73 11.30 -37.48
N ALA H 77 -30.66 12.26 -37.36
CA ALA H 77 -31.66 12.55 -38.39
C ALA H 77 -32.71 11.46 -38.68
N ASN H 78 -32.90 10.57 -37.71
CA ASN H 78 -33.93 9.56 -37.80
C ASN H 78 -33.98 8.87 -39.14
N LEU H 79 -32.80 8.56 -39.61
CA LEU H 79 -32.66 7.97 -40.91
C LEU H 79 -32.71 6.45 -40.86
N VAL H 80 -33.28 5.87 -41.90
CA VAL H 80 -33.33 4.44 -42.02
C VAL H 80 -32.57 4.05 -43.30
N PRO H 81 -31.35 3.49 -43.18
CA PRO H 81 -30.63 3.11 -44.39
C PRO H 81 -31.27 1.87 -45.04
N PRO H 82 -30.93 1.60 -46.30
CA PRO H 82 -31.47 0.42 -47.01
C PRO H 82 -30.75 -0.81 -46.49
N TYR H 83 -31.36 -1.97 -46.73
CA TYR H 83 -30.82 -3.27 -46.30
C TYR H 83 -29.36 -3.44 -46.67
N ASP H 84 -28.49 -3.63 -45.69
CA ASP H 84 -27.07 -3.82 -45.97
C ASP H 84 -26.43 -4.42 -44.71
N GLN H 85 -26.11 -5.70 -44.82
CA GLN H 85 -25.57 -6.45 -43.69
C GLN H 85 -24.16 -6.05 -43.34
N ALA H 86 -23.42 -5.50 -44.30
CA ALA H 86 -22.07 -5.12 -44.03
C ALA H 86 -21.92 -3.66 -43.60
N LYS H 87 -22.83 -2.77 -44.02
CA LYS H 87 -22.71 -1.36 -43.71
C LYS H 87 -23.67 -0.88 -42.67
N TYR H 88 -24.87 -1.46 -42.64
CA TYR H 88 -25.92 -1.03 -41.76
C TYR H 88 -26.55 -2.09 -40.87
N ALA H 89 -25.71 -2.90 -40.22
CA ALA H 89 -26.18 -3.98 -39.36
C ALA H 89 -26.95 -3.50 -38.16
N GLY H 90 -26.59 -2.31 -37.63
CA GLY H 90 -27.33 -1.76 -36.49
C GLY H 90 -28.79 -1.48 -36.79
N THR H 91 -29.09 -0.79 -37.88
CA THR H 91 -30.47 -0.55 -38.25
C THR H 91 -31.16 -1.90 -38.60
N GLY H 92 -30.45 -2.77 -39.30
CA GLY H 92 -31.07 -4.02 -39.70
C GLY H 92 -31.47 -4.89 -38.52
N ALA H 93 -30.58 -5.00 -37.55
CA ALA H 93 -30.81 -5.77 -36.33
C ALA H 93 -32.01 -5.26 -35.56
N ALA H 94 -32.14 -3.93 -35.45
CA ALA H 94 -33.28 -3.37 -34.78
C ALA H 94 -34.59 -3.71 -35.47
N ILE H 95 -34.64 -3.61 -36.80
CA ILE H 95 -35.89 -3.86 -37.52
C ILE H 95 -36.18 -5.34 -37.46
N GLU H 96 -35.14 -6.15 -37.65
CA GLU H 96 -35.32 -7.59 -37.62
C GLU H 96 -35.88 -8.03 -36.27
N TYR H 97 -35.33 -7.49 -35.19
CA TYR H 97 -35.79 -7.86 -33.85
C TYR H 97 -37.24 -7.48 -33.62
N ALA H 98 -37.55 -6.21 -33.88
CA ALA H 98 -38.88 -5.65 -33.69
C ALA H 98 -39.95 -6.30 -34.54
N VAL H 99 -39.62 -6.60 -35.79
CA VAL H 99 -40.60 -7.20 -36.67
C VAL H 99 -40.76 -8.71 -36.46
N LEU H 100 -39.65 -9.42 -36.42
CA LEU H 100 -39.71 -10.88 -36.30
C LEU H 100 -39.74 -11.45 -34.90
N HIS H 101 -39.16 -10.74 -33.93
CA HIS H 101 -39.16 -11.27 -32.58
C HIS H 101 -40.25 -10.66 -31.73
N LEU H 102 -40.27 -9.33 -31.64
CA LEU H 102 -41.31 -8.68 -30.87
C LEU H 102 -42.64 -8.56 -31.61
N LYS H 103 -42.64 -8.83 -32.92
CA LYS H 103 -43.88 -8.72 -33.71
C LYS H 103 -44.60 -7.38 -33.59
N VAL H 104 -43.87 -6.28 -33.73
CA VAL H 104 -44.55 -4.99 -33.65
C VAL H 104 -45.51 -4.91 -34.80
N SER H 105 -46.56 -4.09 -34.62
CA SER H 105 -47.62 -3.89 -35.62
C SER H 105 -47.44 -2.61 -36.44
N ASN H 106 -46.54 -1.75 -36.00
CA ASN H 106 -46.35 -0.49 -36.70
C ASN H 106 -44.89 -0.02 -36.68
N ILE H 107 -44.41 0.55 -37.80
CA ILE H 107 -43.09 1.20 -37.80
C ILE H 107 -43.38 2.66 -38.16
N VAL H 108 -42.98 3.59 -37.27
CA VAL H 108 -43.21 5.00 -37.50
C VAL H 108 -41.85 5.74 -37.61
N VAL H 109 -41.59 6.40 -38.72
CA VAL H 109 -40.34 7.15 -38.84
C VAL H 109 -40.76 8.61 -38.55
N ILE H 110 -40.16 9.24 -37.54
CA ILE H 110 -40.57 10.61 -37.19
C ILE H 110 -39.42 11.61 -37.37
N GLY H 111 -39.63 12.57 -38.28
CA GLY H 111 -38.65 13.60 -38.55
C GLY H 111 -39.05 14.85 -37.74
N HIS H 112 -38.25 15.91 -37.74
CA HIS H 112 -38.65 17.08 -36.96
C HIS H 112 -38.06 18.40 -37.49
N SER H 113 -38.56 19.51 -36.94
CA SER H 113 -38.13 20.87 -37.31
C SER H 113 -36.73 21.16 -36.79
N ALA H 114 -35.97 21.93 -37.56
CA ALA H 114 -34.62 22.35 -37.20
C ALA H 114 -33.70 21.18 -36.93
N CYS H 115 -33.79 20.15 -37.78
CA CYS H 115 -32.93 18.98 -37.58
C CYS H 115 -31.52 19.26 -38.10
N GLY H 116 -30.55 19.22 -37.20
CA GLY H 116 -29.17 19.49 -37.56
C GLY H 116 -28.57 18.50 -38.54
N GLY H 117 -29.04 17.24 -38.50
CA GLY H 117 -28.52 16.25 -39.44
C GLY H 117 -28.96 16.61 -40.84
N ILE H 118 -30.22 17.01 -40.99
CA ILE H 118 -30.74 17.40 -42.30
C ILE H 118 -30.09 18.71 -42.77
N LYS H 119 -29.86 19.64 -41.83
CA LYS H 119 -29.25 20.90 -42.20
C LYS H 119 -27.89 20.57 -42.78
N GLY H 120 -27.18 19.67 -42.13
CA GLY H 120 -25.86 19.24 -42.57
C GLY H 120 -25.96 18.59 -43.95
N LEU H 121 -26.93 17.70 -44.13
CA LEU H 121 -27.15 17.06 -45.42
C LEU H 121 -27.26 18.13 -46.56
N LEU H 122 -28.03 19.20 -46.30
CA LEU H 122 -28.20 20.28 -47.31
C LEU H 122 -26.97 21.17 -47.50
N SER H 123 -26.16 21.29 -46.45
CA SER H 123 -24.95 22.13 -46.49
C SER H 123 -23.73 21.47 -47.09
N PHE H 124 -23.48 20.22 -46.72
CA PHE H 124 -22.33 19.49 -47.25
C PHE H 124 -22.53 19.38 -48.75
N PRO H 125 -21.45 19.54 -49.51
CA PRO H 125 -21.43 19.49 -50.97
C PRO H 125 -21.58 18.12 -51.63
N PHE H 126 -21.05 17.07 -50.98
CA PHE H 126 -21.04 15.68 -51.47
C PHE H 126 -20.48 15.70 -52.88
N ASP H 127 -19.29 16.32 -52.97
CA ASP H 127 -18.57 16.51 -54.22
C ASP H 127 -17.18 15.86 -54.17
N GLY H 128 -17.02 14.82 -53.36
CA GLY H 128 -15.75 14.13 -53.25
C GLY H 128 -14.92 14.54 -52.05
N THR H 129 -15.28 15.66 -51.45
CA THR H 129 -14.56 16.13 -50.26
C THR H 129 -15.44 15.95 -49.00
N TYR H 130 -14.83 15.48 -47.91
CA TYR H 130 -15.53 15.29 -46.62
C TYR H 130 -14.78 16.03 -45.51
N SER H 131 -15.50 16.80 -44.70
CA SER H 131 -14.87 17.54 -43.61
C SER H 131 -15.24 16.97 -42.24
N THR H 132 -15.81 15.76 -42.24
CA THR H 132 -16.22 15.09 -41.00
C THR H 132 -15.73 13.62 -41.10
N ASP H 133 -15.63 12.97 -39.95
CA ASP H 133 -15.21 11.57 -39.93
C ASP H 133 -16.36 10.64 -40.28
N PHE H 134 -17.58 10.99 -39.83
CA PHE H 134 -18.80 10.17 -39.99
C PHE H 134 -20.08 10.91 -40.42
N ILE H 135 -20.25 12.15 -39.97
CA ILE H 135 -21.50 12.84 -40.25
C ILE H 135 -21.92 12.84 -41.69
N GLU H 136 -21.01 13.20 -42.61
CA GLU H 136 -21.40 13.21 -44.00
C GLU H 136 -21.70 11.78 -44.49
N GLU H 137 -20.83 10.84 -44.15
CA GLU H 137 -21.00 9.45 -44.56
C GLU H 137 -22.40 8.95 -44.13
N TRP H 138 -22.86 9.36 -42.94
CA TRP H 138 -24.19 8.91 -42.49
C TRP H 138 -25.39 9.59 -43.17
N VAL H 139 -25.46 10.93 -43.11
CA VAL H 139 -26.58 11.62 -43.74
C VAL H 139 -26.63 11.51 -45.29
N LYS H 140 -25.62 10.96 -45.92
CA LYS H 140 -25.73 10.83 -47.38
C LYS H 140 -26.88 9.86 -47.73
N ILE H 141 -27.35 9.11 -46.73
CA ILE H 141 -28.52 8.24 -46.92
C ILE H 141 -29.69 9.10 -47.44
N GLY H 142 -29.72 10.37 -47.01
CA GLY H 142 -30.81 11.21 -47.44
C GLY H 142 -30.61 11.98 -48.76
N LEU H 143 -29.54 11.72 -49.48
CA LEU H 143 -29.31 12.45 -50.73
C LEU H 143 -30.46 12.46 -51.71
N PRO H 144 -31.23 11.35 -51.83
CA PRO H 144 -32.36 11.38 -52.76
C PRO H 144 -33.40 12.43 -52.37
N ALA H 145 -33.64 12.58 -51.09
CA ALA H 145 -34.57 13.62 -50.63
C ALA H 145 -33.97 15.02 -51.00
N LYS H 146 -32.68 15.21 -50.73
CA LYS H 146 -32.04 16.49 -51.05
C LYS H 146 -32.24 16.78 -52.54
N ALA H 147 -31.99 15.79 -53.40
CA ALA H 147 -32.15 15.93 -54.85
C ALA H 147 -33.57 16.32 -55.24
N LYS H 148 -34.56 15.68 -54.61
CA LYS H 148 -35.96 15.99 -54.93
C LYS H 148 -36.30 17.42 -54.48
N VAL H 149 -35.91 17.73 -53.26
CA VAL H 149 -36.21 19.05 -52.70
C VAL H 149 -35.62 20.17 -53.56
N LYS H 150 -34.32 20.09 -53.85
CA LYS H 150 -33.64 21.09 -54.66
C LYS H 150 -34.17 21.20 -56.08
N ALA H 151 -34.69 20.11 -56.62
CA ALA H 151 -35.22 20.17 -57.94
C ALA H 151 -36.61 20.82 -57.98
N GLN H 152 -37.42 20.63 -56.94
CA GLN H 152 -38.77 21.19 -56.95
C GLN H 152 -38.96 22.50 -56.17
N HIS H 153 -37.99 22.85 -55.34
CA HIS H 153 -38.06 24.05 -54.50
C HIS H 153 -36.74 24.77 -54.53
N GLY H 154 -36.10 24.76 -55.68
CA GLY H 154 -34.81 25.40 -55.84
C GLY H 154 -34.67 26.84 -55.35
N ASP H 155 -35.67 27.67 -55.62
CA ASP H 155 -35.58 29.07 -55.21
C ASP H 155 -35.75 29.29 -53.73
N ALA H 156 -36.62 28.48 -53.12
CA ALA H 156 -36.92 28.58 -51.69
C ALA H 156 -35.77 28.96 -50.79
N PRO H 157 -36.07 29.72 -49.73
CA PRO H 157 -35.02 30.12 -48.78
C PRO H 157 -34.47 28.86 -48.13
N PHE H 158 -33.25 28.92 -47.60
CA PHE H 158 -32.63 27.75 -47.00
C PHE H 158 -33.48 27.14 -45.90
N ALA H 159 -34.04 27.97 -45.02
CA ALA H 159 -34.87 27.48 -43.93
C ALA H 159 -36.04 26.64 -44.41
N GLU H 160 -36.65 27.07 -45.53
CA GLU H 160 -37.78 26.37 -46.15
C GLU H 160 -37.31 25.05 -46.79
N LEU H 161 -36.14 25.07 -47.42
CA LEU H 161 -35.54 23.86 -48.03
C LEU H 161 -35.40 22.82 -46.92
N CYS H 162 -34.80 23.25 -45.81
CA CYS H 162 -34.63 22.38 -44.66
C CYS H 162 -35.93 21.71 -44.26
N THR H 163 -37.01 22.48 -44.20
CA THR H 163 -38.31 21.93 -43.83
C THR H 163 -38.78 20.90 -44.82
N HIS H 164 -38.66 21.23 -46.11
CA HIS H 164 -39.07 20.32 -47.17
C HIS H 164 -38.26 19.02 -47.10
N CYS H 165 -36.98 19.15 -46.83
CA CYS H 165 -36.05 18.03 -46.77
C CYS H 165 -36.21 17.17 -45.52
N GLU H 166 -36.60 17.81 -44.41
CA GLU H 166 -36.85 17.05 -43.19
C GLU H 166 -38.00 16.07 -43.47
N LYS H 167 -38.97 16.52 -44.25
CA LYS H 167 -40.14 15.75 -44.57
C LYS H 167 -39.88 14.71 -45.62
N GLU H 168 -39.21 15.11 -46.70
CA GLU H 168 -38.91 14.15 -47.76
C GLU H 168 -37.96 13.10 -47.29
N ALA H 169 -37.03 13.47 -46.40
CA ALA H 169 -36.12 12.48 -45.87
C ALA H 169 -36.88 11.35 -45.11
N VAL H 170 -38.00 11.68 -44.46
CA VAL H 170 -38.83 10.64 -43.79
C VAL H 170 -39.37 9.64 -44.85
N ASN H 171 -39.77 10.18 -46.00
CA ASN H 171 -40.29 9.40 -47.10
C ASN H 171 -39.21 8.52 -47.72
N ALA H 172 -37.98 9.03 -47.75
CA ALA H 172 -36.84 8.29 -48.26
C ALA H 172 -36.62 7.12 -47.31
N SER H 173 -36.75 7.39 -46.01
CA SER H 173 -36.60 6.33 -45.02
C SER H 173 -37.71 5.26 -45.11
N LEU H 174 -38.95 5.68 -45.36
CA LEU H 174 -40.07 4.77 -45.52
C LEU H 174 -39.74 3.88 -46.71
N GLY H 175 -39.25 4.48 -47.79
CA GLY H 175 -38.86 3.71 -48.96
C GLY H 175 -37.72 2.72 -48.64
N ASN H 176 -36.73 3.12 -47.84
CA ASN H 176 -35.66 2.20 -47.49
C ASN H 176 -36.18 1.02 -46.62
N LEU H 177 -37.24 1.27 -45.86
CA LEU H 177 -37.82 0.20 -45.02
C LEU H 177 -38.37 -0.89 -45.95
N LEU H 178 -38.82 -0.49 -47.15
CA LEU H 178 -39.33 -1.47 -48.13
C LEU H 178 -38.23 -2.32 -48.80
N THR H 179 -36.98 -2.10 -48.42
CA THR H 179 -35.88 -2.94 -48.95
C THR H 179 -35.60 -4.11 -47.96
N TYR H 180 -36.33 -4.16 -46.83
CA TYR H 180 -36.19 -5.24 -45.85
C TYR H 180 -37.30 -6.27 -46.20
N PRO H 181 -36.90 -7.42 -46.72
CA PRO H 181 -37.92 -8.42 -47.09
C PRO H 181 -38.99 -8.74 -46.07
N PHE H 182 -38.59 -8.79 -44.79
CA PHE H 182 -39.53 -9.10 -43.73
C PHE H 182 -40.50 -7.92 -43.48
N VAL H 183 -40.09 -6.71 -43.85
CA VAL H 183 -41.03 -5.61 -43.73
C VAL H 183 -42.08 -5.73 -44.84
N ARG H 184 -41.63 -5.98 -46.08
CA ARG H 184 -42.57 -6.14 -47.17
C ARG H 184 -43.55 -7.30 -46.84
N GLU H 185 -43.03 -8.39 -46.28
CA GLU H 185 -43.88 -9.53 -45.97
C GLU H 185 -44.93 -9.17 -44.92
N GLY H 186 -44.52 -8.39 -43.91
CA GLY H 186 -45.48 -7.99 -42.89
C GLY H 186 -46.54 -7.11 -43.51
N LEU H 187 -46.16 -6.25 -44.46
CA LEU H 187 -47.16 -5.38 -45.07
C LEU H 187 -48.16 -6.17 -45.95
N VAL H 188 -47.59 -7.05 -46.77
CA VAL H 188 -48.41 -7.89 -47.65
C VAL H 188 -49.40 -8.68 -46.76
N ASN H 189 -48.91 -9.31 -45.69
CA ASN H 189 -49.77 -10.08 -44.79
C ASN H 189 -50.59 -9.25 -43.83
N LYS H 190 -50.50 -7.93 -43.94
CA LYS H 190 -51.27 -7.01 -43.07
C LYS H 190 -50.98 -7.16 -41.58
N THR H 191 -49.82 -7.67 -41.23
CA THR H 191 -49.47 -7.80 -39.82
C THR H 191 -48.61 -6.57 -39.43
N LEU H 192 -48.34 -5.71 -40.40
CA LEU H 192 -47.51 -4.52 -40.15
C LEU H 192 -48.01 -3.30 -40.90
N ALA H 193 -47.85 -2.13 -40.29
CA ALA H 193 -48.23 -0.89 -40.95
C ALA H 193 -47.02 0.04 -40.88
N LEU H 194 -46.87 0.89 -41.92
CA LEU H 194 -45.77 1.86 -41.95
C LEU H 194 -46.35 3.26 -41.94
N LYS H 195 -45.68 4.17 -41.23
CA LYS H 195 -46.16 5.56 -41.13
C LYS H 195 -45.00 6.56 -40.97
N GLY H 196 -45.22 7.74 -41.50
CA GLY H 196 -44.22 8.80 -41.36
C GLY H 196 -44.90 9.88 -40.49
N GLY H 197 -44.09 10.57 -39.70
CA GLY H 197 -44.58 11.65 -38.84
C GLY H 197 -43.62 12.84 -38.90
N TYR H 198 -44.07 14.00 -38.45
CA TYR H 198 -43.20 15.17 -38.48
C TYR H 198 -43.61 16.04 -37.32
N TYR H 199 -42.68 16.23 -36.39
CA TYR H 199 -42.90 17.04 -35.21
C TYR H 199 -42.26 18.43 -35.38
N ASP H 200 -43.08 19.46 -35.35
CA ASP H 200 -42.56 20.83 -35.45
C ASP H 200 -42.52 21.44 -34.02
N PHE H 201 -41.36 21.44 -33.39
CA PHE H 201 -41.30 21.95 -32.03
C PHE H 201 -41.24 23.49 -31.95
N VAL H 202 -41.31 24.15 -33.09
CA VAL H 202 -41.31 25.60 -33.10
C VAL H 202 -42.79 26.04 -33.09
N LYS H 203 -43.59 25.50 -34.00
CA LYS H 203 -45.01 25.82 -34.00
C LYS H 203 -45.73 24.96 -32.96
N GLY H 204 -45.13 23.83 -32.62
CA GLY H 204 -45.77 22.95 -31.67
C GLY H 204 -46.89 22.19 -32.39
N SER H 205 -46.53 21.40 -33.40
CA SER H 205 -47.53 20.64 -34.14
C SER H 205 -47.01 19.25 -34.57
N PHE H 206 -47.91 18.38 -35.02
CA PHE H 206 -47.52 17.02 -35.43
C PHE H 206 -48.34 16.55 -36.62
N GLU H 207 -47.63 16.11 -37.67
CA GLU H 207 -48.29 15.58 -38.86
C GLU H 207 -47.97 14.07 -38.94
N LEU H 208 -48.97 13.30 -39.34
CA LEU H 208 -48.81 11.86 -39.50
C LEU H 208 -49.40 11.46 -40.84
N TRP H 209 -48.68 10.60 -41.55
CA TRP H 209 -49.20 10.08 -42.81
C TRP H 209 -48.91 8.56 -42.86
N GLY H 210 -49.67 7.84 -43.67
CA GLY H 210 -49.50 6.40 -43.78
C GLY H 210 -48.98 6.01 -45.14
N LEU H 211 -48.37 4.82 -45.19
CA LEU H 211 -47.81 4.28 -46.41
C LEU H 211 -48.61 3.02 -46.76
N GLU H 212 -48.93 2.84 -48.01
CA GLU H 212 -49.66 1.64 -48.36
C GLU H 212 -48.71 0.87 -49.27
N PHE H 213 -48.60 -0.44 -49.04
CA PHE H 213 -47.77 -1.28 -49.88
C PHE H 213 -48.44 -2.65 -49.99
N GLY H 214 -48.42 -3.22 -51.20
CA GLY H 214 -49.02 -4.52 -51.43
C GLY H 214 -48.42 -5.21 -52.64
N LEU H 215 -48.76 -6.48 -52.83
CA LEU H 215 -48.29 -7.26 -53.97
C LEU H 215 -49.45 -8.17 -54.36
N SER H 216 -49.66 -8.35 -55.66
CA SER H 216 -50.76 -9.19 -56.10
C SER H 216 -50.51 -9.88 -57.43
N SER H 217 -50.84 -11.17 -57.45
CA SER H 217 -50.72 -12.05 -58.61
C SER H 217 -51.57 -11.49 -59.76
N THR H 218 -50.99 -11.31 -60.94
CA THR H 218 -51.81 -10.81 -62.06
C THR H 218 -52.25 -11.95 -62.99
N PHE H 219 -51.32 -12.86 -63.30
CA PHE H 219 -51.59 -14.03 -64.11
C PHE H 219 -50.37 -14.95 -64.16
N SER H 220 -50.61 -16.17 -64.63
CA SER H 220 -49.56 -17.14 -64.76
C SER H 220 -49.92 -17.97 -65.99
N VAL H 221 -49.16 -17.82 -67.07
CA VAL H 221 -49.48 -18.59 -68.27
C VAL H 221 -48.28 -19.31 -68.80
C ACT I . 30.41 -14.42 39.20
O ACT I . 30.09 -13.29 39.60
OXT ACT I . 31.48 -15.03 39.70
CH3 ACT I . 29.56 -15.11 38.15
C ACT J . 35.01 4.66 24.76
O ACT J . 36.02 4.34 25.39
OXT ACT J . 34.40 5.79 25.02
CH3 ACT J . 34.47 3.73 23.69
N1 AZI K . 29.43 -22.12 21.59
N2 AZI K . 30.11 -23.10 21.93
N3 AZI K . 30.80 -24.08 22.28
ZN ZN L . 33.43 -14.73 37.92
CL CL M . 28.94 -10.06 23.16
C1 EDO N . 34.54 -21.64 20.45
O1 EDO N . 33.28 -21.67 19.73
C2 EDO N . 34.27 -21.29 21.94
O2 EDO N . 33.44 -20.13 22.01
CU CU O . 36.47 -1.22 37.79
CL CL P . 25.24 -8.22 24.94
ZN ZN Q . 32.90 6.13 26.68
C ACT R . -13.03 1.23 17.52
O ACT R . -13.12 2.11 18.39
OXT ACT R . -13.32 1.51 16.28
CH3 ACT R . -12.61 -0.19 17.87
C ACT S . -18.97 -11.02 36.92
O ACT S . -20.06 -10.51 36.66
OXT ACT S . -18.72 -11.42 38.15
CH3 ACT S . -17.93 -11.18 35.81
CU CU T . -21.13 0.77 29.36
CL CL U . -7.77 -11.44 25.52
ZN ZN V . -16.92 -8.40 38.58
N1 AZI W . -11.69 -16.23 9.38
N2 AZI W . -11.10 -16.36 10.47
N3 AZI W . -10.52 -16.48 11.55
CL CL X . -11.22 -13.69 23.53
ZN ZN Y . -16.43 -0.05 16.54
C1 CIT Z . -6.53 0.14 12.46
O1 CIT Z . -5.34 0.42 12.19
O2 CIT Z . -6.89 -0.24 13.60
C2 CIT Z . -7.59 0.26 11.38
C3 CIT Z . -7.80 1.69 10.86
O7 CIT Z . -6.90 2.50 11.38
C4 CIT Z . -9.22 2.17 11.25
C5 CIT Z . -9.27 3.54 11.96
O3 CIT Z . -8.40 3.81 12.82
O4 CIT Z . -10.19 4.34 11.64
C6 CIT Z . -7.66 1.69 9.32
O5 CIT Z . -8.36 2.47 8.62
O6 CIT Z . -6.85 0.91 8.77
C1 EDO AA . -15.39 -18.39 12.26
O1 EDO AA . -14.06 -18.88 12.05
C2 EDO AA . -15.30 -16.90 11.75
O2 EDO AA . -14.67 -16.16 12.75
C ACT BA . 15.14 -7.61 -28.20
O ACT BA . 14.52 -7.05 -27.30
OXT ACT BA . 16.25 -8.30 -27.96
CH3 ACT BA . 14.62 -7.49 -29.61
N1 AZI CA . 13.88 -2.82 -46.47
N2 AZI CA . 14.54 -3.79 -46.91
N3 AZI CA . 15.19 -4.73 -47.35
ZN ZN DA . 18.16 -7.40 -29.35
CU CU EA . 21.54 3.42 -21.01
CL CL FA . 13.08 5.86 -37.69
C1 EDO GA . 18.93 -1.06 -46.80
O1 EDO GA . 17.69 -0.94 -47.55
C2 EDO GA . 18.72 -2.00 -45.58
O2 EDO GA . 17.63 -1.51 -44.81
C ACT HA . 19.06 16.31 -27.21
O ACT HA . 19.93 15.45 -27.12
OXT ACT HA . 18.98 17.25 -26.31
CH3 ACT HA . 18.08 16.27 -28.37
ZN ZN IA . 16.74 15.77 -24.87
CL CL JA . 9.35 5.89 -35.07
C ACT KA . -34.10 -5.88 -26.43
O ACT KA . -35.18 -5.48 -26.85
OXT ACT KA . -33.89 -6.10 -25.12
CH3 ACT KA . -32.97 -6.12 -27.44
C ACT LA . -5.26 10.83 -27.82
O ACT LA . -5.04 9.78 -27.20
OXT ACT LA . -5.05 10.94 -29.13
CH3 ACT LA . -5.77 12.03 -27.04
ZN ZN MA . -31.98 -4.62 -24.25
CU CU NA . -36.53 7.86 -24.45
CL CL OA . -23.49 1.91 -36.43
C ACT PA . -29.85 16.56 -34.28
O ACT PA . -29.41 16.66 -33.12
OXT ACT PA . -31.03 17.13 -34.67
CH3 ACT PA . -29.05 15.73 -35.25
N1 AZI QA . -27.82 8.04 -51.44
N2 AZI QA . -27.11 7.34 -50.68
N3 AZI QA . -26.40 6.64 -49.92
ZN ZN RA . -32.71 15.88 -35.76
CL CL SA . -26.80 1.17 -39.23
C1 EDO TA . -31.19 4.14 -50.72
O1 EDO TA . -29.78 4.07 -51.21
C2 EDO TA . -31.49 5.65 -50.47
O2 EDO TA . -30.92 6.08 -49.18
#